data_9HBG
# 
_entry.id   9HBG 
# 
_audit_conform.dict_name       mmcif_pdbx.dic 
_audit_conform.dict_version    5.403 
_audit_conform.dict_location   http://mmcif.pdb.org/dictionaries/ascii/mmcif_pdbx.dic 
# 
loop_
_database_2.database_id 
_database_2.database_code 
_database_2.pdbx_database_accession 
_database_2.pdbx_DOI 
PDB   9HBG         pdb_00009hbg 10.2210/pdb9hbg/pdb 
WWPDB D_1292143015 ?            ?                   
# 
loop_
_pdbx_audit_revision_history.ordinal 
_pdbx_audit_revision_history.data_content_type 
_pdbx_audit_revision_history.major_revision 
_pdbx_audit_revision_history.minor_revision 
_pdbx_audit_revision_history.revision_date 
_pdbx_audit_revision_history.part_number 
1 'Structure model' 1 0 2025-04-16 ? 
2 'Structure model' 1 1 2025-05-28 ? 
# 
_pdbx_audit_revision_details.ordinal             1 
_pdbx_audit_revision_details.revision_ordinal    1 
_pdbx_audit_revision_details.data_content_type   'Structure model' 
_pdbx_audit_revision_details.provider            repository 
_pdbx_audit_revision_details.type                'Initial release' 
_pdbx_audit_revision_details.description         ? 
_pdbx_audit_revision_details.details             ? 
# 
_pdbx_audit_revision_group.ordinal             1 
_pdbx_audit_revision_group.revision_ordinal    2 
_pdbx_audit_revision_group.data_content_type   'Structure model' 
_pdbx_audit_revision_group.group               'Database references' 
# 
loop_
_pdbx_audit_revision_category.ordinal 
_pdbx_audit_revision_category.revision_ordinal 
_pdbx_audit_revision_category.data_content_type 
_pdbx_audit_revision_category.category 
1 2 'Structure model' citation        
2 2 'Structure model' citation_author 
# 
loop_
_pdbx_audit_revision_item.ordinal 
_pdbx_audit_revision_item.revision_ordinal 
_pdbx_audit_revision_item.data_content_type 
_pdbx_audit_revision_item.item 
1 2 'Structure model' '_citation.journal_volume'          
2 2 'Structure model' '_citation_author.identifier_ORCID' 
3 2 'Structure model' '_citation_author.name'             
# 
_pdbx_database_status.status_code                     REL 
_pdbx_database_status.status_code_sf                  REL 
_pdbx_database_status.status_code_mr                  ? 
_pdbx_database_status.entry_id                        9HBG 
_pdbx_database_status.recvd_initial_deposition_date   2024-11-06 
_pdbx_database_status.SG_entry                        N 
_pdbx_database_status.deposit_site                    PDBE 
_pdbx_database_status.process_site                    PDBE 
_pdbx_database_status.status_code_cs                  ? 
_pdbx_database_status.status_code_nmr_data            ? 
_pdbx_database_status.methods_development_category    ? 
_pdbx_database_status.pdb_format_compatible           Y 
# 
_pdbx_database_related.db_name        PDB 
_pdbx_database_related.details        . 
_pdbx_database_related.db_id          8C9Y 
_pdbx_database_related.content_type   unspecified 
# 
_pdbx_contact_author.id                 2 
_pdbx_contact_author.email              peter.crowley@universityofgalway.ie 
_pdbx_contact_author.name_first         Peter 
_pdbx_contact_author.name_last          Crowley 
_pdbx_contact_author.name_mi            B 
_pdbx_contact_author.role               'principal investigator/group leader' 
_pdbx_contact_author.identifier_ORCID   0000-0002-5365-0096 
# 
loop_
_audit_author.name 
_audit_author.pdbx_ordinal 
_audit_author.identifier_ORCID 
'Mockler, N.M.' 1 0000-0003-3392-9564 
'Crowley, P.B.' 2 0000-0002-5365-0096 
# 
_citation.abstract                  ? 
_citation.abstract_id_CAS           ? 
_citation.book_id_ISBN              ? 
_citation.book_publisher            ? 
_citation.book_publisher_city       ? 
_citation.book_title                ? 
_citation.coordinate_linkage        ? 
_citation.country                   GE 
_citation.database_id_Medline       ? 
_citation.details                   ? 
_citation.id                        primary 
_citation.journal_abbrev            Chemistry 
_citation.journal_id_ASTM           ? 
_citation.journal_id_CSD            ? 
_citation.journal_id_ISSN           0947-6539 
_citation.journal_full              ? 
_citation.journal_issue             ? 
_citation.journal_volume            31 
_citation.language                  ? 
_citation.page_first                e202500732 
_citation.page_last                 e202500732 
_citation.title                     'Making and Breaking Supramolecular Synthons for Modular Protein Frameworks.' 
_citation.year                      2025 
_citation.database_id_CSD           ? 
_citation.pdbx_database_id_DOI      10.1002/chem.202500732 
_citation.pdbx_database_id_PubMed   40178192 
_citation.pdbx_database_id_patent   ? 
_citation.unpublished_flag          ? 
# 
loop_
_citation_author.citation_id 
_citation_author.name 
_citation_author.ordinal 
_citation_author.identifier_ORCID 
primary 'Mockler, N.M.' 1 ?                   
primary 'Raston, C.L.'  2 0000-0003-4753-0079 
primary 'Crowley, P.B.' 3 0000-0002-5365-0096 
# 
loop_
_entity.id 
_entity.type 
_entity.src_method 
_entity.pdbx_description 
_entity.formula_weight 
_entity.pdbx_number_of_molecules 
_entity.pdbx_ec 
_entity.pdbx_mutation 
_entity.pdbx_fragment 
_entity.details 
1 polymer     man 'Fucose-binding lectin protein' 9872.778 1   ? 'Pro0, S1K' ? 
'Ralstonia solanacearum lectin with a Pro-Lys N-terminus' 
2 non-polymer syn beta-D-fructopyranose           180.156  2   ? ?           ? ? 
3 non-polymer syn 'phosphonato-calix[6]arene'     1116.611 1   ? ?           ? ? 
4 water       nat water                           18.015   120 ? ?           ? ? 
# 
_entity_poly.entity_id                      1 
_entity_poly.type                           'polypeptide(L)' 
_entity_poly.nstd_linkage                   no 
_entity_poly.nstd_monomer                   no 
_entity_poly.pdbx_seq_one_letter_code       
;PKSVQTAATSWGTVPSIRVYTANNGKITERCWDGKGWYTGAFNEPGDNVSVTSWLVGSAIHIRVYASTGTTTTEWCWDGN
GWTKGAYTATN
;
_entity_poly.pdbx_seq_one_letter_code_can   
;PKSVQTAATSWGTVPSIRVYTANNGKITERCWDGKGWYTGAFNEPGDNVSVTSWLVGSAIHIRVYASTGTTTTEWCWDGN
GWTKGAYTATN
;
_entity_poly.pdbx_strand_id                 A 
_entity_poly.pdbx_target_identifier         ? 
# 
loop_
_pdbx_entity_nonpoly.entity_id 
_pdbx_entity_nonpoly.name 
_pdbx_entity_nonpoly.comp_id 
2 beta-D-fructopyranose       BDF 
3 'phosphonato-calix[6]arene' 7AZ 
4 water                       HOH 
# 
loop_
_entity_poly_seq.entity_id 
_entity_poly_seq.num 
_entity_poly_seq.mon_id 
_entity_poly_seq.hetero 
1 1  PRO n 
1 2  LYS n 
1 3  SER n 
1 4  VAL n 
1 5  GLN n 
1 6  THR n 
1 7  ALA n 
1 8  ALA n 
1 9  THR n 
1 10 SER n 
1 11 TRP n 
1 12 GLY n 
1 13 THR n 
1 14 VAL n 
1 15 PRO n 
1 16 SER n 
1 17 ILE n 
1 18 ARG n 
1 19 VAL n 
1 20 TYR n 
1 21 THR n 
1 22 ALA n 
1 23 ASN n 
1 24 ASN n 
1 25 GLY n 
1 26 LYS n 
1 27 ILE n 
1 28 THR n 
1 29 GLU n 
1 30 ARG n 
1 31 CYS n 
1 32 TRP n 
1 33 ASP n 
1 34 GLY n 
1 35 LYS n 
1 36 GLY n 
1 37 TRP n 
1 38 TYR n 
1 39 THR n 
1 40 GLY n 
1 41 ALA n 
1 42 PHE n 
1 43 ASN n 
1 44 GLU n 
1 45 PRO n 
1 46 GLY n 
1 47 ASP n 
1 48 ASN n 
1 49 VAL n 
1 50 SER n 
1 51 VAL n 
1 52 THR n 
1 53 SER n 
1 54 TRP n 
1 55 LEU n 
1 56 VAL n 
1 57 GLY n 
1 58 SER n 
1 59 ALA n 
1 60 ILE n 
1 61 HIS n 
1 62 ILE n 
1 63 ARG n 
1 64 VAL n 
1 65 TYR n 
1 66 ALA n 
1 67 SER n 
1 68 THR n 
1 69 GLY n 
1 70 THR n 
1 71 THR n 
1 72 THR n 
1 73 THR n 
1 74 GLU n 
1 75 TRP n 
1 76 CYS n 
1 77 TRP n 
1 78 ASP n 
1 79 GLY n 
1 80 ASN n 
1 81 GLY n 
1 82 TRP n 
1 83 THR n 
1 84 LYS n 
1 85 GLY n 
1 86 ALA n 
1 87 TYR n 
1 88 THR n 
1 89 ALA n 
1 90 THR n 
1 91 ASN n 
# 
_entity_src_gen.entity_id                          1 
_entity_src_gen.pdbx_src_id                        1 
_entity_src_gen.pdbx_alt_source_flag               sample 
_entity_src_gen.pdbx_seq_type                      'Biological sequence' 
_entity_src_gen.pdbx_beg_seq_num                   1 
_entity_src_gen.pdbx_end_seq_num                   91 
_entity_src_gen.gene_src_common_name               ? 
_entity_src_gen.gene_src_genus                     ? 
_entity_src_gen.pdbx_gene_src_gene                 'E7Z57_08365, HF909_06975, LBW55_09125, RUN39_v1_50103' 
_entity_src_gen.gene_src_species                   ? 
_entity_src_gen.gene_src_strain                    ? 
_entity_src_gen.gene_src_tissue                    ? 
_entity_src_gen.gene_src_tissue_fraction           ? 
_entity_src_gen.gene_src_details                   ? 
_entity_src_gen.pdbx_gene_src_fragment             ? 
_entity_src_gen.pdbx_gene_src_scientific_name      'Ralstonia solanacearum' 
_entity_src_gen.pdbx_gene_src_ncbi_taxonomy_id     305 
_entity_src_gen.pdbx_gene_src_variant              ? 
_entity_src_gen.pdbx_gene_src_cell_line            ? 
_entity_src_gen.pdbx_gene_src_atcc                 ? 
_entity_src_gen.pdbx_gene_src_organ                ? 
_entity_src_gen.pdbx_gene_src_organelle            ? 
_entity_src_gen.pdbx_gene_src_cell                 ? 
_entity_src_gen.pdbx_gene_src_cellular_location    ? 
_entity_src_gen.host_org_common_name               ? 
_entity_src_gen.pdbx_host_org_scientific_name      'Escherichia coli' 
_entity_src_gen.pdbx_host_org_ncbi_taxonomy_id     562 
_entity_src_gen.host_org_genus                     ? 
_entity_src_gen.pdbx_host_org_gene                 ? 
_entity_src_gen.pdbx_host_org_organ                ? 
_entity_src_gen.host_org_species                   ? 
_entity_src_gen.pdbx_host_org_tissue               ? 
_entity_src_gen.pdbx_host_org_tissue_fraction      ? 
_entity_src_gen.pdbx_host_org_strain               ? 
_entity_src_gen.pdbx_host_org_variant              ? 
_entity_src_gen.pdbx_host_org_cell_line            ? 
_entity_src_gen.pdbx_host_org_atcc                 ? 
_entity_src_gen.pdbx_host_org_culture_collection   ? 
_entity_src_gen.pdbx_host_org_cell                 ? 
_entity_src_gen.pdbx_host_org_organelle            ? 
_entity_src_gen.pdbx_host_org_cellular_location    ? 
_entity_src_gen.pdbx_host_org_vector_type          ? 
_entity_src_gen.pdbx_host_org_vector               ? 
_entity_src_gen.host_org_details                   ? 
_entity_src_gen.expression_system_id               ? 
_entity_src_gen.plasmid_name                       ? 
_entity_src_gen.plasmid_details                    ? 
_entity_src_gen.pdbx_description                   ? 
# 
loop_
_chem_comp.id 
_chem_comp.type 
_chem_comp.mon_nstd_flag 
_chem_comp.name 
_chem_comp.pdbx_synonyms 
_chem_comp.formula 
_chem_comp.formula_weight 
7AZ non-polymer                  . 'phosphonato-calix[6]arene' ?                                       'C42 H42 O24 P6' 1116.611 
ALA 'L-peptide linking'          y ALANINE                     ?                                       'C3 H7 N O2'     89.093   
ARG 'L-peptide linking'          y ARGININE                    ?                                       'C6 H15 N4 O2 1' 175.209  
ASN 'L-peptide linking'          y ASPARAGINE                  ?                                       'C4 H8 N2 O3'    132.118  
ASP 'L-peptide linking'          y 'ASPARTIC ACID'             ?                                       'C4 H7 N O4'     133.103  
BDF 'D-saccharide, beta linking' . beta-D-fructopyranose       'beta-D-fructose; D-fructose; fructose' 'C6 H12 O6'      180.156  
CYS 'L-peptide linking'          y CYSTEINE                    ?                                       'C3 H7 N O2 S'   121.158  
GLN 'L-peptide linking'          y GLUTAMINE                   ?                                       'C5 H10 N2 O3'   146.144  
GLU 'L-peptide linking'          y 'GLUTAMIC ACID'             ?                                       'C5 H9 N O4'     147.129  
GLY 'peptide linking'            y GLYCINE                     ?                                       'C2 H5 N O2'     75.067   
HIS 'L-peptide linking'          y HISTIDINE                   ?                                       'C6 H10 N3 O2 1' 156.162  
HOH non-polymer                  . WATER                       ?                                       'H2 O'           18.015   
ILE 'L-peptide linking'          y ISOLEUCINE                  ?                                       'C6 H13 N O2'    131.173  
LEU 'L-peptide linking'          y LEUCINE                     ?                                       'C6 H13 N O2'    131.173  
LYS 'L-peptide linking'          y LYSINE                      ?                                       'C6 H15 N2 O2 1' 147.195  
PHE 'L-peptide linking'          y PHENYLALANINE               ?                                       'C9 H11 N O2'    165.189  
PRO 'L-peptide linking'          y PROLINE                     ?                                       'C5 H9 N O2'     115.130  
SER 'L-peptide linking'          y SERINE                      ?                                       'C3 H7 N O3'     105.093  
THR 'L-peptide linking'          y THREONINE                   ?                                       'C4 H9 N O3'     119.119  
TRP 'L-peptide linking'          y TRYPTOPHAN                  ?                                       'C11 H12 N2 O2'  204.225  
TYR 'L-peptide linking'          y TYROSINE                    ?                                       'C9 H11 N O3'    181.189  
VAL 'L-peptide linking'          y VALINE                      ?                                       'C5 H11 N O2'    117.146  
# 
loop_
_pdbx_chem_comp_identifier.comp_id 
_pdbx_chem_comp_identifier.type 
_pdbx_chem_comp_identifier.program 
_pdbx_chem_comp_identifier.program_version 
_pdbx_chem_comp_identifier.identifier 
BDF 'CONDENSED IUPAC CARBOHYDRATE SYMBOL' GMML     1.0 DFrupb             
BDF 'COMMON NAME'                         GMML     1.0 b-D-fructopyranose 
BDF 'IUPAC CARBOHYDRATE SYMBOL'           PDB-CARE 1.0 b-D-Frup           
BDF 'SNFG CARBOHYDRATE SYMBOL'            GMML     1.0 Fru                
# 
loop_
_pdbx_poly_seq_scheme.asym_id 
_pdbx_poly_seq_scheme.entity_id 
_pdbx_poly_seq_scheme.seq_id 
_pdbx_poly_seq_scheme.mon_id 
_pdbx_poly_seq_scheme.ndb_seq_num 
_pdbx_poly_seq_scheme.pdb_seq_num 
_pdbx_poly_seq_scheme.auth_seq_num 
_pdbx_poly_seq_scheme.pdb_mon_id 
_pdbx_poly_seq_scheme.auth_mon_id 
_pdbx_poly_seq_scheme.pdb_strand_id 
_pdbx_poly_seq_scheme.pdb_ins_code 
_pdbx_poly_seq_scheme.hetero 
A 1 1  PRO 1  0  0  PRO PRO A . n 
A 1 2  LYS 2  1  1  LYS LYS A . n 
A 1 3  SER 3  2  2  SER SER A . n 
A 1 4  VAL 4  3  3  VAL VAL A . n 
A 1 5  GLN 5  4  4  GLN GLN A . n 
A 1 6  THR 6  5  5  THR THR A . n 
A 1 7  ALA 7  6  6  ALA ALA A . n 
A 1 8  ALA 8  7  7  ALA ALA A . n 
A 1 9  THR 9  8  8  THR THR A . n 
A 1 10 SER 10 9  9  SER SER A . n 
A 1 11 TRP 11 10 10 TRP TRP A . n 
A 1 12 GLY 12 11 11 GLY GLY A . n 
A 1 13 THR 13 12 12 THR THR A . n 
A 1 14 VAL 14 13 13 VAL VAL A . n 
A 1 15 PRO 15 14 14 PRO PRO A . n 
A 1 16 SER 16 15 15 SER SER A . n 
A 1 17 ILE 17 16 16 ILE ILE A . n 
A 1 18 ARG 18 17 17 ARG ARG A . n 
A 1 19 VAL 19 18 18 VAL VAL A . n 
A 1 20 TYR 20 19 19 TYR TYR A . n 
A 1 21 THR 21 20 20 THR THR A . n 
A 1 22 ALA 22 21 21 ALA ALA A . n 
A 1 23 ASN 23 22 22 ASN ASN A . n 
A 1 24 ASN 24 23 23 ASN ASN A . n 
A 1 25 GLY 25 24 24 GLY GLY A . n 
A 1 26 LYS 26 25 25 LYS LYS A . n 
A 1 27 ILE 27 26 26 ILE ILE A . n 
A 1 28 THR 28 27 27 THR THR A . n 
A 1 29 GLU 29 28 28 GLU GLU A . n 
A 1 30 ARG 30 29 29 ARG ARG A . n 
A 1 31 CYS 31 30 30 CYS CYS A . n 
A 1 32 TRP 32 31 31 TRP TRP A . n 
A 1 33 ASP 33 32 32 ASP ASP A . n 
A 1 34 GLY 34 33 33 GLY GLY A . n 
A 1 35 LYS 35 34 34 LYS LYS A . n 
A 1 36 GLY 36 35 35 GLY GLY A . n 
A 1 37 TRP 37 36 36 TRP TRP A . n 
A 1 38 TYR 38 37 37 TYR TYR A . n 
A 1 39 THR 39 38 38 THR THR A . n 
A 1 40 GLY 40 39 39 GLY GLY A . n 
A 1 41 ALA 41 40 40 ALA ALA A . n 
A 1 42 PHE 42 41 41 PHE PHE A . n 
A 1 43 ASN 43 42 42 ASN ASN A . n 
A 1 44 GLU 44 43 43 GLU GLU A . n 
A 1 45 PRO 45 44 44 PRO PRO A . n 
A 1 46 GLY 46 45 45 GLY GLY A . n 
A 1 47 ASP 47 46 46 ASP ASP A . n 
A 1 48 ASN 48 47 47 ASN ASN A . n 
A 1 49 VAL 49 48 48 VAL VAL A . n 
A 1 50 SER 50 49 49 SER SER A . n 
A 1 51 VAL 51 50 50 VAL VAL A . n 
A 1 52 THR 52 51 51 THR THR A . n 
A 1 53 SER 53 52 52 SER SER A . n 
A 1 54 TRP 54 53 53 TRP TRP A . n 
A 1 55 LEU 55 54 54 LEU LEU A . n 
A 1 56 VAL 56 55 55 VAL VAL A . n 
A 1 57 GLY 57 56 56 GLY GLY A . n 
A 1 58 SER 58 57 57 SER SER A . n 
A 1 59 ALA 59 58 58 ALA ALA A . n 
A 1 60 ILE 60 59 59 ILE ILE A . n 
A 1 61 HIS 61 60 60 HIS HIS A . n 
A 1 62 ILE 62 61 61 ILE ILE A . n 
A 1 63 ARG 63 62 62 ARG ARG A . n 
A 1 64 VAL 64 63 63 VAL VAL A . n 
A 1 65 TYR 65 64 64 TYR TYR A . n 
A 1 66 ALA 66 65 65 ALA ALA A . n 
A 1 67 SER 67 66 66 SER SER A . n 
A 1 68 THR 68 67 67 THR THR A . n 
A 1 69 GLY 69 68 68 GLY GLY A . n 
A 1 70 THR 70 69 69 THR THR A . n 
A 1 71 THR 71 70 70 THR THR A . n 
A 1 72 THR 72 71 71 THR THR A . n 
A 1 73 THR 73 72 72 THR THR A . n 
A 1 74 GLU 74 73 73 GLU GLU A . n 
A 1 75 TRP 75 74 74 TRP TRP A . n 
A 1 76 CYS 76 75 75 CYS CYS A . n 
A 1 77 TRP 77 76 76 TRP TRP A . n 
A 1 78 ASP 78 77 77 ASP ASP A . n 
A 1 79 GLY 79 78 78 GLY GLY A . n 
A 1 80 ASN 80 79 79 ASN ASN A . n 
A 1 81 GLY 81 80 80 GLY GLY A . n 
A 1 82 TRP 82 81 81 TRP TRP A . n 
A 1 83 THR 83 82 82 THR THR A . n 
A 1 84 LYS 84 83 83 LYS LYS A . n 
A 1 85 GLY 85 84 84 GLY GLY A . n 
A 1 86 ALA 86 85 85 ALA ALA A . n 
A 1 87 TYR 87 86 86 TYR TYR A . n 
A 1 88 THR 88 87 87 THR THR A . n 
A 1 89 ALA 89 88 88 ALA ALA A . n 
A 1 90 THR 90 89 89 THR THR A . n 
A 1 91 ASN 91 90 90 ASN ASN A . n 
# 
loop_
_pdbx_entity_instance_feature.ordinal 
_pdbx_entity_instance_feature.comp_id 
_pdbx_entity_instance_feature.asym_id 
_pdbx_entity_instance_feature.seq_num 
_pdbx_entity_instance_feature.auth_comp_id 
_pdbx_entity_instance_feature.auth_asym_id 
_pdbx_entity_instance_feature.auth_seq_num 
_pdbx_entity_instance_feature.feature_type 
_pdbx_entity_instance_feature.details 
1 7AZ ? ? 7AZ ? ? 'SUBJECT OF INVESTIGATION' ? 
2 BDF ? ? BDF ? ? 'SUBJECT OF INVESTIGATION' ? 
# 
loop_
_pdbx_nonpoly_scheme.asym_id 
_pdbx_nonpoly_scheme.entity_id 
_pdbx_nonpoly_scheme.mon_id 
_pdbx_nonpoly_scheme.ndb_seq_num 
_pdbx_nonpoly_scheme.pdb_seq_num 
_pdbx_nonpoly_scheme.auth_seq_num 
_pdbx_nonpoly_scheme.pdb_mon_id 
_pdbx_nonpoly_scheme.auth_mon_id 
_pdbx_nonpoly_scheme.pdb_strand_id 
_pdbx_nonpoly_scheme.pdb_ins_code 
B 2 BDF 1   101 101 BDF BDF A . 
C 2 BDF 1   102 201 BDF BDF A . 
D 3 7AZ 1   103 301 7AZ 7AZ A . 
E 4 HOH 1   201 137 HOH HOH A . 
E 4 HOH 2   202 75  HOH HOH A . 
E 4 HOH 3   203 107 HOH HOH A . 
E 4 HOH 4   204 84  HOH HOH A . 
E 4 HOH 5   205 140 HOH HOH A . 
E 4 HOH 6   206 61  HOH HOH A . 
E 4 HOH 7   207 67  HOH HOH A . 
E 4 HOH 8   208 2   HOH HOH A . 
E 4 HOH 9   209 57  HOH HOH A . 
E 4 HOH 10  210 95  HOH HOH A . 
E 4 HOH 11  211 35  HOH HOH A . 
E 4 HOH 12  212 14  HOH HOH A . 
E 4 HOH 13  213 89  HOH HOH A . 
E 4 HOH 14  214 4   HOH HOH A . 
E 4 HOH 15  215 62  HOH HOH A . 
E 4 HOH 16  216 90  HOH HOH A . 
E 4 HOH 17  217 17  HOH HOH A . 
E 4 HOH 18  218 68  HOH HOH A . 
E 4 HOH 19  219 93  HOH HOH A . 
E 4 HOH 20  220 5   HOH HOH A . 
E 4 HOH 21  221 48  HOH HOH A . 
E 4 HOH 22  222 6   HOH HOH A . 
E 4 HOH 23  223 44  HOH HOH A . 
E 4 HOH 24  224 7   HOH HOH A . 
E 4 HOH 25  225 9   HOH HOH A . 
E 4 HOH 26  226 23  HOH HOH A . 
E 4 HOH 27  227 74  HOH HOH A . 
E 4 HOH 28  228 38  HOH HOH A . 
E 4 HOH 29  229 130 HOH HOH A . 
E 4 HOH 30  230 16  HOH HOH A . 
E 4 HOH 31  231 40  HOH HOH A . 
E 4 HOH 32  232 12  HOH HOH A . 
E 4 HOH 33  233 21  HOH HOH A . 
E 4 HOH 34  234 60  HOH HOH A . 
E 4 HOH 35  235 55  HOH HOH A . 
E 4 HOH 36  236 46  HOH HOH A . 
E 4 HOH 37  237 85  HOH HOH A . 
E 4 HOH 38  238 22  HOH HOH A . 
E 4 HOH 39  239 13  HOH HOH A . 
E 4 HOH 40  240 99  HOH HOH A . 
E 4 HOH 41  241 32  HOH HOH A . 
E 4 HOH 42  242 10  HOH HOH A . 
E 4 HOH 43  243 45  HOH HOH A . 
E 4 HOH 44  244 24  HOH HOH A . 
E 4 HOH 45  245 72  HOH HOH A . 
E 4 HOH 46  246 94  HOH HOH A . 
E 4 HOH 47  247 53  HOH HOH A . 
E 4 HOH 48  248 65  HOH HOH A . 
E 4 HOH 49  249 52  HOH HOH A . 
E 4 HOH 50  250 43  HOH HOH A . 
E 4 HOH 51  251 37  HOH HOH A . 
E 4 HOH 52  252 29  HOH HOH A . 
E 4 HOH 53  253 8   HOH HOH A . 
E 4 HOH 54  254 119 HOH HOH A . 
E 4 HOH 55  255 97  HOH HOH A . 
E 4 HOH 56  256 47  HOH HOH A . 
E 4 HOH 57  257 77  HOH HOH A . 
E 4 HOH 58  258 18  HOH HOH A . 
E 4 HOH 59  259 69  HOH HOH A . 
E 4 HOH 60  260 1   HOH HOH A . 
E 4 HOH 61  261 111 HOH HOH A . 
E 4 HOH 62  262 3   HOH HOH A . 
E 4 HOH 63  263 109 HOH HOH A . 
E 4 HOH 64  264 81  HOH HOH A . 
E 4 HOH 65  265 108 HOH HOH A . 
E 4 HOH 66  266 11  HOH HOH A . 
E 4 HOH 67  267 116 HOH HOH A . 
E 4 HOH 68  268 19  HOH HOH A . 
E 4 HOH 69  269 49  HOH HOH A . 
E 4 HOH 70  270 78  HOH HOH A . 
E 4 HOH 71  271 122 HOH HOH A . 
E 4 HOH 72  272 71  HOH HOH A . 
E 4 HOH 73  273 123 HOH HOH A . 
E 4 HOH 74  274 31  HOH HOH A . 
E 4 HOH 75  275 50  HOH HOH A . 
E 4 HOH 76  276 34  HOH HOH A . 
E 4 HOH 77  277 114 HOH HOH A . 
E 4 HOH 78  278 132 HOH HOH A . 
E 4 HOH 79  279 100 HOH HOH A . 
E 4 HOH 80  280 20  HOH HOH A . 
E 4 HOH 81  281 42  HOH HOH A . 
E 4 HOH 82  282 115 HOH HOH A . 
E 4 HOH 83  283 70  HOH HOH A . 
E 4 HOH 84  284 73  HOH HOH A . 
E 4 HOH 85  285 86  HOH HOH A . 
E 4 HOH 86  286 76  HOH HOH A . 
E 4 HOH 87  287 41  HOH HOH A . 
E 4 HOH 88  288 28  HOH HOH A . 
E 4 HOH 89  289 58  HOH HOH A . 
E 4 HOH 90  290 112 HOH HOH A . 
E 4 HOH 91  291 56  HOH HOH A . 
E 4 HOH 92  292 136 HOH HOH A . 
E 4 HOH 93  293 83  HOH HOH A . 
E 4 HOH 94  294 134 HOH HOH A . 
E 4 HOH 95  295 66  HOH HOH A . 
E 4 HOH 96  296 51  HOH HOH A . 
E 4 HOH 97  297 80  HOH HOH A . 
E 4 HOH 98  298 91  HOH HOH A . 
E 4 HOH 99  299 117 HOH HOH A . 
E 4 HOH 100 300 63  HOH HOH A . 
E 4 HOH 101 301 121 HOH HOH A . 
E 4 HOH 102 302 135 HOH HOH A . 
E 4 HOH 103 303 118 HOH HOH A . 
E 4 HOH 104 304 59  HOH HOH A . 
E 4 HOH 105 305 27  HOH HOH A . 
E 4 HOH 106 306 39  HOH HOH A . 
E 4 HOH 107 307 36  HOH HOH A . 
E 4 HOH 108 308 26  HOH HOH A . 
E 4 HOH 109 309 15  HOH HOH A . 
E 4 HOH 110 310 25  HOH HOH A . 
E 4 HOH 111 311 79  HOH HOH A . 
E 4 HOH 112 312 96  HOH HOH A . 
E 4 HOH 113 313 126 HOH HOH A . 
E 4 HOH 114 314 120 HOH HOH A . 
E 4 HOH 115 315 64  HOH HOH A . 
E 4 HOH 116 316 33  HOH HOH A . 
E 4 HOH 117 317 54  HOH HOH A . 
E 4 HOH 118 318 101 HOH HOH A . 
E 4 HOH 119 319 98  HOH HOH A . 
E 4 HOH 120 320 138 HOH HOH A . 
# 
loop_
_pdbx_unobs_or_zero_occ_atoms.id 
_pdbx_unobs_or_zero_occ_atoms.PDB_model_num 
_pdbx_unobs_or_zero_occ_atoms.polymer_flag 
_pdbx_unobs_or_zero_occ_atoms.occupancy_flag 
_pdbx_unobs_or_zero_occ_atoms.auth_asym_id 
_pdbx_unobs_or_zero_occ_atoms.auth_comp_id 
_pdbx_unobs_or_zero_occ_atoms.auth_seq_id 
_pdbx_unobs_or_zero_occ_atoms.PDB_ins_code 
_pdbx_unobs_or_zero_occ_atoms.auth_atom_id 
_pdbx_unobs_or_zero_occ_atoms.label_alt_id 
_pdbx_unobs_or_zero_occ_atoms.label_asym_id 
_pdbx_unobs_or_zero_occ_atoms.label_comp_id 
_pdbx_unobs_or_zero_occ_atoms.label_seq_id 
_pdbx_unobs_or_zero_occ_atoms.label_atom_id 
1 1 Y 0 A LYS 25 ? CG ? A LYS 26 CG 
2 1 Y 0 A LYS 25 ? CD ? A LYS 26 CD 
3 1 Y 0 A LYS 25 ? CE ? A LYS 26 CE 
4 1 Y 0 A LYS 25 ? NZ ? A LYS 26 NZ 
# 
loop_
_software.citation_id 
_software.classification 
_software.compiler_name 
_software.compiler_version 
_software.contact_author 
_software.contact_author_email 
_software.date 
_software.description 
_software.dependencies 
_software.hardware 
_software.language 
_software.location 
_software.mods 
_software.name 
_software.os 
_software.os_version 
_software.type 
_software.version 
_software.pdbx_ordinal 
? refinement       ? ? ? ? ? ? ? ? ? ? ? PHENIX  ? ? ? 1.21.1_5286 1 
? 'data reduction' ? ? ? ? ? ? ? ? ? ? ? XDS     ? ? ? .           2 
? 'data scaling'   ? ? ? ? ? ? ? ? ? ? ? Aimless ? ? ? .           3 
? phasing          ? ? ? ? ? ? ? ? ? ? ? PHASER  ? ? ? .           4 
# 
_cell.angle_alpha                  90.000 
_cell.angle_alpha_esd              ? 
_cell.angle_beta                   90.000 
_cell.angle_beta_esd               ? 
_cell.angle_gamma                  90.000 
_cell.angle_gamma_esd              ? 
_cell.entry_id                     9HBG 
_cell.details                      ? 
_cell.formula_units_Z              ? 
_cell.length_a                     88.377 
_cell.length_a_esd                 ? 
_cell.length_b                     88.377 
_cell.length_b_esd                 ? 
_cell.length_c                     88.377 
_cell.length_c_esd                 ? 
_cell.volume                       690268.040 
_cell.volume_esd                   ? 
_cell.Z_PDB                        24 
_cell.reciprocal_angle_alpha       ? 
_cell.reciprocal_angle_beta        ? 
_cell.reciprocal_angle_gamma       ? 
_cell.reciprocal_angle_alpha_esd   ? 
_cell.reciprocal_angle_beta_esd    ? 
_cell.reciprocal_angle_gamma_esd   ? 
_cell.reciprocal_length_a          ? 
_cell.reciprocal_length_b          ? 
_cell.reciprocal_length_c          ? 
_cell.reciprocal_length_a_esd      ? 
_cell.reciprocal_length_b_esd      ? 
_cell.reciprocal_length_c_esd      ? 
_cell.pdbx_unique_axis             ? 
_cell.pdbx_esd_method              ? 
# 
_symmetry.entry_id                         9HBG 
_symmetry.cell_setting                     ? 
_symmetry.Int_Tables_number                197 
_symmetry.space_group_name_Hall            'I 2 2 3' 
_symmetry.space_group_name_H-M             'I 2 3' 
_symmetry.pdbx_full_space_group_name_H-M   ? 
# 
_exptl.absorpt_coefficient_mu     ? 
_exptl.absorpt_correction_T_max   ? 
_exptl.absorpt_correction_T_min   ? 
_exptl.absorpt_correction_type    ? 
_exptl.absorpt_process_details    ? 
_exptl.entry_id                   9HBG 
_exptl.crystals_number            1 
_exptl.details                    ? 
_exptl.method                     'X-RAY DIFFRACTION' 
_exptl.method_details             ? 
# 
_exptl_crystal.colour                       ? 
_exptl_crystal.density_diffrn               ? 
_exptl_crystal.density_Matthews             2.62 
_exptl_crystal.density_method               ? 
_exptl_crystal.density_percent_sol          53 
_exptl_crystal.description                  ? 
_exptl_crystal.F_000                        ? 
_exptl_crystal.id                           1 
_exptl_crystal.preparation                  ? 
_exptl_crystal.size_max                     ? 
_exptl_crystal.size_mid                     ? 
_exptl_crystal.size_min                     ? 
_exptl_crystal.size_rad                     ? 
_exptl_crystal.colour_lustre                ? 
_exptl_crystal.colour_modifier              ? 
_exptl_crystal.colour_primary               ? 
_exptl_crystal.density_meas                 ? 
_exptl_crystal.density_meas_esd             ? 
_exptl_crystal.density_meas_gt              ? 
_exptl_crystal.density_meas_lt              ? 
_exptl_crystal.density_meas_temp            ? 
_exptl_crystal.density_meas_temp_esd        ? 
_exptl_crystal.density_meas_temp_gt         ? 
_exptl_crystal.density_meas_temp_lt         ? 
_exptl_crystal.pdbx_crystal_image_url       ? 
_exptl_crystal.pdbx_crystal_image_format    ? 
_exptl_crystal.pdbx_mosaicity               ? 
_exptl_crystal.pdbx_mosaicity_esd           ? 
_exptl_crystal.pdbx_mosaic_method           ? 
_exptl_crystal.pdbx_mosaic_block_size       ? 
_exptl_crystal.pdbx_mosaic_block_size_esd   ? 
# 
_exptl_crystal_grow.apparatus       ? 
_exptl_crystal_grow.atmosphere      ? 
_exptl_crystal_grow.crystal_id      1 
_exptl_crystal_grow.details         ? 
_exptl_crystal_grow.method          'VAPOR DIFFUSION, HANGING DROP' 
_exptl_crystal_grow.method_ref      ? 
_exptl_crystal_grow.pH              4.5 
_exptl_crystal_grow.pressure        ? 
_exptl_crystal_grow.pressure_esd    ? 
_exptl_crystal_grow.seeding         ? 
_exptl_crystal_grow.seeding_ref     ? 
_exptl_crystal_grow.temp_details    ? 
_exptl_crystal_grow.temp_esd        ? 
_exptl_crystal_grow.time            ? 
_exptl_crystal_grow.pdbx_details    '1.1 M Di-ammonium hydrogen phosphate, 0.1 M sodium acetate pH 4.5' 
_exptl_crystal_grow.pdbx_pH_range   ? 
_exptl_crystal_grow.temp            293 
# 
_diffrn.ambient_environment              ? 
_diffrn.ambient_temp                     100 
_diffrn.ambient_temp_details             ? 
_diffrn.ambient_temp_esd                 ? 
_diffrn.crystal_id                       1 
_diffrn.crystal_support                  ? 
_diffrn.crystal_treatment                ? 
_diffrn.details                          ? 
_diffrn.id                               1 
_diffrn.ambient_pressure                 ? 
_diffrn.ambient_pressure_esd             ? 
_diffrn.ambient_pressure_gt              ? 
_diffrn.ambient_pressure_lt              ? 
_diffrn.ambient_temp_gt                  ? 
_diffrn.ambient_temp_lt                  ? 
_diffrn.pdbx_serial_crystal_experiment   N 
# 
_diffrn_detector.details                      ? 
_diffrn_detector.detector                     PIXEL 
_diffrn_detector.diffrn_id                    1 
_diffrn_detector.type                         'DECTRIS EIGER X 9M' 
_diffrn_detector.area_resol_mean              ? 
_diffrn_detector.dtime                        ? 
_diffrn_detector.pdbx_frames_total            ? 
_diffrn_detector.pdbx_collection_time_total   ? 
_diffrn_detector.pdbx_collection_date         2021-11-16 
_diffrn_detector.pdbx_frequency               ? 
_diffrn_detector.id                           ? 
_diffrn_detector.number_of_axes               ? 
# 
_diffrn_radiation.collimation                      ? 
_diffrn_radiation.diffrn_id                        1 
_diffrn_radiation.filter_edge                      ? 
_diffrn_radiation.inhomogeneity                    ? 
_diffrn_radiation.monochromator                    M 
_diffrn_radiation.polarisn_norm                    ? 
_diffrn_radiation.polarisn_ratio                   ? 
_diffrn_radiation.probe                            ? 
_diffrn_radiation.type                             ? 
_diffrn_radiation.xray_symbol                      ? 
_diffrn_radiation.wavelength_id                    1 
_diffrn_radiation.pdbx_monochromatic_or_laue_m_l   M 
_diffrn_radiation.pdbx_wavelength_list             ? 
_diffrn_radiation.pdbx_wavelength                  ? 
_diffrn_radiation.pdbx_diffrn_protocol             'SINGLE WAVELENGTH' 
_diffrn_radiation.pdbx_analyzer                    ? 
_diffrn_radiation.pdbx_scattering_type             x-ray 
# 
_diffrn_radiation_wavelength.id           1 
_diffrn_radiation_wavelength.wavelength   0.980 
_diffrn_radiation_wavelength.wt           1.0 
# 
_diffrn_source.current                     ? 
_diffrn_source.details                     ? 
_diffrn_source.diffrn_id                   1 
_diffrn_source.power                       ? 
_diffrn_source.size                        ? 
_diffrn_source.source                      SYNCHROTRON 
_diffrn_source.target                      ? 
_diffrn_source.type                        'SOLEIL BEAMLINE PROXIMA 2' 
_diffrn_source.voltage                     ? 
_diffrn_source.take-off_angle              ? 
_diffrn_source.pdbx_wavelength_list        0.980 
_diffrn_source.pdbx_wavelength             ? 
_diffrn_source.pdbx_synchrotron_beamline   'PROXIMA 2' 
_diffrn_source.pdbx_synchrotron_site       SOLEIL 
# 
_reflns.B_iso_Wilson_estimate                          20.00 
_reflns.entry_id                                       9HBG 
_reflns.data_reduction_details                         ? 
_reflns.data_reduction_method                          ? 
_reflns.d_resolution_high                              1.28 
_reflns.d_resolution_low                               31.25 
_reflns.details                                        ? 
_reflns.limit_h_max                                    ? 
_reflns.limit_h_min                                    ? 
_reflns.limit_k_max                                    ? 
_reflns.limit_k_min                                    ? 
_reflns.limit_l_max                                    ? 
_reflns.limit_l_min                                    ? 
_reflns.number_all                                     ? 
_reflns.number_obs                                     29915 
_reflns.observed_criterion                             ? 
_reflns.observed_criterion_F_max                       ? 
_reflns.observed_criterion_F_min                       ? 
_reflns.observed_criterion_I_max                       ? 
_reflns.observed_criterion_I_min                       ? 
_reflns.observed_criterion_sigma_F                     ? 
_reflns.observed_criterion_sigma_I                     ? 
_reflns.percent_possible_obs                           100.0 
_reflns.R_free_details                                 ? 
_reflns.Rmerge_F_all                                   ? 
_reflns.Rmerge_F_obs                                   ? 
_reflns.Friedel_coverage                               ? 
_reflns.number_gt                                      ? 
_reflns.threshold_expression                           ? 
_reflns.pdbx_redundancy                                39.0 
_reflns.pdbx_netI_over_av_sigmaI                       ? 
_reflns.pdbx_netI_over_sigmaI                          37.6 
_reflns.pdbx_res_netI_over_av_sigmaI_2                 ? 
_reflns.pdbx_res_netI_over_sigmaI_2                    ? 
_reflns.pdbx_chi_squared                               ? 
_reflns.pdbx_scaling_rejects                           ? 
_reflns.pdbx_d_res_high_opt                            ? 
_reflns.pdbx_d_res_low_opt                             ? 
_reflns.pdbx_d_res_opt_method                          ? 
_reflns.phase_calculation_details                      ? 
_reflns.pdbx_Rrim_I_all                                ? 
_reflns.pdbx_Rpim_I_all                                ? 
_reflns.pdbx_d_opt                                     ? 
_reflns.pdbx_number_measured_all                       ? 
_reflns.pdbx_diffrn_id                                 1 
_reflns.pdbx_ordinal                                   1 
_reflns.pdbx_CC_half                                   1.000 
_reflns.pdbx_CC_star                                   ? 
_reflns.pdbx_R_split                                   ? 
_reflns.pdbx_Rmerge_I_obs                              0.048 
_reflns.pdbx_Rmerge_I_all                              ? 
_reflns.pdbx_Rsym_value                                ? 
_reflns.pdbx_CC_split_method                           ? 
_reflns.pdbx_aniso_diffraction_limit_axis_1_ortho[1]   ? 
_reflns.pdbx_aniso_diffraction_limit_axis_1_ortho[2]   ? 
_reflns.pdbx_aniso_diffraction_limit_axis_1_ortho[3]   ? 
_reflns.pdbx_aniso_diffraction_limit_axis_2_ortho[1]   ? 
_reflns.pdbx_aniso_diffraction_limit_axis_2_ortho[2]   ? 
_reflns.pdbx_aniso_diffraction_limit_axis_2_ortho[3]   ? 
_reflns.pdbx_aniso_diffraction_limit_axis_3_ortho[1]   ? 
_reflns.pdbx_aniso_diffraction_limit_axis_3_ortho[2]   ? 
_reflns.pdbx_aniso_diffraction_limit_axis_3_ortho[3]   ? 
_reflns.pdbx_aniso_diffraction_limit_1                 ? 
_reflns.pdbx_aniso_diffraction_limit_2                 ? 
_reflns.pdbx_aniso_diffraction_limit_3                 ? 
_reflns.pdbx_aniso_B_tensor_eigenvector_1_ortho[1]     ? 
_reflns.pdbx_aniso_B_tensor_eigenvector_1_ortho[2]     ? 
_reflns.pdbx_aniso_B_tensor_eigenvector_1_ortho[3]     ? 
_reflns.pdbx_aniso_B_tensor_eigenvector_2_ortho[1]     ? 
_reflns.pdbx_aniso_B_tensor_eigenvector_2_ortho[2]     ? 
_reflns.pdbx_aniso_B_tensor_eigenvector_2_ortho[3]     ? 
_reflns.pdbx_aniso_B_tensor_eigenvector_3_ortho[1]     ? 
_reflns.pdbx_aniso_B_tensor_eigenvector_3_ortho[2]     ? 
_reflns.pdbx_aniso_B_tensor_eigenvector_3_ortho[3]     ? 
_reflns.pdbx_aniso_B_tensor_eigenvalue_1               ? 
_reflns.pdbx_aniso_B_tensor_eigenvalue_2               ? 
_reflns.pdbx_aniso_B_tensor_eigenvalue_3               ? 
_reflns.pdbx_orthogonalization_convention              ? 
_reflns.pdbx_percent_possible_ellipsoidal              ? 
_reflns.pdbx_percent_possible_spherical                ? 
_reflns.pdbx_percent_possible_ellipsoidal_anomalous    ? 
_reflns.pdbx_percent_possible_spherical_anomalous      ? 
_reflns.pdbx_redundancy_anomalous                      ? 
_reflns.pdbx_CC_half_anomalous                         ? 
_reflns.pdbx_absDiff_over_sigma_anomalous              ? 
_reflns.pdbx_percent_possible_anomalous                ? 
_reflns.pdbx_observed_signal_threshold                 ? 
_reflns.pdbx_signal_type                               ? 
_reflns.pdbx_signal_details                            ? 
_reflns.pdbx_signal_software_id                        ? 
# 
_reflns_shell.d_res_high                                    1.28 
_reflns_shell.d_res_low                                     1.298 
_reflns_shell.meanI_over_sigI_all                           ? 
_reflns_shell.meanI_over_sigI_obs                           ? 
_reflns_shell.number_measured_all                           ? 
_reflns_shell.number_measured_obs                           ? 
_reflns_shell.number_possible                               ? 
_reflns_shell.number_unique_all                             ? 
_reflns_shell.number_unique_obs                             1478 
_reflns_shell.percent_possible_obs                          ? 
_reflns_shell.Rmerge_F_all                                  ? 
_reflns_shell.Rmerge_F_obs                                  ? 
_reflns_shell.meanI_over_sigI_gt                            ? 
_reflns_shell.meanI_over_uI_all                             ? 
_reflns_shell.meanI_over_uI_gt                              ? 
_reflns_shell.number_measured_gt                            ? 
_reflns_shell.number_unique_gt                              ? 
_reflns_shell.percent_possible_gt                           ? 
_reflns_shell.Rmerge_F_gt                                   ? 
_reflns_shell.Rmerge_I_gt                                   ? 
_reflns_shell.pdbx_redundancy                               ? 
_reflns_shell.pdbx_chi_squared                              ? 
_reflns_shell.pdbx_netI_over_sigmaI_all                     ? 
_reflns_shell.pdbx_netI_over_sigmaI_obs                     ? 
_reflns_shell.pdbx_Rrim_I_all                               ? 
_reflns_shell.pdbx_Rpim_I_all                               ? 
_reflns_shell.pdbx_rejects                                  ? 
_reflns_shell.pdbx_ordinal                                  1 
_reflns_shell.pdbx_diffrn_id                                1 
_reflns_shell.pdbx_CC_half                                  0.827 
_reflns_shell.pdbx_CC_star                                  ? 
_reflns_shell.pdbx_R_split                                  ? 
_reflns_shell.percent_possible_all                          ? 
_reflns_shell.Rmerge_I_all                                  ? 
_reflns_shell.Rmerge_I_obs                                  1.556 
_reflns_shell.pdbx_Rsym_value                               ? 
_reflns_shell.pdbx_percent_possible_ellipsoidal             ? 
_reflns_shell.pdbx_percent_possible_spherical               ? 
_reflns_shell.pdbx_percent_possible_ellipsoidal_anomalous   ? 
_reflns_shell.pdbx_percent_possible_spherical_anomalous     ? 
_reflns_shell.pdbx_redundancy_anomalous                     ? 
_reflns_shell.pdbx_CC_half_anomalous                        ? 
_reflns_shell.pdbx_absDiff_over_sigma_anomalous             ? 
_reflns_shell.pdbx_percent_possible_anomalous               ? 
# 
_refine.aniso_B[1][1]                            ? 
_refine.aniso_B[1][2]                            ? 
_refine.aniso_B[1][3]                            ? 
_refine.aniso_B[2][2]                            ? 
_refine.aniso_B[2][3]                            ? 
_refine.aniso_B[3][3]                            ? 
_refine.B_iso_max                                ? 
_refine.B_iso_mean                               27.61 
_refine.B_iso_min                                ? 
_refine.correlation_coeff_Fo_to_Fc               ? 
_refine.correlation_coeff_Fo_to_Fc_free          ? 
_refine.details                                  ? 
_refine.diff_density_max                         ? 
_refine.diff_density_max_esd                     ? 
_refine.diff_density_min                         ? 
_refine.diff_density_min_esd                     ? 
_refine.diff_density_rms                         ? 
_refine.diff_density_rms_esd                     ? 
_refine.entry_id                                 9HBG 
_refine.pdbx_refine_id                           'X-RAY DIFFRACTION' 
_refine.ls_abs_structure_details                 ? 
_refine.ls_abs_structure_Flack                   ? 
_refine.ls_abs_structure_Flack_esd               ? 
_refine.ls_abs_structure_Rogers                  ? 
_refine.ls_abs_structure_Rogers_esd              ? 
_refine.ls_d_res_high                            1.28 
_refine.ls_d_res_low                             31.25 
_refine.ls_extinction_coef                       ? 
_refine.ls_extinction_coef_esd                   ? 
_refine.ls_extinction_expression                 ? 
_refine.ls_extinction_method                     ? 
_refine.ls_goodness_of_fit_all                   ? 
_refine.ls_goodness_of_fit_all_esd               ? 
_refine.ls_goodness_of_fit_obs                   ? 
_refine.ls_goodness_of_fit_obs_esd               ? 
_refine.ls_hydrogen_treatment                    ? 
_refine.ls_matrix_type                           ? 
_refine.ls_number_constraints                    ? 
_refine.ls_number_parameters                     ? 
_refine.ls_number_reflns_all                     ? 
_refine.ls_number_reflns_obs                     29914 
_refine.ls_number_reflns_R_free                  1487 
_refine.ls_number_reflns_R_work                  28427 
_refine.ls_number_restraints                     ? 
_refine.ls_percent_reflns_obs                    99.87 
_refine.ls_percent_reflns_R_free                 4.97 
_refine.ls_R_factor_all                          ? 
_refine.ls_R_factor_obs                          0.1952 
_refine.ls_R_factor_R_free                       0.2044 
_refine.ls_R_factor_R_free_error                 ? 
_refine.ls_R_factor_R_free_error_details         ? 
_refine.ls_R_factor_R_work                       0.1947 
_refine.ls_R_Fsqd_factor_obs                     ? 
_refine.ls_R_I_factor_obs                        ? 
_refine.ls_redundancy_reflns_all                 ? 
_refine.ls_redundancy_reflns_obs                 ? 
_refine.ls_restrained_S_all                      ? 
_refine.ls_restrained_S_obs                      ? 
_refine.ls_shift_over_esd_max                    ? 
_refine.ls_shift_over_esd_mean                   ? 
_refine.ls_structure_factor_coef                 ? 
_refine.ls_weighting_details                     ? 
_refine.ls_weighting_scheme                      ? 
_refine.ls_wR_factor_all                         ? 
_refine.ls_wR_factor_obs                         ? 
_refine.ls_wR_factor_R_free                      ? 
_refine.ls_wR_factor_R_work                      ? 
_refine.occupancy_max                            ? 
_refine.occupancy_min                            ? 
_refine.solvent_model_details                    'FLAT BULK SOLVENT MODEL' 
_refine.solvent_model_param_bsol                 ? 
_refine.solvent_model_param_ksol                 ? 
_refine.pdbx_R_complete                          ? 
_refine.ls_R_factor_gt                           ? 
_refine.ls_goodness_of_fit_gt                    ? 
_refine.ls_goodness_of_fit_ref                   ? 
_refine.ls_shift_over_su_max                     ? 
_refine.ls_shift_over_su_max_lt                  ? 
_refine.ls_shift_over_su_mean                    ? 
_refine.ls_shift_over_su_mean_lt                 ? 
_refine.pdbx_ls_sigma_I                          ? 
_refine.pdbx_ls_sigma_F                          1.37 
_refine.pdbx_ls_sigma_Fsqd                       ? 
_refine.pdbx_data_cutoff_high_absF               ? 
_refine.pdbx_data_cutoff_high_rms_absF           ? 
_refine.pdbx_data_cutoff_low_absF                ? 
_refine.pdbx_isotropic_thermal_model             ? 
_refine.pdbx_ls_cross_valid_method               'FREE R-VALUE' 
_refine.pdbx_method_to_determine_struct          'MOLECULAR REPLACEMENT' 
_refine.pdbx_starting_model                      ? 
_refine.pdbx_stereochemistry_target_values       'GeoStd + Monomer Library + CDL v1.2' 
_refine.pdbx_R_Free_selection_details            ? 
_refine.pdbx_stereochem_target_val_spec_case     ? 
_refine.pdbx_overall_ESU_R                       ? 
_refine.pdbx_overall_ESU_R_Free                  ? 
_refine.pdbx_solvent_vdw_probe_radii             1.1000 
_refine.pdbx_solvent_ion_probe_radii             ? 
_refine.pdbx_solvent_shrinkage_radii             0.9000 
_refine.pdbx_real_space_R                        ? 
_refine.pdbx_density_correlation                 ? 
_refine.pdbx_pd_number_of_powder_patterns        ? 
_refine.pdbx_pd_number_of_points                 ? 
_refine.pdbx_pd_meas_number_of_points            ? 
_refine.pdbx_pd_proc_ls_prof_R_factor            ? 
_refine.pdbx_pd_proc_ls_prof_wR_factor           ? 
_refine.pdbx_pd_Marquardt_correlation_coeff      ? 
_refine.pdbx_pd_Fsqrd_R_factor                   ? 
_refine.pdbx_pd_ls_matrix_band_width             ? 
_refine.pdbx_overall_phase_error                 30.6373 
_refine.pdbx_overall_SU_R_free_Cruickshank_DPI   ? 
_refine.pdbx_overall_SU_R_free_Blow_DPI          ? 
_refine.pdbx_overall_SU_R_Blow_DPI               ? 
_refine.pdbx_TLS_residual_ADP_flag               ? 
_refine.pdbx_diffrn_id                           1 
_refine.overall_SU_B                             ? 
_refine.overall_SU_ML                            0.1699 
_refine.overall_SU_R_Cruickshank_DPI             ? 
_refine.overall_SU_R_free                        ? 
_refine.overall_FOM_free_R_set                   ? 
_refine.overall_FOM_work_R_set                   ? 
_refine.pdbx_average_fsc_overall                 ? 
_refine.pdbx_average_fsc_work                    ? 
_refine.pdbx_average_fsc_free                    ? 
# 
_refine_hist.pdbx_refine_id                   'X-RAY DIFFRACTION' 
_refine_hist.cycle_id                         LAST 
_refine_hist.details                          ? 
_refine_hist.d_res_high                       1.28 
_refine_hist.d_res_low                        31.25 
_refine_hist.number_atoms_solvent             120 
_refine_hist.number_atoms_total               913 
_refine_hist.number_reflns_all                ? 
_refine_hist.number_reflns_obs                ? 
_refine_hist.number_reflns_R_free             ? 
_refine_hist.number_reflns_R_work             ? 
_refine_hist.R_factor_all                     ? 
_refine_hist.R_factor_obs                     ? 
_refine_hist.R_factor_R_free                  ? 
_refine_hist.R_factor_R_work                  ? 
_refine_hist.pdbx_number_residues_total       ? 
_refine_hist.pdbx_B_iso_mean_ligand           ? 
_refine_hist.pdbx_B_iso_mean_solvent          ? 
_refine_hist.pdbx_number_atoms_protein        697 
_refine_hist.pdbx_number_atoms_nucleic_acid   0 
_refine_hist.pdbx_number_atoms_ligand         96 
_refine_hist.pdbx_number_atoms_lipid          ? 
_refine_hist.pdbx_number_atoms_carb           ? 
_refine_hist.pdbx_pseudo_atom_details         ? 
# 
loop_
_refine_ls_restr.pdbx_refine_id 
_refine_ls_restr.criterion 
_refine_ls_restr.dev_ideal 
_refine_ls_restr.dev_ideal_target 
_refine_ls_restr.number 
_refine_ls_restr.rejects 
_refine_ls_restr.type 
_refine_ls_restr.weight 
_refine_ls_restr.pdbx_restraint_function 
'X-RAY DIFFRACTION' ? 0.0054  ? 830  ? f_bond_d           ? ? 
'X-RAY DIFFRACTION' ? 0.8108  ? 1163 ? f_angle_d          ? ? 
'X-RAY DIFFRACTION' ? 0.0734  ? 116  ? f_chiral_restr     ? ? 
'X-RAY DIFFRACTION' ? 0.0052  ? 130  ? f_plane_restr      ? ? 
'X-RAY DIFFRACTION' ? 10.7904 ? 303  ? f_dihedral_angle_d ? ? 
# 
loop_
_refine_ls_shell.pdbx_refine_id 
_refine_ls_shell.d_res_high 
_refine_ls_shell.d_res_low 
_refine_ls_shell.number_reflns_all 
_refine_ls_shell.number_reflns_obs 
_refine_ls_shell.number_reflns_R_free 
_refine_ls_shell.number_reflns_R_work 
_refine_ls_shell.percent_reflns_obs 
_refine_ls_shell.percent_reflns_R_free 
_refine_ls_shell.R_factor_all 
_refine_ls_shell.R_factor_obs 
_refine_ls_shell.R_factor_R_free_error 
_refine_ls_shell.R_factor_R_work 
_refine_ls_shell.redundancy_reflns_all 
_refine_ls_shell.redundancy_reflns_obs 
_refine_ls_shell.wR_factor_all 
_refine_ls_shell.wR_factor_obs 
_refine_ls_shell.wR_factor_R_free 
_refine_ls_shell.wR_factor_R_work 
_refine_ls_shell.pdbx_R_complete 
_refine_ls_shell.pdbx_total_number_of_bins_used 
_refine_ls_shell.pdbx_phase_error 
_refine_ls_shell.pdbx_fsc_work 
_refine_ls_shell.pdbx_fsc_free 
_refine_ls_shell.R_factor_R_free 
'X-RAY DIFFRACTION' 1.28 1.32  . . 119 2559 100.00 . . . . 0.3012 . . . . . . . . . . . 0.3804 
'X-RAY DIFFRACTION' 1.32 1.36  . . 145 2558 99.96  . . . . 0.2860 . . . . . . . . . . . 0.2915 
'X-RAY DIFFRACTION' 1.36 1.42  . . 156 2536 100.00 . . . . 0.2721 . . . . . . . . . . . 0.3059 
'X-RAY DIFFRACTION' 1.42 1.48  . . 151 2565 100.00 . . . . 0.2810 . . . . . . . . . . . 0.3087 
'X-RAY DIFFRACTION' 1.48 1.56  . . 156 2558 100.00 . . . . 0.2525 . . . . . . . . . . . 0.2297 
'X-RAY DIFFRACTION' 1.56 1.66  . . 107 2580 100.00 . . . . 0.2531 . . . . . . . . . . . 0.2304 
'X-RAY DIFFRACTION' 1.66 1.79  . . 150 2576 100.00 . . . . 0.2469 . . . . . . . . . . . 0.2756 
'X-RAY DIFFRACTION' 1.79 1.97  . . 102 2612 100.00 . . . . 0.2481 . . . . . . . . . . . 0.2759 
'X-RAY DIFFRACTION' 1.97 2.25  . . 162 2576 100.00 . . . . 0.2108 . . . . . . . . . . . 0.2330 
'X-RAY DIFFRACTION' 2.25 2.83  . . 109 2641 100.00 . . . . 0.2048 . . . . . . . . . . . 0.2442 
'X-RAY DIFFRACTION' 2.84 31.25 . . 130 2666 98.69  . . . . 0.1427 . . . . . . . . . . . 0.1380 
# 
_struct.entry_id                     9HBG 
_struct.title                        'The PK-RSL - phosphonato-calix[6]arene cocrystal structure' 
_struct.pdbx_model_details           ? 
_struct.pdbx_formula_weight          ? 
_struct.pdbx_formula_weight_method   ? 
_struct.pdbx_model_type_details      ? 
_struct.pdbx_CASP_flag               N 
# 
_struct_keywords.entry_id        9HBG 
_struct_keywords.text            'Beta-propeller, lectin, trimer, SUGAR BINDING PROTEIN' 
_struct_keywords.pdbx_keywords   'SUGAR BINDING PROTEIN' 
# 
loop_
_struct_asym.id 
_struct_asym.pdbx_blank_PDB_chainid_flag 
_struct_asym.pdbx_modified 
_struct_asym.entity_id 
_struct_asym.details 
A N N 1 ? 
B N N 2 ? 
C N N 2 ? 
D N N 3 ? 
E N N 4 ? 
# 
_struct_ref.id                         1 
_struct_ref.db_name                    UNP 
_struct_ref.db_code                    A0A0S4TLR1_RALSL 
_struct_ref.pdbx_db_accession          A0A0S4TLR1 
_struct_ref.pdbx_db_isoform            ? 
_struct_ref.entity_id                  1 
_struct_ref.pdbx_seq_one_letter_code   
;SVQTAATSWGTVPSIRVYTANNGKITERCWDGKGWYTGAFNEPGDNVSVTSWLVGSAIHIRVYASTGTTTTEWCWDGNGW
TKGAYTATN
;
_struct_ref.pdbx_align_begin           3 
# 
_struct_ref_seq.align_id                      1 
_struct_ref_seq.ref_id                        1 
_struct_ref_seq.pdbx_PDB_id_code              9HBG 
_struct_ref_seq.pdbx_strand_id                A 
_struct_ref_seq.seq_align_beg                 3 
_struct_ref_seq.pdbx_seq_align_beg_ins_code   ? 
_struct_ref_seq.seq_align_end                 91 
_struct_ref_seq.pdbx_seq_align_end_ins_code   ? 
_struct_ref_seq.pdbx_db_accession             A0A0S4TLR1 
_struct_ref_seq.db_align_beg                  3 
_struct_ref_seq.pdbx_db_align_beg_ins_code    ? 
_struct_ref_seq.db_align_end                  91 
_struct_ref_seq.pdbx_db_align_end_ins_code    ? 
_struct_ref_seq.pdbx_auth_seq_align_beg       2 
_struct_ref_seq.pdbx_auth_seq_align_end       90 
# 
loop_
_struct_ref_seq_dif.align_id 
_struct_ref_seq_dif.pdbx_pdb_id_code 
_struct_ref_seq_dif.mon_id 
_struct_ref_seq_dif.pdbx_pdb_strand_id 
_struct_ref_seq_dif.seq_num 
_struct_ref_seq_dif.pdbx_pdb_ins_code 
_struct_ref_seq_dif.pdbx_seq_db_name 
_struct_ref_seq_dif.pdbx_seq_db_accession_code 
_struct_ref_seq_dif.db_mon_id 
_struct_ref_seq_dif.pdbx_seq_db_seq_num 
_struct_ref_seq_dif.details 
_struct_ref_seq_dif.pdbx_auth_seq_num 
_struct_ref_seq_dif.pdbx_ordinal 
1 9HBG PRO A 1 ? UNP A0A0S4TLR1 ? ? 'expression tag' 0 1 
1 9HBG LYS A 2 ? UNP A0A0S4TLR1 ? ? 'expression tag' 1 2 
# 
_pdbx_struct_assembly.id                   1 
_pdbx_struct_assembly.details              author_defined_assembly 
_pdbx_struct_assembly.method_details       ? 
_pdbx_struct_assembly.oligomeric_details   monomeric 
_pdbx_struct_assembly.oligomeric_count     1 
# 
loop_
_pdbx_struct_assembly_prop.biol_id 
_pdbx_struct_assembly_prop.type 
_pdbx_struct_assembly_prop.value 
_pdbx_struct_assembly_prop.details 
1 'ABSA (A^2)' 590  ? 
1 MORE         1    ? 
1 'SSA (A^2)'  6520 ? 
# 
_pdbx_struct_assembly_gen.assembly_id       1 
_pdbx_struct_assembly_gen.oper_expression   1 
_pdbx_struct_assembly_gen.asym_id_list      A,B,C,D,E 
# 
_pdbx_struct_assembly_auth_evidence.id                     1 
_pdbx_struct_assembly_auth_evidence.assembly_id            1 
_pdbx_struct_assembly_auth_evidence.experimental_support   none 
_pdbx_struct_assembly_auth_evidence.details                ? 
# 
_pdbx_struct_oper_list.id                   1 
_pdbx_struct_oper_list.type                 'identity operation' 
_pdbx_struct_oper_list.name                 1_555 
_pdbx_struct_oper_list.symmetry_operation   x,y,z 
_pdbx_struct_oper_list.matrix[1][1]         1.0000000000 
_pdbx_struct_oper_list.matrix[1][2]         0.0000000000 
_pdbx_struct_oper_list.matrix[1][3]         0.0000000000 
_pdbx_struct_oper_list.vector[1]            0.0000000000 
_pdbx_struct_oper_list.matrix[2][1]         0.0000000000 
_pdbx_struct_oper_list.matrix[2][2]         1.0000000000 
_pdbx_struct_oper_list.matrix[2][3]         0.0000000000 
_pdbx_struct_oper_list.vector[2]            0.0000000000 
_pdbx_struct_oper_list.matrix[3][1]         0.0000000000 
_pdbx_struct_oper_list.matrix[3][2]         0.0000000000 
_pdbx_struct_oper_list.matrix[3][3]         1.0000000000 
_pdbx_struct_oper_list.vector[3]            0.0000000000 
# 
_struct_mon_prot_cis.pdbx_id                1 
_struct_mon_prot_cis.label_comp_id          VAL 
_struct_mon_prot_cis.label_seq_id           14 
_struct_mon_prot_cis.label_asym_id          A 
_struct_mon_prot_cis.label_alt_id           . 
_struct_mon_prot_cis.pdbx_PDB_ins_code      ? 
_struct_mon_prot_cis.auth_comp_id           VAL 
_struct_mon_prot_cis.auth_seq_id            13 
_struct_mon_prot_cis.auth_asym_id           A 
_struct_mon_prot_cis.pdbx_label_comp_id_2   PRO 
_struct_mon_prot_cis.pdbx_label_seq_id_2    15 
_struct_mon_prot_cis.pdbx_label_asym_id_2   A 
_struct_mon_prot_cis.pdbx_PDB_ins_code_2    ? 
_struct_mon_prot_cis.pdbx_auth_comp_id_2    PRO 
_struct_mon_prot_cis.pdbx_auth_seq_id_2     14 
_struct_mon_prot_cis.pdbx_auth_asym_id_2    A 
_struct_mon_prot_cis.pdbx_PDB_model_num     1 
_struct_mon_prot_cis.pdbx_omega_angle       -5.27 
# 
loop_
_struct_sheet.id 
_struct_sheet.type 
_struct_sheet.number_strands 
_struct_sheet.details 
AA1 ? 4 ? 
AA2 ? 4 ? 
# 
loop_
_struct_sheet_order.sheet_id 
_struct_sheet_order.range_id_1 
_struct_sheet_order.range_id_2 
_struct_sheet_order.offset 
_struct_sheet_order.sense 
AA1 1 2 ? anti-parallel 
AA1 2 3 ? anti-parallel 
AA1 3 4 ? anti-parallel 
AA2 1 2 ? anti-parallel 
AA2 2 3 ? anti-parallel 
AA2 3 4 ? anti-parallel 
# 
loop_
_struct_sheet_range.sheet_id 
_struct_sheet_range.id 
_struct_sheet_range.beg_label_comp_id 
_struct_sheet_range.beg_label_asym_id 
_struct_sheet_range.beg_label_seq_id 
_struct_sheet_range.pdbx_beg_PDB_ins_code 
_struct_sheet_range.end_label_comp_id 
_struct_sheet_range.end_label_asym_id 
_struct_sheet_range.end_label_seq_id 
_struct_sheet_range.pdbx_end_PDB_ins_code 
_struct_sheet_range.beg_auth_comp_id 
_struct_sheet_range.beg_auth_asym_id 
_struct_sheet_range.beg_auth_seq_id 
_struct_sheet_range.end_auth_comp_id 
_struct_sheet_range.end_auth_asym_id 
_struct_sheet_range.end_auth_seq_id 
AA1 1 GLN A 5  ? TRP A 11 ? GLN A 4  TRP A 10 
AA1 2 SER A 16 ? ASN A 23 ? SER A 15 ASN A 22 
AA1 3 LYS A 26 ? TRP A 32 ? LYS A 25 TRP A 31 
AA1 4 TRP A 37 ? PRO A 45 ? TRP A 36 PRO A 44 
AA2 1 ASN A 48 ? VAL A 56 ? ASN A 47 VAL A 55 
AA2 2 ALA A 59 ? THR A 68 ? ALA A 58 THR A 67 
AA2 3 THR A 71 ? TRP A 77 ? THR A 70 TRP A 76 
AA2 4 TRP A 82 ? LYS A 84 ? TRP A 81 LYS A 83 
# 
loop_
_pdbx_struct_sheet_hbond.sheet_id 
_pdbx_struct_sheet_hbond.range_id_1 
_pdbx_struct_sheet_hbond.range_id_2 
_pdbx_struct_sheet_hbond.range_1_label_atom_id 
_pdbx_struct_sheet_hbond.range_1_label_comp_id 
_pdbx_struct_sheet_hbond.range_1_label_asym_id 
_pdbx_struct_sheet_hbond.range_1_label_seq_id 
_pdbx_struct_sheet_hbond.range_1_PDB_ins_code 
_pdbx_struct_sheet_hbond.range_1_auth_atom_id 
_pdbx_struct_sheet_hbond.range_1_auth_comp_id 
_pdbx_struct_sheet_hbond.range_1_auth_asym_id 
_pdbx_struct_sheet_hbond.range_1_auth_seq_id 
_pdbx_struct_sheet_hbond.range_2_label_atom_id 
_pdbx_struct_sheet_hbond.range_2_label_comp_id 
_pdbx_struct_sheet_hbond.range_2_label_asym_id 
_pdbx_struct_sheet_hbond.range_2_label_seq_id 
_pdbx_struct_sheet_hbond.range_2_PDB_ins_code 
_pdbx_struct_sheet_hbond.range_2_auth_atom_id 
_pdbx_struct_sheet_hbond.range_2_auth_comp_id 
_pdbx_struct_sheet_hbond.range_2_auth_asym_id 
_pdbx_struct_sheet_hbond.range_2_auth_seq_id 
AA1 1 2 N GLN A 5  ? N GLN A 4  O ALA A 22 ? O ALA A 21 
AA1 2 3 N ASN A 23 ? N ASN A 22 O LYS A 26 ? O LYS A 25 
AA1 3 4 N CYS A 31 ? N CYS A 30 O TYR A 38 ? O TYR A 37 
AA2 1 2 N THR A 52 ? N THR A 51 O ARG A 63 ? O ARG A 62 
AA2 2 3 N ALA A 66 ? N ALA A 65 O THR A 73 ? O THR A 72 
AA2 3 4 N CYS A 76 ? N CYS A 75 O THR A 83 ? O THR A 82 
# 
_pdbx_entry_details.entry_id                   9HBG 
_pdbx_entry_details.nonpolymer_details         ? 
_pdbx_entry_details.sequence_details           ? 
_pdbx_entry_details.compound_details           ? 
_pdbx_entry_details.source_details             ? 
_pdbx_entry_details.has_ligand_of_interest     Y 
_pdbx_entry_details.has_protein_modification   N 
# 
loop_
_pdbx_validate_torsion.id 
_pdbx_validate_torsion.PDB_model_num 
_pdbx_validate_torsion.auth_comp_id 
_pdbx_validate_torsion.auth_asym_id 
_pdbx_validate_torsion.auth_seq_id 
_pdbx_validate_torsion.PDB_ins_code 
_pdbx_validate_torsion.label_alt_id 
_pdbx_validate_torsion.phi 
_pdbx_validate_torsion.psi 
1 1 LYS A 34 ? ? -144.04 42.99 
2 1 ASN A 79 ? A -141.80 24.74 
3 1 ASN A 79 ? B -149.38 54.62 
# 
loop_
_pdbx_struct_special_symmetry.id 
_pdbx_struct_special_symmetry.PDB_model_num 
_pdbx_struct_special_symmetry.auth_asym_id 
_pdbx_struct_special_symmetry.auth_comp_id 
_pdbx_struct_special_symmetry.auth_seq_id 
_pdbx_struct_special_symmetry.PDB_ins_code 
_pdbx_struct_special_symmetry.label_asym_id 
_pdbx_struct_special_symmetry.label_comp_id 
_pdbx_struct_special_symmetry.label_seq_id 
1 1 A HOH 292 ? E HOH . 
2 1 A HOH 320 ? E HOH . 
# 
loop_
_space_group_symop.id 
_space_group_symop.operation_xyz 
1  x,y,z               
2  z,x,y               
3  y,z,x               
4  -y,-z,x             
5  z,-x,-y             
6  -y,z,-x             
7  -z,-x,y             
8  -z,x,-y             
9  y,-z,-x             
10 x,-y,-z             
11 -x,y,-z             
12 -x,-y,z             
13 x+1/2,y+1/2,z+1/2   
14 z+1/2,x+1/2,y+1/2   
15 y+1/2,z+1/2,x+1/2   
16 -y+1/2,-z+1/2,x+1/2 
17 z+1/2,-x+1/2,-y+1/2 
18 -y+1/2,z+1/2,-x+1/2 
19 -z+1/2,-x+1/2,y+1/2 
20 -z+1/2,x+1/2,-y+1/2 
21 y+1/2,-z+1/2,-x+1/2 
22 x+1/2,-y+1/2,-z+1/2 
23 -x+1/2,y+1/2,-z+1/2 
24 -x+1/2,-y+1/2,z+1/2 
# 
loop_
_pdbx_distant_solvent_atoms.id 
_pdbx_distant_solvent_atoms.PDB_model_num 
_pdbx_distant_solvent_atoms.auth_atom_id 
_pdbx_distant_solvent_atoms.label_alt_id 
_pdbx_distant_solvent_atoms.auth_asym_id 
_pdbx_distant_solvent_atoms.auth_comp_id 
_pdbx_distant_solvent_atoms.auth_seq_id 
_pdbx_distant_solvent_atoms.PDB_ins_code 
_pdbx_distant_solvent_atoms.neighbor_macromolecule_distance 
_pdbx_distant_solvent_atoms.neighbor_ligand_distance 
1 1 O ? A HOH 319 ? 5.87 . 
2 1 O ? A HOH 320 ? 7.77 . 
# 
loop_
_pdbx_unobs_or_zero_occ_residues.id 
_pdbx_unobs_or_zero_occ_residues.PDB_model_num 
_pdbx_unobs_or_zero_occ_residues.polymer_flag 
_pdbx_unobs_or_zero_occ_residues.occupancy_flag 
_pdbx_unobs_or_zero_occ_residues.auth_asym_id 
_pdbx_unobs_or_zero_occ_residues.auth_comp_id 
_pdbx_unobs_or_zero_occ_residues.auth_seq_id 
_pdbx_unobs_or_zero_occ_residues.PDB_ins_code 
_pdbx_unobs_or_zero_occ_residues.label_asym_id 
_pdbx_unobs_or_zero_occ_residues.label_comp_id 
_pdbx_unobs_or_zero_occ_residues.label_seq_id 
1 1 Y 0 A THR 89 ? A THR 90 
2 1 Y 0 A ASN 90 ? A ASN 91 
# 
loop_
_chem_comp_atom.comp_id 
_chem_comp_atom.atom_id 
_chem_comp_atom.type_symbol 
_chem_comp_atom.pdbx_aromatic_flag 
_chem_comp_atom.pdbx_stereo_config 
_chem_comp_atom.pdbx_ordinal 
7AZ C39  C N N 1   
7AZ C40  C Y N 2   
7AZ C26  C Y N 3   
7AZ C27  C Y N 4   
7AZ C28  C N N 5   
7AZ C29  C Y N 6   
7AZ C30  C Y N 7   
7AZ C31  C Y N 8   
7AZ C32  C Y N 9   
7AZ C33  C Y N 10  
7AZ C34  C Y N 11  
7AZ C35  C N N 12  
7AZ O38  O N N 13  
7AZ C1   C Y N 14  
7AZ C2   C Y N 15  
7AZ C3   C Y N 16  
7AZ C4   C Y N 17  
7AZ C5   C Y N 18  
7AZ C6   C Y N 19  
7AZ C7   C N N 20  
7AZ C8   C Y N 21  
7AZ C9   C Y N 22  
7AZ C10  C Y N 23  
7AZ C11  C Y N 24  
7AZ C12  C Y N 25  
7AZ C13  C Y N 26  
7AZ C14  C N N 27  
7AZ C15  C Y N 28  
7AZ C16  C Y N 29  
7AZ C17  C Y N 30  
7AZ C18  C Y N 31  
7AZ C19  C Y N 32  
7AZ C20  C Y N 33  
7AZ C21  C N N 34  
7AZ C22  C Y N 35  
7AZ C23  C Y N 36  
7AZ C24  C Y N 37  
7AZ C25  C Y N 38  
7AZ O72  O N N 39  
7AZ P51  P N N 40  
7AZ O52  O N N 41  
7AZ O63  O N N 42  
7AZ C44  C Y N 43  
7AZ C43  C Y N 44  
7AZ P49  P N N 45  
7AZ O62  O N N 46  
7AZ O61  O N N 47  
7AZ O50  O N N 48  
7AZ C41  C Y N 49  
7AZ C45  C Y N 50  
7AZ C42  C Y N 51  
7AZ O48  O N N 52  
7AZ O47  O N N 53  
7AZ P53  P N N 54  
7AZ O65  O N N 55  
7AZ O64  O N N 56  
7AZ O54  O N N 57  
7AZ O46  O N N 58  
7AZ P55  P N N 59  
7AZ O69  O N N 60  
7AZ O68  O N N 61  
7AZ O56  O N N 62  
7AZ P57  P N N 63  
7AZ O67  O N N 64  
7AZ O66  O N N 65  
7AZ O58  O N N 66  
7AZ P59  P N N 67  
7AZ O71  O N N 68  
7AZ O70  O N N 69  
7AZ O60  O N N 70  
7AZ O37  O N N 71  
7AZ O36  O N N 72  
7AZ H1   H N N 73  
7AZ H2   H N N 74  
7AZ H3   H N N 75  
7AZ H4   H N N 76  
7AZ H5   H N N 77  
7AZ H6   H N N 78  
7AZ H7   H N N 79  
7AZ H8   H N N 80  
7AZ H9   H N N 81  
7AZ H10  H N N 82  
7AZ H11  H N N 83  
7AZ H12  H N N 84  
7AZ H13  H N N 85  
7AZ H14  H N N 86  
7AZ H15  H N N 87  
7AZ H16  H N N 88  
7AZ H17  H N N 89  
7AZ H18  H N N 90  
7AZ H19  H N N 91  
7AZ H20  H N N 92  
7AZ H21  H N N 93  
7AZ H22  H N N 94  
7AZ H23  H N N 95  
7AZ H24  H N N 96  
7AZ H25  H N N 97  
7AZ H26  H N N 98  
7AZ H27  H N N 99  
7AZ H28  H N N 100 
7AZ H29  H N N 101 
7AZ H30  H N N 102 
7AZ H31  H N N 103 
7AZ H32  H N N 104 
7AZ H33  H N N 105 
7AZ H34  H N N 106 
7AZ H35  H N N 107 
7AZ H36  H N N 108 
7AZ H37  H N N 109 
7AZ H38  H N N 110 
7AZ H39  H N N 111 
7AZ H40  H N N 112 
7AZ H41  H N N 113 
7AZ H42  H N N 114 
ALA N    N N N 115 
ALA CA   C N S 116 
ALA C    C N N 117 
ALA O    O N N 118 
ALA CB   C N N 119 
ALA OXT  O N N 120 
ALA H    H N N 121 
ALA H2   H N N 122 
ALA HA   H N N 123 
ALA HB1  H N N 124 
ALA HB2  H N N 125 
ALA HB3  H N N 126 
ALA HXT  H N N 127 
ARG N    N N N 128 
ARG CA   C N S 129 
ARG C    C N N 130 
ARG O    O N N 131 
ARG CB   C N N 132 
ARG CG   C N N 133 
ARG CD   C N N 134 
ARG NE   N N N 135 
ARG CZ   C N N 136 
ARG NH1  N N N 137 
ARG NH2  N N N 138 
ARG OXT  O N N 139 
ARG H    H N N 140 
ARG H2   H N N 141 
ARG HA   H N N 142 
ARG HB2  H N N 143 
ARG HB3  H N N 144 
ARG HG2  H N N 145 
ARG HG3  H N N 146 
ARG HD2  H N N 147 
ARG HD3  H N N 148 
ARG HE   H N N 149 
ARG HH11 H N N 150 
ARG HH12 H N N 151 
ARG HH21 H N N 152 
ARG HH22 H N N 153 
ARG HXT  H N N 154 
ASN N    N N N 155 
ASN CA   C N S 156 
ASN C    C N N 157 
ASN O    O N N 158 
ASN CB   C N N 159 
ASN CG   C N N 160 
ASN OD1  O N N 161 
ASN ND2  N N N 162 
ASN OXT  O N N 163 
ASN H    H N N 164 
ASN H2   H N N 165 
ASN HA   H N N 166 
ASN HB2  H N N 167 
ASN HB3  H N N 168 
ASN HD21 H N N 169 
ASN HD22 H N N 170 
ASN HXT  H N N 171 
ASP N    N N N 172 
ASP CA   C N S 173 
ASP C    C N N 174 
ASP O    O N N 175 
ASP CB   C N N 176 
ASP CG   C N N 177 
ASP OD1  O N N 178 
ASP OD2  O N N 179 
ASP OXT  O N N 180 
ASP H    H N N 181 
ASP H2   H N N 182 
ASP HA   H N N 183 
ASP HB2  H N N 184 
ASP HB3  H N N 185 
ASP HD2  H N N 186 
ASP HXT  H N N 187 
BDF C1   C N N 188 
BDF C2   C N R 189 
BDF C3   C N S 190 
BDF C4   C N R 191 
BDF C5   C N R 192 
BDF C6   C N N 193 
BDF O1   O N N 194 
BDF O2   O N N 195 
BDF O3   O N N 196 
BDF O4   O N N 197 
BDF O5   O N N 198 
BDF O6   O N N 199 
BDF H11  H N N 200 
BDF H12  H N N 201 
BDF H3   H N N 202 
BDF H4   H N N 203 
BDF H5   H N N 204 
BDF H61  H N N 205 
BDF H62  H N N 206 
BDF HO1  H N N 207 
BDF HO2  H N N 208 
BDF HO3  H N N 209 
BDF HO4  H N N 210 
BDF HO5  H N N 211 
CYS N    N N N 212 
CYS CA   C N R 213 
CYS C    C N N 214 
CYS O    O N N 215 
CYS CB   C N N 216 
CYS SG   S N N 217 
CYS OXT  O N N 218 
CYS H    H N N 219 
CYS H2   H N N 220 
CYS HA   H N N 221 
CYS HB2  H N N 222 
CYS HB3  H N N 223 
CYS HG   H N N 224 
CYS HXT  H N N 225 
GLN N    N N N 226 
GLN CA   C N S 227 
GLN C    C N N 228 
GLN O    O N N 229 
GLN CB   C N N 230 
GLN CG   C N N 231 
GLN CD   C N N 232 
GLN OE1  O N N 233 
GLN NE2  N N N 234 
GLN OXT  O N N 235 
GLN H    H N N 236 
GLN H2   H N N 237 
GLN HA   H N N 238 
GLN HB2  H N N 239 
GLN HB3  H N N 240 
GLN HG2  H N N 241 
GLN HG3  H N N 242 
GLN HE21 H N N 243 
GLN HE22 H N N 244 
GLN HXT  H N N 245 
GLU N    N N N 246 
GLU CA   C N S 247 
GLU C    C N N 248 
GLU O    O N N 249 
GLU CB   C N N 250 
GLU CG   C N N 251 
GLU CD   C N N 252 
GLU OE1  O N N 253 
GLU OE2  O N N 254 
GLU OXT  O N N 255 
GLU H    H N N 256 
GLU H2   H N N 257 
GLU HA   H N N 258 
GLU HB2  H N N 259 
GLU HB3  H N N 260 
GLU HG2  H N N 261 
GLU HG3  H N N 262 
GLU HE2  H N N 263 
GLU HXT  H N N 264 
GLY N    N N N 265 
GLY CA   C N N 266 
GLY C    C N N 267 
GLY O    O N N 268 
GLY OXT  O N N 269 
GLY H    H N N 270 
GLY H2   H N N 271 
GLY HA2  H N N 272 
GLY HA3  H N N 273 
GLY HXT  H N N 274 
HIS N    N N N 275 
HIS CA   C N S 276 
HIS C    C N N 277 
HIS O    O N N 278 
HIS CB   C N N 279 
HIS CG   C Y N 280 
HIS ND1  N Y N 281 
HIS CD2  C Y N 282 
HIS CE1  C Y N 283 
HIS NE2  N Y N 284 
HIS OXT  O N N 285 
HIS H    H N N 286 
HIS H2   H N N 287 
HIS HA   H N N 288 
HIS HB2  H N N 289 
HIS HB3  H N N 290 
HIS HD1  H N N 291 
HIS HD2  H N N 292 
HIS HE1  H N N 293 
HIS HE2  H N N 294 
HIS HXT  H N N 295 
HOH O    O N N 296 
HOH H1   H N N 297 
HOH H2   H N N 298 
ILE N    N N N 299 
ILE CA   C N S 300 
ILE C    C N N 301 
ILE O    O N N 302 
ILE CB   C N S 303 
ILE CG1  C N N 304 
ILE CG2  C N N 305 
ILE CD1  C N N 306 
ILE OXT  O N N 307 
ILE H    H N N 308 
ILE H2   H N N 309 
ILE HA   H N N 310 
ILE HB   H N N 311 
ILE HG12 H N N 312 
ILE HG13 H N N 313 
ILE HG21 H N N 314 
ILE HG22 H N N 315 
ILE HG23 H N N 316 
ILE HD11 H N N 317 
ILE HD12 H N N 318 
ILE HD13 H N N 319 
ILE HXT  H N N 320 
LEU N    N N N 321 
LEU CA   C N S 322 
LEU C    C N N 323 
LEU O    O N N 324 
LEU CB   C N N 325 
LEU CG   C N N 326 
LEU CD1  C N N 327 
LEU CD2  C N N 328 
LEU OXT  O N N 329 
LEU H    H N N 330 
LEU H2   H N N 331 
LEU HA   H N N 332 
LEU HB2  H N N 333 
LEU HB3  H N N 334 
LEU HG   H N N 335 
LEU HD11 H N N 336 
LEU HD12 H N N 337 
LEU HD13 H N N 338 
LEU HD21 H N N 339 
LEU HD22 H N N 340 
LEU HD23 H N N 341 
LEU HXT  H N N 342 
LYS N    N N N 343 
LYS CA   C N S 344 
LYS C    C N N 345 
LYS O    O N N 346 
LYS CB   C N N 347 
LYS CG   C N N 348 
LYS CD   C N N 349 
LYS CE   C N N 350 
LYS NZ   N N N 351 
LYS OXT  O N N 352 
LYS H    H N N 353 
LYS H2   H N N 354 
LYS HA   H N N 355 
LYS HB2  H N N 356 
LYS HB3  H N N 357 
LYS HG2  H N N 358 
LYS HG3  H N N 359 
LYS HD2  H N N 360 
LYS HD3  H N N 361 
LYS HE2  H N N 362 
LYS HE3  H N N 363 
LYS HZ1  H N N 364 
LYS HZ2  H N N 365 
LYS HZ3  H N N 366 
LYS HXT  H N N 367 
PHE N    N N N 368 
PHE CA   C N S 369 
PHE C    C N N 370 
PHE O    O N N 371 
PHE CB   C N N 372 
PHE CG   C Y N 373 
PHE CD1  C Y N 374 
PHE CD2  C Y N 375 
PHE CE1  C Y N 376 
PHE CE2  C Y N 377 
PHE CZ   C Y N 378 
PHE OXT  O N N 379 
PHE H    H N N 380 
PHE H2   H N N 381 
PHE HA   H N N 382 
PHE HB2  H N N 383 
PHE HB3  H N N 384 
PHE HD1  H N N 385 
PHE HD2  H N N 386 
PHE HE1  H N N 387 
PHE HE2  H N N 388 
PHE HZ   H N N 389 
PHE HXT  H N N 390 
PRO N    N N N 391 
PRO CA   C N S 392 
PRO C    C N N 393 
PRO O    O N N 394 
PRO CB   C N N 395 
PRO CG   C N N 396 
PRO CD   C N N 397 
PRO OXT  O N N 398 
PRO H    H N N 399 
PRO HA   H N N 400 
PRO HB2  H N N 401 
PRO HB3  H N N 402 
PRO HG2  H N N 403 
PRO HG3  H N N 404 
PRO HD2  H N N 405 
PRO HD3  H N N 406 
PRO HXT  H N N 407 
SER N    N N N 408 
SER CA   C N S 409 
SER C    C N N 410 
SER O    O N N 411 
SER CB   C N N 412 
SER OG   O N N 413 
SER OXT  O N N 414 
SER H    H N N 415 
SER H2   H N N 416 
SER HA   H N N 417 
SER HB2  H N N 418 
SER HB3  H N N 419 
SER HG   H N N 420 
SER HXT  H N N 421 
THR N    N N N 422 
THR CA   C N S 423 
THR C    C N N 424 
THR O    O N N 425 
THR CB   C N R 426 
THR OG1  O N N 427 
THR CG2  C N N 428 
THR OXT  O N N 429 
THR H    H N N 430 
THR H2   H N N 431 
THR HA   H N N 432 
THR HB   H N N 433 
THR HG1  H N N 434 
THR HG21 H N N 435 
THR HG22 H N N 436 
THR HG23 H N N 437 
THR HXT  H N N 438 
TRP N    N N N 439 
TRP CA   C N S 440 
TRP C    C N N 441 
TRP O    O N N 442 
TRP CB   C N N 443 
TRP CG   C Y N 444 
TRP CD1  C Y N 445 
TRP CD2  C Y N 446 
TRP NE1  N Y N 447 
TRP CE2  C Y N 448 
TRP CE3  C Y N 449 
TRP CZ2  C Y N 450 
TRP CZ3  C Y N 451 
TRP CH2  C Y N 452 
TRP OXT  O N N 453 
TRP H    H N N 454 
TRP H2   H N N 455 
TRP HA   H N N 456 
TRP HB2  H N N 457 
TRP HB3  H N N 458 
TRP HD1  H N N 459 
TRP HE1  H N N 460 
TRP HE3  H N N 461 
TRP HZ2  H N N 462 
TRP HZ3  H N N 463 
TRP HH2  H N N 464 
TRP HXT  H N N 465 
TYR N    N N N 466 
TYR CA   C N S 467 
TYR C    C N N 468 
TYR O    O N N 469 
TYR CB   C N N 470 
TYR CG   C Y N 471 
TYR CD1  C Y N 472 
TYR CD2  C Y N 473 
TYR CE1  C Y N 474 
TYR CE2  C Y N 475 
TYR CZ   C Y N 476 
TYR OH   O N N 477 
TYR OXT  O N N 478 
TYR H    H N N 479 
TYR H2   H N N 480 
TYR HA   H N N 481 
TYR HB2  H N N 482 
TYR HB3  H N N 483 
TYR HD1  H N N 484 
TYR HD2  H N N 485 
TYR HE1  H N N 486 
TYR HE2  H N N 487 
TYR HH   H N N 488 
TYR HXT  H N N 489 
VAL N    N N N 490 
VAL CA   C N S 491 
VAL C    C N N 492 
VAL O    O N N 493 
VAL CB   C N N 494 
VAL CG1  C N N 495 
VAL CG2  C N N 496 
VAL OXT  O N N 497 
VAL H    H N N 498 
VAL H2   H N N 499 
VAL HA   H N N 500 
VAL HB   H N N 501 
VAL HG11 H N N 502 
VAL HG12 H N N 503 
VAL HG13 H N N 504 
VAL HG21 H N N 505 
VAL HG22 H N N 506 
VAL HG23 H N N 507 
VAL HXT  H N N 508 
# 
loop_
_chem_comp_bond.comp_id 
_chem_comp_bond.atom_id_1 
_chem_comp_bond.atom_id_2 
_chem_comp_bond.value_order 
_chem_comp_bond.pdbx_aromatic_flag 
_chem_comp_bond.pdbx_stereo_config 
_chem_comp_bond.pdbx_ordinal 
7AZ O68 P55  doub N N 1   
7AZ O56 P55  sing N N 2   
7AZ P55 O69  sing N N 3   
7AZ P55 C26  sing N N 4   
7AZ O66 P57  doub N N 5   
7AZ O67 P57  sing N N 6   
7AZ P57 O58  sing N N 7   
7AZ P57 C20  sing N N 8   
7AZ C25 C26  doub Y N 9   
7AZ C25 C22  sing Y N 10  
7AZ C26 C23  sing Y N 11  
7AZ C16 C20  doub Y N 12  
7AZ C16 C19  sing Y N 13  
7AZ C20 C17  sing Y N 14  
7AZ C21 C22  sing N N 15  
7AZ C21 C19  sing N N 16  
7AZ C22 C24  doub Y N 17  
7AZ C23 C27  doub Y N 18  
7AZ C19 C18  doub Y N 19  
7AZ C17 C15  doub Y N 20  
7AZ C24 C27  sing Y N 21  
7AZ C24 O46  sing N N 22  
7AZ C27 C28  sing N N 23  
7AZ C18 C15  sing Y N 24  
7AZ C18 O38  sing N N 25  
7AZ C15 C14  sing N N 26  
7AZ O65 P53  doub N N 27  
7AZ O64 P53  sing N N 28  
7AZ C28 C29  sing N N 29  
7AZ C32 C29  doub Y N 30  
7AZ C32 C33  sing Y N 31  
7AZ P53 C33  sing N N 32  
7AZ P53 O54  sing N N 33  
7AZ C14 C12  sing N N 34  
7AZ C29 C31  sing Y N 35  
7AZ C33 C30  doub Y N 36  
7AZ C31 O47  sing N N 37  
7AZ C31 C34  doub Y N 38  
7AZ C12 C9   doub Y N 39  
7AZ C12 C11  sing Y N 40  
7AZ C30 C34  sing Y N 41  
7AZ O37 C11  sing N N 42  
7AZ C34 C35  sing N N 43  
7AZ C9  C13  sing Y N 44  
7AZ C11 C8   doub Y N 45  
7AZ C35 C45  sing N N 46  
7AZ O71 P59  doub N N 47  
7AZ C13 C10  doub Y N 48  
7AZ C13 P59  sing N N 49  
7AZ C8  C10  sing Y N 50  
7AZ C8  C7   sing N N 51  
7AZ O48 C42  sing N N 52  
7AZ P59 O60  sing N N 53  
7AZ P59 O70  sing N N 54  
7AZ O36 C2   sing N N 55  
7AZ C7  C6   sing N N 56  
7AZ C45 C42  doub Y N 57  
7AZ C45 C41  sing Y N 58  
7AZ C42 C40  sing Y N 59  
7AZ C2  C6   doub Y N 60  
7AZ C2  C5   sing Y N 61  
7AZ C6  C3   sing Y N 62  
7AZ C41 C44  doub Y N 63  
7AZ C40 C39  sing N N 64  
7AZ C40 C43  doub Y N 65  
7AZ C39 C5   sing N N 66  
7AZ C5  C4   doub Y N 67  
7AZ C3  C1   doub Y N 68  
7AZ C44 C43  sing Y N 69  
7AZ C44 P51  sing N N 70  
7AZ O63 P51  doub N N 71  
7AZ C4  C1   sing Y N 72  
7AZ C1  P49  sing N N 73  
7AZ P51 O52  sing N N 74  
7AZ P51 O72  sing N N 75  
7AZ O61 P49  doub N N 76  
7AZ P49 O50  sing N N 77  
7AZ P49 O62  sing N N 78  
7AZ C39 H1   sing N N 79  
7AZ C39 H2   sing N N 80  
7AZ C28 H3   sing N N 81  
7AZ C28 H4   sing N N 82  
7AZ C30 H5   sing N N 83  
7AZ C32 H6   sing N N 84  
7AZ C35 H7   sing N N 85  
7AZ C35 H8   sing N N 86  
7AZ O38 H9   sing N N 87  
7AZ C3  H10  sing N N 88  
7AZ C4  H11  sing N N 89  
7AZ C7  H12  sing N N 90  
7AZ C7  H13  sing N N 91  
7AZ C9  H14  sing N N 92  
7AZ C10 H15  sing N N 93  
7AZ C14 H16  sing N N 94  
7AZ C14 H17  sing N N 95  
7AZ C16 H18  sing N N 96  
7AZ C17 H19  sing N N 97  
7AZ C21 H20  sing N N 98  
7AZ C21 H21  sing N N 99  
7AZ C23 H22  sing N N 100 
7AZ C25 H23  sing N N 101 
7AZ O72 H24  sing N N 102 
7AZ O52 H25  sing N N 103 
7AZ C43 H26  sing N N 104 
7AZ O62 H27  sing N N 105 
7AZ O50 H28  sing N N 106 
7AZ C41 H29  sing N N 107 
7AZ O48 H30  sing N N 108 
7AZ O47 H31  sing N N 109 
7AZ O64 H32  sing N N 110 
7AZ O54 H33  sing N N 111 
7AZ O46 H34  sing N N 112 
7AZ O69 H35  sing N N 113 
7AZ O56 H36  sing N N 114 
7AZ O67 H37  sing N N 115 
7AZ O58 H38  sing N N 116 
7AZ O70 H39  sing N N 117 
7AZ O60 H40  sing N N 118 
7AZ O37 H41  sing N N 119 
7AZ O36 H42  sing N N 120 
ALA N   CA   sing N N 121 
ALA N   H    sing N N 122 
ALA N   H2   sing N N 123 
ALA CA  C    sing N N 124 
ALA CA  CB   sing N N 125 
ALA CA  HA   sing N N 126 
ALA C   O    doub N N 127 
ALA C   OXT  sing N N 128 
ALA CB  HB1  sing N N 129 
ALA CB  HB2  sing N N 130 
ALA CB  HB3  sing N N 131 
ALA OXT HXT  sing N N 132 
ARG N   CA   sing N N 133 
ARG N   H    sing N N 134 
ARG N   H2   sing N N 135 
ARG CA  C    sing N N 136 
ARG CA  CB   sing N N 137 
ARG CA  HA   sing N N 138 
ARG C   O    doub N N 139 
ARG C   OXT  sing N N 140 
ARG CB  CG   sing N N 141 
ARG CB  HB2  sing N N 142 
ARG CB  HB3  sing N N 143 
ARG CG  CD   sing N N 144 
ARG CG  HG2  sing N N 145 
ARG CG  HG3  sing N N 146 
ARG CD  NE   sing N N 147 
ARG CD  HD2  sing N N 148 
ARG CD  HD3  sing N N 149 
ARG NE  CZ   sing N N 150 
ARG NE  HE   sing N N 151 
ARG CZ  NH1  sing N N 152 
ARG CZ  NH2  doub N N 153 
ARG NH1 HH11 sing N N 154 
ARG NH1 HH12 sing N N 155 
ARG NH2 HH21 sing N N 156 
ARG NH2 HH22 sing N N 157 
ARG OXT HXT  sing N N 158 
ASN N   CA   sing N N 159 
ASN N   H    sing N N 160 
ASN N   H2   sing N N 161 
ASN CA  C    sing N N 162 
ASN CA  CB   sing N N 163 
ASN CA  HA   sing N N 164 
ASN C   O    doub N N 165 
ASN C   OXT  sing N N 166 
ASN CB  CG   sing N N 167 
ASN CB  HB2  sing N N 168 
ASN CB  HB3  sing N N 169 
ASN CG  OD1  doub N N 170 
ASN CG  ND2  sing N N 171 
ASN ND2 HD21 sing N N 172 
ASN ND2 HD22 sing N N 173 
ASN OXT HXT  sing N N 174 
ASP N   CA   sing N N 175 
ASP N   H    sing N N 176 
ASP N   H2   sing N N 177 
ASP CA  C    sing N N 178 
ASP CA  CB   sing N N 179 
ASP CA  HA   sing N N 180 
ASP C   O    doub N N 181 
ASP C   OXT  sing N N 182 
ASP CB  CG   sing N N 183 
ASP CB  HB2  sing N N 184 
ASP CB  HB3  sing N N 185 
ASP CG  OD1  doub N N 186 
ASP CG  OD2  sing N N 187 
ASP OD2 HD2  sing N N 188 
ASP OXT HXT  sing N N 189 
BDF C1  C2   sing N N 190 
BDF C1  O1   sing N N 191 
BDF C1  H11  sing N N 192 
BDF C1  H12  sing N N 193 
BDF C2  C3   sing N N 194 
BDF C2  O2   sing N N 195 
BDF C2  O6   sing N N 196 
BDF C3  C4   sing N N 197 
BDF C3  O3   sing N N 198 
BDF C3  H3   sing N N 199 
BDF C4  C5   sing N N 200 
BDF C4  O4   sing N N 201 
BDF C4  H4   sing N N 202 
BDF C5  C6   sing N N 203 
BDF C5  O5   sing N N 204 
BDF C5  H5   sing N N 205 
BDF C6  O6   sing N N 206 
BDF C6  H61  sing N N 207 
BDF C6  H62  sing N N 208 
BDF O1  HO1  sing N N 209 
BDF O2  HO2  sing N N 210 
BDF O3  HO3  sing N N 211 
BDF O4  HO4  sing N N 212 
BDF O5  HO5  sing N N 213 
CYS N   CA   sing N N 214 
CYS N   H    sing N N 215 
CYS N   H2   sing N N 216 
CYS CA  C    sing N N 217 
CYS CA  CB   sing N N 218 
CYS CA  HA   sing N N 219 
CYS C   O    doub N N 220 
CYS C   OXT  sing N N 221 
CYS CB  SG   sing N N 222 
CYS CB  HB2  sing N N 223 
CYS CB  HB3  sing N N 224 
CYS SG  HG   sing N N 225 
CYS OXT HXT  sing N N 226 
GLN N   CA   sing N N 227 
GLN N   H    sing N N 228 
GLN N   H2   sing N N 229 
GLN CA  C    sing N N 230 
GLN CA  CB   sing N N 231 
GLN CA  HA   sing N N 232 
GLN C   O    doub N N 233 
GLN C   OXT  sing N N 234 
GLN CB  CG   sing N N 235 
GLN CB  HB2  sing N N 236 
GLN CB  HB3  sing N N 237 
GLN CG  CD   sing N N 238 
GLN CG  HG2  sing N N 239 
GLN CG  HG3  sing N N 240 
GLN CD  OE1  doub N N 241 
GLN CD  NE2  sing N N 242 
GLN NE2 HE21 sing N N 243 
GLN NE2 HE22 sing N N 244 
GLN OXT HXT  sing N N 245 
GLU N   CA   sing N N 246 
GLU N   H    sing N N 247 
GLU N   H2   sing N N 248 
GLU CA  C    sing N N 249 
GLU CA  CB   sing N N 250 
GLU CA  HA   sing N N 251 
GLU C   O    doub N N 252 
GLU C   OXT  sing N N 253 
GLU CB  CG   sing N N 254 
GLU CB  HB2  sing N N 255 
GLU CB  HB3  sing N N 256 
GLU CG  CD   sing N N 257 
GLU CG  HG2  sing N N 258 
GLU CG  HG3  sing N N 259 
GLU CD  OE1  doub N N 260 
GLU CD  OE2  sing N N 261 
GLU OE2 HE2  sing N N 262 
GLU OXT HXT  sing N N 263 
GLY N   CA   sing N N 264 
GLY N   H    sing N N 265 
GLY N   H2   sing N N 266 
GLY CA  C    sing N N 267 
GLY CA  HA2  sing N N 268 
GLY CA  HA3  sing N N 269 
GLY C   O    doub N N 270 
GLY C   OXT  sing N N 271 
GLY OXT HXT  sing N N 272 
HIS N   CA   sing N N 273 
HIS N   H    sing N N 274 
HIS N   H2   sing N N 275 
HIS CA  C    sing N N 276 
HIS CA  CB   sing N N 277 
HIS CA  HA   sing N N 278 
HIS C   O    doub N N 279 
HIS C   OXT  sing N N 280 
HIS CB  CG   sing N N 281 
HIS CB  HB2  sing N N 282 
HIS CB  HB3  sing N N 283 
HIS CG  ND1  sing Y N 284 
HIS CG  CD2  doub Y N 285 
HIS ND1 CE1  doub Y N 286 
HIS ND1 HD1  sing N N 287 
HIS CD2 NE2  sing Y N 288 
HIS CD2 HD2  sing N N 289 
HIS CE1 NE2  sing Y N 290 
HIS CE1 HE1  sing N N 291 
HIS NE2 HE2  sing N N 292 
HIS OXT HXT  sing N N 293 
HOH O   H1   sing N N 294 
HOH O   H2   sing N N 295 
ILE N   CA   sing N N 296 
ILE N   H    sing N N 297 
ILE N   H2   sing N N 298 
ILE CA  C    sing N N 299 
ILE CA  CB   sing N N 300 
ILE CA  HA   sing N N 301 
ILE C   O    doub N N 302 
ILE C   OXT  sing N N 303 
ILE CB  CG1  sing N N 304 
ILE CB  CG2  sing N N 305 
ILE CB  HB   sing N N 306 
ILE CG1 CD1  sing N N 307 
ILE CG1 HG12 sing N N 308 
ILE CG1 HG13 sing N N 309 
ILE CG2 HG21 sing N N 310 
ILE CG2 HG22 sing N N 311 
ILE CG2 HG23 sing N N 312 
ILE CD1 HD11 sing N N 313 
ILE CD1 HD12 sing N N 314 
ILE CD1 HD13 sing N N 315 
ILE OXT HXT  sing N N 316 
LEU N   CA   sing N N 317 
LEU N   H    sing N N 318 
LEU N   H2   sing N N 319 
LEU CA  C    sing N N 320 
LEU CA  CB   sing N N 321 
LEU CA  HA   sing N N 322 
LEU C   O    doub N N 323 
LEU C   OXT  sing N N 324 
LEU CB  CG   sing N N 325 
LEU CB  HB2  sing N N 326 
LEU CB  HB3  sing N N 327 
LEU CG  CD1  sing N N 328 
LEU CG  CD2  sing N N 329 
LEU CG  HG   sing N N 330 
LEU CD1 HD11 sing N N 331 
LEU CD1 HD12 sing N N 332 
LEU CD1 HD13 sing N N 333 
LEU CD2 HD21 sing N N 334 
LEU CD2 HD22 sing N N 335 
LEU CD2 HD23 sing N N 336 
LEU OXT HXT  sing N N 337 
LYS N   CA   sing N N 338 
LYS N   H    sing N N 339 
LYS N   H2   sing N N 340 
LYS CA  C    sing N N 341 
LYS CA  CB   sing N N 342 
LYS CA  HA   sing N N 343 
LYS C   O    doub N N 344 
LYS C   OXT  sing N N 345 
LYS CB  CG   sing N N 346 
LYS CB  HB2  sing N N 347 
LYS CB  HB3  sing N N 348 
LYS CG  CD   sing N N 349 
LYS CG  HG2  sing N N 350 
LYS CG  HG3  sing N N 351 
LYS CD  CE   sing N N 352 
LYS CD  HD2  sing N N 353 
LYS CD  HD3  sing N N 354 
LYS CE  NZ   sing N N 355 
LYS CE  HE2  sing N N 356 
LYS CE  HE3  sing N N 357 
LYS NZ  HZ1  sing N N 358 
LYS NZ  HZ2  sing N N 359 
LYS NZ  HZ3  sing N N 360 
LYS OXT HXT  sing N N 361 
PHE N   CA   sing N N 362 
PHE N   H    sing N N 363 
PHE N   H2   sing N N 364 
PHE CA  C    sing N N 365 
PHE CA  CB   sing N N 366 
PHE CA  HA   sing N N 367 
PHE C   O    doub N N 368 
PHE C   OXT  sing N N 369 
PHE CB  CG   sing N N 370 
PHE CB  HB2  sing N N 371 
PHE CB  HB3  sing N N 372 
PHE CG  CD1  doub Y N 373 
PHE CG  CD2  sing Y N 374 
PHE CD1 CE1  sing Y N 375 
PHE CD1 HD1  sing N N 376 
PHE CD2 CE2  doub Y N 377 
PHE CD2 HD2  sing N N 378 
PHE CE1 CZ   doub Y N 379 
PHE CE1 HE1  sing N N 380 
PHE CE2 CZ   sing Y N 381 
PHE CE2 HE2  sing N N 382 
PHE CZ  HZ   sing N N 383 
PHE OXT HXT  sing N N 384 
PRO N   CA   sing N N 385 
PRO N   CD   sing N N 386 
PRO N   H    sing N N 387 
PRO CA  C    sing N N 388 
PRO CA  CB   sing N N 389 
PRO CA  HA   sing N N 390 
PRO C   O    doub N N 391 
PRO C   OXT  sing N N 392 
PRO CB  CG   sing N N 393 
PRO CB  HB2  sing N N 394 
PRO CB  HB3  sing N N 395 
PRO CG  CD   sing N N 396 
PRO CG  HG2  sing N N 397 
PRO CG  HG3  sing N N 398 
PRO CD  HD2  sing N N 399 
PRO CD  HD3  sing N N 400 
PRO OXT HXT  sing N N 401 
SER N   CA   sing N N 402 
SER N   H    sing N N 403 
SER N   H2   sing N N 404 
SER CA  C    sing N N 405 
SER CA  CB   sing N N 406 
SER CA  HA   sing N N 407 
SER C   O    doub N N 408 
SER C   OXT  sing N N 409 
SER CB  OG   sing N N 410 
SER CB  HB2  sing N N 411 
SER CB  HB3  sing N N 412 
SER OG  HG   sing N N 413 
SER OXT HXT  sing N N 414 
THR N   CA   sing N N 415 
THR N   H    sing N N 416 
THR N   H2   sing N N 417 
THR CA  C    sing N N 418 
THR CA  CB   sing N N 419 
THR CA  HA   sing N N 420 
THR C   O    doub N N 421 
THR C   OXT  sing N N 422 
THR CB  OG1  sing N N 423 
THR CB  CG2  sing N N 424 
THR CB  HB   sing N N 425 
THR OG1 HG1  sing N N 426 
THR CG2 HG21 sing N N 427 
THR CG2 HG22 sing N N 428 
THR CG2 HG23 sing N N 429 
THR OXT HXT  sing N N 430 
TRP N   CA   sing N N 431 
TRP N   H    sing N N 432 
TRP N   H2   sing N N 433 
TRP CA  C    sing N N 434 
TRP CA  CB   sing N N 435 
TRP CA  HA   sing N N 436 
TRP C   O    doub N N 437 
TRP C   OXT  sing N N 438 
TRP CB  CG   sing N N 439 
TRP CB  HB2  sing N N 440 
TRP CB  HB3  sing N N 441 
TRP CG  CD1  doub Y N 442 
TRP CG  CD2  sing Y N 443 
TRP CD1 NE1  sing Y N 444 
TRP CD1 HD1  sing N N 445 
TRP CD2 CE2  doub Y N 446 
TRP CD2 CE3  sing Y N 447 
TRP NE1 CE2  sing Y N 448 
TRP NE1 HE1  sing N N 449 
TRP CE2 CZ2  sing Y N 450 
TRP CE3 CZ3  doub Y N 451 
TRP CE3 HE3  sing N N 452 
TRP CZ2 CH2  doub Y N 453 
TRP CZ2 HZ2  sing N N 454 
TRP CZ3 CH2  sing Y N 455 
TRP CZ3 HZ3  sing N N 456 
TRP CH2 HH2  sing N N 457 
TRP OXT HXT  sing N N 458 
TYR N   CA   sing N N 459 
TYR N   H    sing N N 460 
TYR N   H2   sing N N 461 
TYR CA  C    sing N N 462 
TYR CA  CB   sing N N 463 
TYR CA  HA   sing N N 464 
TYR C   O    doub N N 465 
TYR C   OXT  sing N N 466 
TYR CB  CG   sing N N 467 
TYR CB  HB2  sing N N 468 
TYR CB  HB3  sing N N 469 
TYR CG  CD1  doub Y N 470 
TYR CG  CD2  sing Y N 471 
TYR CD1 CE1  sing Y N 472 
TYR CD1 HD1  sing N N 473 
TYR CD2 CE2  doub Y N 474 
TYR CD2 HD2  sing N N 475 
TYR CE1 CZ   doub Y N 476 
TYR CE1 HE1  sing N N 477 
TYR CE2 CZ   sing Y N 478 
TYR CE2 HE2  sing N N 479 
TYR CZ  OH   sing N N 480 
TYR OH  HH   sing N N 481 
TYR OXT HXT  sing N N 482 
VAL N   CA   sing N N 483 
VAL N   H    sing N N 484 
VAL N   H2   sing N N 485 
VAL CA  C    sing N N 486 
VAL CA  CB   sing N N 487 
VAL CA  HA   sing N N 488 
VAL C   O    doub N N 489 
VAL C   OXT  sing N N 490 
VAL CB  CG1  sing N N 491 
VAL CB  CG2  sing N N 492 
VAL CB  HB   sing N N 493 
VAL CG1 HG11 sing N N 494 
VAL CG1 HG12 sing N N 495 
VAL CG1 HG13 sing N N 496 
VAL CG2 HG21 sing N N 497 
VAL CG2 HG22 sing N N 498 
VAL CG2 HG23 sing N N 499 
VAL OXT HXT  sing N N 500 
# 
loop_
_pdbx_audit_support.funding_organization 
_pdbx_audit_support.country 
_pdbx_audit_support.grant_number 
_pdbx_audit_support.ordinal 
'Irish Research Council'     Ireland GOIPG/2021/333 1 
'Science Foundation Ireland' Ireland 12/RC/2275_P2  2 
# 
_pdbx_initial_refinement_model.id               1 
_pdbx_initial_refinement_model.entity_id_list   ? 
_pdbx_initial_refinement_model.type             'experimental model' 
_pdbx_initial_refinement_model.source_name      PDB 
_pdbx_initial_refinement_model.accession_code   2BT9 
_pdbx_initial_refinement_model.details          ? 
# 
_space_group.name_H-M_alt     'I 2 3' 
_space_group.name_Hall        'I 2 2 3' 
_space_group.IT_number        197 
_space_group.crystal_system   cubic 
_space_group.id               1 
# 
_atom_sites.entry_id                    9HBG 
_atom_sites.Cartn_transf_matrix[1][1]   ? 
_atom_sites.Cartn_transf_matrix[1][2]   ? 
_atom_sites.Cartn_transf_matrix[1][3]   ? 
_atom_sites.Cartn_transf_matrix[2][1]   ? 
_atom_sites.Cartn_transf_matrix[2][2]   ? 
_atom_sites.Cartn_transf_matrix[2][3]   ? 
_atom_sites.Cartn_transf_matrix[3][1]   ? 
_atom_sites.Cartn_transf_matrix[3][2]   ? 
_atom_sites.Cartn_transf_matrix[3][3]   ? 
_atom_sites.Cartn_transf_vector[1]      ? 
_atom_sites.Cartn_transf_vector[2]      ? 
_atom_sites.Cartn_transf_vector[3]      ? 
_atom_sites.Cartn_transform_axes        ? 
_atom_sites.fract_transf_matrix[1][1]   -0.00858285 
_atom_sites.fract_transf_matrix[1][2]   -0.00240910 
_atom_sites.fract_transf_matrix[1][3]   -0.00696851 
_atom_sites.fract_transf_matrix[2][1]   -0.00253953 
_atom_sites.fract_transf_matrix[2][2]   -0.00907375 
_atom_sites.fract_transf_matrix[2][3]   0.00626475 
_atom_sites.fract_transf_matrix[3][1]   -0.00692204 
_atom_sites.fract_transf_matrix[3][2]   0.00631606 
_atom_sites.fract_transf_matrix[3][3]   0.00634208 
_atom_sites.fract_transf_vector[1]      -0.162790 
_atom_sites.fract_transf_vector[2]      -0.097549 
_atom_sites.fract_transf_vector[3]      0.266714 
_atom_sites.solution_primary            ? 
_atom_sites.solution_secondary          ? 
_atom_sites.solution_hydrogens          ? 
_atom_sites.special_details             ? 
# 
loop_
_atom_type.symbol 
_atom_type.scat_dispersion_real 
_atom_type.scat_dispersion_imag 
_atom_type.scat_Cromer_Mann_a1 
_atom_type.scat_Cromer_Mann_a2 
_atom_type.scat_Cromer_Mann_a3 
_atom_type.scat_Cromer_Mann_a4 
_atom_type.scat_Cromer_Mann_b1 
_atom_type.scat_Cromer_Mann_b2 
_atom_type.scat_Cromer_Mann_b3 
_atom_type.scat_Cromer_Mann_b4 
_atom_type.scat_Cromer_Mann_c 
_atom_type.scat_source 
_atom_type.scat_dispersion_source 
C ? ? 3.54356 2.42580 ? ? 25.62398 1.50364  ? ? 0.0 
;2-Gaussian fit: Grosse-Kunstleve RW, Sauter NK, Adams PD: Newsletter of the IUCr Commission on Crystallographic Computing 2004, 3, 22-31.
;
? 
N ? ? 4.01032 2.96436 ? ? 19.97189 1.75589  ? ? 0.0 
;2-Gaussian fit: Grosse-Kunstleve RW, Sauter NK, Adams PD: Newsletter of the IUCr Commission on Crystallographic Computing 2004, 3, 22-31.
;
? 
O ? ? 4.49882 3.47563 ? ? 15.80542 1.70748  ? ? 0.0 
;2-Gaussian fit: Grosse-Kunstleve RW, Sauter NK, Adams PD: Newsletter of the IUCr Commission on Crystallographic Computing 2004, 3, 22-31.
;
? 
P ? ? 9.51135 5.44231 ? ? 1.42069  35.72801 ? ? 0.0 
;2-Gaussian fit: Grosse-Kunstleve RW, Sauter NK, Adams PD: Newsletter of the IUCr Commission on Crystallographic Computing 2004, 3, 22-31.
;
? 
S ? ? 9.55732 6.39887 ? ? 1.23737  29.19336 ? ? 0.0 
;2-Gaussian fit: Grosse-Kunstleve RW, Sauter NK, Adams PD: Newsletter of the IUCr Commission on Crystallographic Computing 2004, 3, 22-31.
;
? 
# 
loop_
_atom_site.group_PDB 
_atom_site.id 
_atom_site.type_symbol 
_atom_site.label_atom_id 
_atom_site.label_alt_id 
_atom_site.label_comp_id 
_atom_site.label_asym_id 
_atom_site.label_entity_id 
_atom_site.label_seq_id 
_atom_site.pdbx_PDB_ins_code 
_atom_site.Cartn_x 
_atom_site.Cartn_y 
_atom_site.Cartn_z 
_atom_site.occupancy 
_atom_site.B_iso_or_equiv 
_atom_site.pdbx_formal_charge 
_atom_site.auth_seq_id 
_atom_site.auth_comp_id 
_atom_site.auth_asym_id 
_atom_site.auth_atom_id 
_atom_site.pdbx_PDB_model_num 
ATOM   1   N N   . PRO A 1 1  ? 7.69767   23.13831  -6.90262  1.000 54.74187 ? 0   PRO A N   1 
ATOM   2   C CA  . PRO A 1 1  ? 6.30617   23.01696  -6.45139  1.000 44.03754 ? 0   PRO A CA  1 
ATOM   3   C C   . PRO A 1 1  ? 6.08299   21.75093  -5.63625  1.000 48.30083 ? 0   PRO A C   1 
ATOM   4   O O   . PRO A 1 1  ? 6.80584   20.76673  -5.81077  1.000 46.95635 ? 0   PRO A O   1 
ATOM   5   C CB  . PRO A 1 1  ? 5.51995   22.93809  -7.76242  1.000 39.40030 ? 0   PRO A CB  1 
ATOM   6   C CG  . PRO A 1 1  ? 6.37403   23.66608  -8.75105  1.000 50.16866 ? 0   PRO A CG  1 
ATOM   7   C CD  . PRO A 1 1  ? 7.79339   23.37161  -8.35496  1.000 53.44020 ? 0   PRO A CD  1 
ATOM   8   N N   . LYS A 1 2  ? 5.08743   21.78541  -4.75518  1.000 33.70544 ? 1   LYS A N   1 
ATOM   9   C CA  . LYS A 1 2  ? 4.77061   20.64442  -3.91508  1.000 32.39757 ? 1   LYS A CA  1 
ATOM   10  C C   . LYS A 1 2  ? 3.94503   19.63086  -4.69353  1.000 35.55064 ? 1   LYS A C   1 
ATOM   11  O O   . LYS A 1 2  ? 3.24321   19.96339  -5.65469  1.000 31.79158 ? 1   LYS A O   1 
ATOM   12  C CB  . LYS A 1 2  ? 3.95610   21.08864  -2.70441  1.000 31.71506 ? 1   LYS A CB  1 
ATOM   13  C CG  . LYS A 1 2  ? 4.63665   22.11400  -1.83526  1.000 31.28326 ? 1   LYS A CG  1 
ATOM   14  C CD  . LYS A 1 2  ? 3.77471   22.44092  -0.63526  1.000 39.02495 ? 1   LYS A CD  1 
ATOM   15  C CE  . LYS A 1 2  ? 4.30167   23.65612  0.09508   1.000 39.54428 ? 1   LYS A CE  1 
ATOM   16  N NZ  . LYS A 1 2  ? 5.73257   23.50062  0.45083   1.000 45.94355 ? 1   LYS A NZ  1 
ATOM   17  N N   . SER A 1 3  ? 4.01348   18.38019  -4.24895  1.000 33.19379 ? 2   SER A N   1 
ATOM   18  C CA  . SER A 1 3  ? 3.28033   17.31655  -4.91079  1.000 33.77290 ? 2   SER A CA  1 
ATOM   19  C C   . SER A 1 3  ? 2.99257   16.22446  -3.89711  1.000 30.08450 ? 2   SER A C   1 
ATOM   20  O O   . SER A 1 3  ? 3.83164   15.94248  -3.03767  1.000 29.85898 ? 2   SER A O   1 
ATOM   21  C CB  . SER A 1 3  ? 4.11239   16.73517  -6.05226  1.000 35.08780 ? 2   SER A CB  1 
ATOM   22  O OG  . SER A 1 3  ? 3.38252   15.73040  -6.71435  1.000 45.30948 ? 2   SER A OG  1 
ATOM   23  N N   . VAL A 1 4  ? 1.79166   15.63718  -3.98056  1.000 29.71521 ? 3   VAL A N   1 
ATOM   24  C CA  . VAL A 1 4  ? 1.56722   14.36937  -3.29295  1.000 32.07343 ? 3   VAL A CA  1 
ATOM   25  C C   . VAL A 1 4  ? 2.50297   13.32647  -3.89542  1.000 29.52383 ? 3   VAL A C   1 
ATOM   26  O O   . VAL A 1 4  ? 3.07468   13.51350  -4.97428  1.000 32.07912 ? 3   VAL A O   1 
ATOM   27  C CB  . VAL A 1 4  ? 0.10439   13.89743  -3.35537  1.000 30.48863 ? 3   VAL A CB  1 
ATOM   28  C CG1 . VAL A 1 4  ? -0.79546  14.81970  -2.54612  1.000 34.06793 ? 3   VAL A CG1 1 
ATOM   29  C CG2 . VAL A 1 4  ? -0.37691  13.81711  -4.78979  1.000 32.58059 ? 3   VAL A CG2 1 
ATOM   30  N N   . GLN A 1 5  ? 2.66426   12.21564  -3.18311  1.000 31.87665 ? 4   GLN A N   1 
ATOM   31  C CA  . GLN A 1 5  ? 3.54763   11.14477  -3.62461  1.000 31.42092 ? 4   GLN A CA  1 
ATOM   32  C C   . GLN A 1 5  ? 2.77931   9.82781   -3.63030  1.000 26.71547 ? 4   GLN A C   1 
ATOM   33  O O   . GLN A 1 5  ? 2.08717   9.50502   -2.65737  1.000 28.89271 ? 4   GLN A O   1 
ATOM   34  C CB  . GLN A 1 5  ? 4.78682   11.07448  -2.72989  1.000 34.26507 ? 4   GLN A CB  1 
ATOM   35  C CG  . GLN A 1 5  ? 5.84851   10.09932  -3.19528  1.000 40.98727 ? 4   GLN A CG  1 
ATOM   36  C CD  . GLN A 1 5  ? 5.76684   8.78000   -2.46079  1.000 38.89761 ? 4   GLN A CD  1 
ATOM   37  O OE1 . GLN A 1 5  ? 5.40456   8.73734   -1.28399  1.000 46.11965 ? 4   GLN A OE1 1 
ATOM   38  N NE2 . GLN A 1 5  ? 6.08976   7.69148   -3.15377  1.000 42.88729 ? 4   GLN A NE2 1 
ATOM   39  N N   . THR A 1 6  ? 2.88197   9.07803   -4.73533  1.000 26.81250 ? 5   THR A N   1 
ATOM   40  C CA  . THR A 1 6  ? 2.08850   7.86482   -4.91521  1.000 22.85923 ? 5   THR A CA  1 
ATOM   41  C C   . THR A 1 6  ? 2.95563   6.63581   -5.17352  1.000 23.96137 ? 5   THR A C   1 
ATOM   42  O O   . THR A 1 6  ? 4.12335   6.72920   -5.56209  1.000 22.97954 ? 5   THR A O   1 
ATOM   43  C CB  . THR A 1 6  ? 1.06276   7.99330   -6.05437  1.000 22.94045 ? 5   THR A CB  1 
ATOM   44  O OG1 . THR A 1 6  ? 1.74654   8.05116   -7.30975  1.000 23.97653 ? 5   THR A OG1 1 
ATOM   45  C CG2 . THR A 1 6  ? 0.19876   9.24673   -5.88627  1.000 25.47464 ? 5   THR A CG2 1 
ATOM   46  N N   . ALA A 1 7  ? 2.33866   5.47466   -4.95279  1.000 22.50634 ? 6   ALA A N   1 
ATOM   47  C CA  . ALA A 1 7  ? 2.89051   4.16630   -5.27681  1.000 22.14463 ? 6   ALA A CA  1 
ATOM   48  C C   . ALA A 1 7  ? 1.73417   3.31525   -5.77184  1.000 23.25716 ? 6   ALA A C   1 
ATOM   49  O O   . ALA A 1 7  ? 0.59942   3.47803   -5.32082  1.000 21.97024 ? 6   ALA A O   1 
ATOM   50  C CB  . ALA A 1 7  ? 3.51463   3.50816   -4.04546  1.000 22.31016 ? 6   ALA A CB  1 
ATOM   51  N N   . ALA A 1 8  ? 2.02007   2.40400   -6.70404  1.000 19.10477 ? 7   ALA A N   1 
ATOM   52  C CA  . ALA A 1 8  ? 0.95957   1.63023   -7.34556  1.000 20.06863 ? 7   ALA A CA  1 
ATOM   53  C C   . ALA A 1 8  ? 1.38238   0.17701   -7.52831  1.000 17.81011 ? 7   ALA A C   1 
ATOM   54  O O   . ALA A 1 8  ? 2.56203   -0.12402  -7.73196  1.000 18.41826 ? 7   ALA A O   1 
ATOM   55  C CB  . ALA A 1 8  ? 0.57387   2.21369   -8.70742  1.000 20.10191 ? 7   ALA A CB  1 
ATOM   56  N N   . THR A 1 9  ? 0.40010   -0.71397  -7.43668  1.000 17.15825 ? 8   THR A N   1 
ATOM   57  C CA  . THR A 1 9  ? 0.61131   -2.12787  -7.73058  1.000 17.57319 ? 8   THR A CA  1 
ATOM   58  C C   . THR A 1 9  ? -0.65210  -2.67495  -8.38634  1.000 16.74512 ? 8   THR A C   1 
ATOM   59  O O   . THR A 1 9  ? -1.73829  -2.08477  -8.27646  1.000 16.83034 ? 8   THR A O   1 
ATOM   60  C CB  . THR A 1 9  ? 0.99917   -2.90892  -6.46345  1.000 16.33286 ? 8   THR A CB  1 
ATOM   61  O OG1 . THR A 1 9  ? 1.52518   -4.19767  -6.81371  1.000 17.69032 ? 8   THR A OG1 1 
ATOM   62  C CG2 . THR A 1 9  ? -0.18437  -3.07532  -5.54355  1.000 17.44179 ? 8   THR A CG2 1 
ATOM   63  N N   . SER A 1 10 ? -0.51614  -3.80975  -9.07765  1.000 16.57046 ? 9   SER A N   1 
ATOM   64  C CA  . SER A 1 10 ? -1.64957  -4.41863  -9.77909  1.000 14.65485 ? 9   SER A CA  1 
ATOM   65  C C   . SER A 1 10 ? -1.45227  -5.93098  -9.83940  1.000 16.04542 ? 9   SER A C   1 
ATOM   66  O O   . SER A 1 10 ? -0.32398  -6.41945  -9.77040  1.000 15.33189 ? 9   SER A O   1 
ATOM   67  C CB  . SER A 1 10 ? -1.79207  -3.83744  -11.19239 1.000 16.25874 ? 9   SER A CB  1 
ATOM   68  O OG  . SER A 1 10 ? -0.61772  -4.07057  -11.95442 1.000 16.30504 ? 9   SER A OG  1 
ATOM   69  N N   . TRP A 1 11 ? -2.55338  -6.66887  -10.00690 1.000 16.40885 ? 10  TRP A N   1 
ATOM   70  C CA  . TRP A 1 11 ? -2.46734  -8.12504  -10.13079 1.000 16.91122 ? 10  TRP A CA  1 
ATOM   71  C C   . TRP A 1 11 ? -3.60852  -8.68708  -10.97499 1.000 14.98150 ? 10  TRP A C   1 
ATOM   72  O O   . TRP A 1 11 ? -4.71061  -8.12475  -11.04754 1.000 15.87528 ? 10  TRP A O   1 
ATOM   73  C CB  . TRP A 1 11 ? -2.40394  -8.85198  -8.78068  1.000 14.08879 ? 10  TRP A CB  1 
ATOM   74  C CG  . TRP A 1 11 ? -3.60794  -8.69962  -7.92911  1.000 15.06235 ? 10  TRP A CG  1 
ATOM   75  C CD1 . TRP A 1 11 ? -4.68516  -9.52596  -7.85903  1.000 16.38360 ? 10  TRP A CD1 1 
ATOM   76  C CD2 . TRP A 1 11 ? -3.85129  -7.65369  -6.96378  1.000 14.88786 ? 10  TRP A CD2 1 
ATOM   77  N NE1 . TRP A 1 11 ? -5.57908  -9.07142  -6.92197  1.000 18.28894 ? 10  TRP A NE1 1 
ATOM   78  C CE2 . TRP A 1 11 ? -5.08859  -7.92700  -6.35486  1.000 16.58115 ? 10  TRP A CE2 1 
ATOM   79  C CE3 . TRP A 1 11 ? -3.13541  -6.51497  -6.55569  1.000 16.98047 ? 10  TRP A CE3 1 
ATOM   80  C CZ2 . TRP A 1 11 ? -5.64467  -7.09281  -5.37091  1.000 17.91181 ? 10  TRP A CZ2 1 
ATOM   81  C CZ3 . TRP A 1 11 ? -3.68832  -5.68713  -5.56282  1.000 17.01326 ? 10  TRP A CZ3 1 
ATOM   82  C CH2 . TRP A 1 11 ? -4.92482  -5.98818  -4.99000  1.000 18.17690 ? 10  TRP A CH2 1 
ATOM   83  N N   . GLY A 1 12 ? -3.33447  -9.85660  -11.58334 1.000 15.71936 ? 11  GLY A N   1 
ATOM   84  C CA  . GLY A 1 12 ? -4.32959  -10.55917 -12.36316 1.000 16.35601 ? 11  GLY A CA  1 
ATOM   85  C C   . GLY A 1 12 ? -4.59924  -9.89457  -13.69314 1.000 15.14732 ? 11  GLY A C   1 
ATOM   86  O O   . GLY A 1 12 ? -3.87884  -9.01034  -14.14891 1.000 17.42450 ? 11  GLY A O   1 
ATOM   87  N N   . THR A 1 13 ? -5.69410  -10.32331 -14.30703 1.000 15.80237 ? 12  THR A N   1 
ATOM   88  C CA  . THR A 1 13 ? -6.04665  -9.90834  -15.66115 1.000 16.21239 ? 12  THR A CA  1 
ATOM   89  C C   . THR A 1 13 ? -7.20367  -8.91584  -15.72699 1.000 17.98039 ? 12  THR A C   1 
ATOM   90  O O   . THR A 1 13 ? -7.48343  -8.39626  -16.81449 1.000 18.56784 ? 12  THR A O   1 
ATOM   91  C CB  . THR A 1 13 ? -6.37462  -11.14398 -16.52181 1.000 17.85700 ? 12  THR A CB  1 
ATOM   92  O OG1 . THR A 1 13 ? -7.44670  -11.88046 -15.91069 1.000 17.09339 ? 12  THR A OG1 1 
ATOM   93  C CG2 . THR A 1 13 ? -5.16770  -12.04160 -16.61010 1.000 19.05675 ? 12  THR A CG2 1 
ATOM   94  N N   . VAL A 1 14 ? -7.89315  -8.64614  -14.62072 1.000 16.19149 ? 13  VAL A N   1 
ATOM   95  C CA  . VAL A 1 14 ? -8.98648  -7.67949  -14.65852 1.000 18.10194 ? 13  VAL A CA  1 
ATOM   96  C C   . VAL A 1 14 ? -8.50285  -6.28529  -15.03557 1.000 17.47597 ? 13  VAL A C   1 
ATOM   97  O O   . VAL A 1 14 ? -9.08330  -5.68216  -15.95574 1.000 18.90220 ? 13  VAL A O   1 
ATOM   98  C CB  . VAL A 1 14 ? -9.80835  -7.74127  -13.35792 1.000 17.84896 ? 13  VAL A CB  1 
ATOM   99  C CG1 . VAL A 1 14 ? -10.89137 -6.65746  -13.36604 1.000 20.22442 ? 13  VAL A CG1 1 
ATOM   100 C CG2 . VAL A 1 14 ? -10.40867 -9.12701  -13.18595 1.000 20.99996 ? 13  VAL A CG2 1 
ATOM   101 N N   . PRO A 1 15 ? -7.47834  -5.70337  -14.38243 1.000 16.77383 ? 14  PRO A N   1 
ATOM   102 C CA  . PRO A 1 15 ? -6.75685  -6.19883  -13.20606 1.000 15.53713 ? 14  PRO A CA  1 
ATOM   103 C C   . PRO A 1 15 ? -7.36717  -5.59809  -11.94348 1.000 16.32104 ? 14  PRO A C   1 
ATOM   104 O O   . PRO A 1 15 ? -8.32158  -4.79761  -11.99606 1.000 18.46283 ? 14  PRO A O   1 
ATOM   105 C CB  . PRO A 1 15 ? -5.37312  -5.58818  -13.41522 1.000 17.08454 ? 14  PRO A CB  1 
ATOM   106 C CG  . PRO A 1 15 ? -5.71492  -4.20552  -13.89930 1.000 18.38966 ? 14  PRO A CG  1 
ATOM   107 C CD  . PRO A 1 15 ? -6.91784  -4.40245  -14.81426 1.000 16.92784 ? 14  PRO A CD  1 
ATOM   108 N N   . SER A 1 16 ? -6.85656  -5.99483  -10.78541 1.000 15.97751 ? 15  SER A N   1 
ATOM   109 C CA  . SER A 1 16 ? -6.97773  -5.18852  -9.58102  1.000 14.74825 ? 15  SER A CA  1 
ATOM   110 C C   . SER A 1 16 ? -5.79257  -4.24034  -9.52704  1.000 16.47128 ? 15  SER A C   1 
ATOM   111 O O   . SER A 1 16 ? -4.65761  -4.63628  -9.81799  1.000 17.00133 ? 15  SER A O   1 
ATOM   112 C CB  . SER A 1 16 ? -6.98078  -6.06079  -8.32815  1.000 17.55150 ? 15  SER A CB  1 
ATOM   113 O OG  . SER A 1 16 ? -8.20241  -6.76521  -8.15878  1.000 18.62404 ? 15  SER A OG  1 
ATOM   114 N N   . ILE A 1 17 ? -6.06322  -2.97674  -9.18086  1.000 16.89799 ? 16  ILE A N   1 
ATOM   115 C CA  . ILE A 1 17 ? -5.03567  -1.95607  -8.99902  1.000 17.52275 ? 16  ILE A CA  1 
ATOM   116 C C   . ILE A 1 17 ? -5.23686  -1.34030  -7.62303  1.000 16.56652 ? 16  ILE A C   1 
ATOM   117 O O   . ILE A 1 17 ? -6.37865  -1.13999  -7.18769  1.000 17.40110 ? 16  ILE A O   1 
ATOM   118 C CB  . ILE A 1 17 ? -5.09901  -0.85237  -10.08606 1.000 17.04181 ? 16  ILE A CB  1 
ATOM   119 C CG1 . ILE A 1 17 ? -5.17963  -1.43001  -11.50641 1.000 18.87244 ? 16  ILE A CG1 1 
ATOM   120 C CG2 . ILE A 1 17 ? -3.93282  0.11124   -9.94566  1.000 19.43105 ? 16  ILE A CG2 1 
ATOM   121 C CD1 . ILE A 1 17 ? -5.49193  -0.36574  -12.56420 1.000 20.20978 ? 16  ILE A CD1 1 
ATOM   122 N N   . ARG A 1 18 ? -4.13094  -1.07632  -6.92405  1.000 16.57696 ? 17  ARG A N   1 
ATOM   123 C CA  . ARG A 1 18 ? -4.13975  -0.28056  -5.70305  1.000 17.87537 ? 17  ARG A CA  1 
ATOM   124 C C   . ARG A 1 18 ? -3.15008  0.86397   -5.85981  1.000 19.74519 ? 17  ARG A C   1 
ATOM   125 O O   . ARG A 1 18 ? -1.99088  0.65060   -6.23213  1.000 18.85305 ? 17  ARG A O   1 
ATOM   126 C CB  . ARG A 1 18 ? -3.76363  -1.13244  -4.49367  1.000 18.33828 ? 17  ARG A CB  1 
ATOM   127 C CG  . ARG A 1 18 ? -4.70085  -2.32451  -4.26001  1.000 18.63708 ? 17  ARG A CG  1 
ATOM   128 C CD  . ARG A 1 18 ? -6.12705  -1.90810  -3.86369  1.000 17.36240 ? 17  ARG A CD  1 
ATOM   129 N NE  . ARG A 1 18 ? -6.98731  -3.05552  -3.58612  1.000 18.77341 ? 17  ARG A NE  1 
ATOM   130 C CZ  . ARG A 1 18 ? -7.76009  -3.65806  -4.48636  1.000 19.87219 ? 17  ARG A CZ  1 
ATOM   131 N NH1 . ARG A 1 18 ? -7.80340  -3.25027  -5.74686  1.000 18.73095 ? 17  ARG A NH1 1 
ATOM   132 N NH2 . ARG A 1 18 ? -8.50492  -4.69537  -4.11235  1.000 20.52384 ? 17  ARG A NH2 1 
ATOM   133 N N   . VAL A 1 19 ? -3.61257  2.07996   -5.57345  1.000 19.75042 ? 18  VAL A N   1 
ATOM   134 C CA  . VAL A 1 19 ? -2.78704  3.28487   -5.61626  1.000 19.43758 ? 18  VAL A CA  1 
ATOM   135 C C   . VAL A 1 19 ? -2.76413  3.89349   -4.21515  1.000 20.01960 ? 18  VAL A C   1 
ATOM   136 O O   . VAL A 1 19 ? -3.82316  4.19905   -3.64662  1.000 20.29982 ? 18  VAL A O   1 
ATOM   137 C CB  . VAL A 1 19 ? -3.32811  4.29417   -6.63665  1.000 20.98079 ? 18  VAL A CB  1 
ATOM   138 C CG1 . VAL A 1 19 ? -2.43511  5.52319   -6.70413  1.000 21.74936 ? 18  VAL A CG1 1 
ATOM   139 C CG2 . VAL A 1 19 ? -3.46173  3.63829   -7.99703  1.000 20.21482 ? 18  VAL A CG2 1 
ATOM   140 N N   . TYR A 1 20 ? -1.56176  4.06760   -3.67047  1.000 21.69847 ? 19  TYR A N   1 
ATOM   141 C CA  . TYR A 1 20 ? -1.33547  4.63880   -2.34854  1.000 23.37119 ? 19  TYR A CA  1 
ATOM   142 C C   . TYR A 1 20 ? -0.83064  6.06343   -2.51436  1.000 23.26565 ? 19  TYR A C   1 
ATOM   143 O O   . TYR A 1 20 ? 0.04144   6.32697   -3.34357  1.000 22.32091 ? 19  TYR A O   1 
ATOM   144 C CB  . TYR A 1 20 ? -0.31773  3.79134   -1.56631  1.000 23.05435 ? 19  TYR A CB  1 
ATOM   145 C CG  . TYR A 1 20 ? -0.83117  2.37063   -1.45522  1.000 20.62462 ? 19  TYR A CG  1 
ATOM   146 C CD1 . TYR A 1 20 ? -1.66283  2.00107   -0.40137  1.000 22.04834 ? 19  TYR A CD1 1 
ATOM   147 C CD2 . TYR A 1 20 ? -0.56934  1.41803   -2.45340  1.000 19.00617 ? 19  TYR A CD2 1 
ATOM   148 C CE1 . TYR A 1 20 ? -2.19241  0.72775   -0.31669  1.000 22.83192 ? 19  TYR A CE1 1 
ATOM   149 C CE2 . TYR A 1 20 ? -1.10211  0.14387   -2.37447  1.000 19.93467 ? 19  TYR A CE2 1 
ATOM   150 C CZ  . TYR A 1 20 ? -1.90644  -0.19877  -1.30791  1.000 20.72484 ? 19  TYR A CZ  1 
ATOM   151 O OH  . TYR A 1 20 ? -2.44104  -1.45938  -1.24178  1.000 20.85184 ? 19  TYR A OH  1 
ATOM   152 N N   . THR A 1 21 ? -1.39694  6.98649   -1.72964  1.000 24.31309 ? 20  THR A N   1 
ATOM   153 C CA  . THR A 1 21 ? -1.04249  8.40251   -1.80165  1.000 24.67018 ? 20  THR A CA  1 
ATOM   154 C C   . THR A 1 21 ? -0.62784  8.89376   -0.42401  1.000 25.46353 ? 20  THR A C   1 
ATOM   155 O O   . THR A 1 21 ? -1.40278  8.78713   0.53303   1.000 25.34235 ? 20  THR A O   1 
ATOM   156 C CB  . THR A 1 21 ? -2.22318  9.22819   -2.30528  1.000 25.19346 ? 20  THR A CB  1 
ATOM   157 O OG1 . THR A 1 21 ? -2.58739  8.78473   -3.61656  1.000 25.79791 ? 20  THR A OG1 1 
ATOM   158 C CG2 . THR A 1 21 ? -1.85075  10.69575  -2.36594  1.000 27.50845 ? 20  THR A CG2 1 
ATOM   159 N N   . ALA A 1 22 ? 0.58776   9.42754   -0.32899  1.000 25.31228 ? 21  ALA A N   1 
ATOM   160 C CA  . ALA A 1 22 ? 1.03483   10.12633  0.86949   1.000 27.38383 ? 21  ALA A CA  1 
ATOM   161 C C   . ALA A 1 22 ? 0.71557   11.60946  0.70366   1.000 33.80460 ? 21  ALA A C   1 
ATOM   162 O O   . ALA A 1 22 ? 1.13392   12.23619  -0.27726  1.000 31.51118 ? 21  ALA A O   1 
ATOM   163 C CB  . ALA A 1 22 ? 2.53213   9.91259   1.08434   1.000 29.32125 ? 21  ALA A CB  1 
ATOM   164 N N   . ASN A 1 23 ? -0.03998  12.16143  1.64831   1.000 34.92326 ? 22  ASN A N   1 
ATOM   165 C CA  . ASN A 1 23 ? -0.48340  13.54825  1.55825   1.000 37.41176 ? 22  ASN A CA  1 
ATOM   166 C C   . ASN A 1 23 ? -0.63330  14.07661  2.97370   1.000 36.97909 ? 22  ASN A C   1 
ATOM   167 O O   . ASN A 1 23 ? -1.44223  13.55188  3.74360   1.000 38.55464 ? 22  ASN A O   1 
ATOM   168 C CB  . ASN A 1 23 ? -1.81702  13.62408  0.80956   1.000 32.13548 ? 22  ASN A CB  1 
ATOM   169 C CG  . ASN A 1 23 ? -2.29924  15.04961  0.60493   1.000 41.27935 ? 22  ASN A CG  1 
ATOM   170 O OD1 . ASN A 1 23 ? -1.57579  16.01073  0.86668   1.000 40.73351 ? 22  ASN A OD1 1 
ATOM   171 N ND2 . ASN A 1 23 ? -3.52589  15.19003  0.11824   1.000 36.54729 ? 22  ASN A ND2 1 
ATOM   172 N N   . ASN A 1 24 ? 0.15633   15.09515  3.31417   1.000 45.19523 ? 23  ASN A N   1 
ATOM   173 C CA  . ASN A 1 24 ? 0.10464   15.72754  4.63531   1.000 41.12073 ? 23  ASN A CA  1 
ATOM   174 C C   . ASN A 1 24 ? 0.27275   14.71937  5.76948   1.000 39.87695 ? 23  ASN A C   1 
ATOM   175 O O   . ASN A 1 24 ? -0.43815  14.75582  6.77517   1.000 44.47769 ? 23  ASN A O   1 
ATOM   176 C CB  . ASN A 1 24 ? -1.15823  16.57115  4.81308   1.000 45.87679 ? 23  ASN A CB  1 
ATOM   177 C CG  . ASN A 1 24 ? -0.90857  18.04371  4.56535   1.000 53.71836 ? 23  ASN A CG  1 
ATOM   178 O OD1 . ASN A 1 24 ? 0.16753   18.56558  4.87541   1.000 51.50609 ? 23  ASN A OD1 1 
ATOM   179 N ND2 . ASN A 1 24 ? -1.90131  18.72524  4.00492   1.000 63.53857 ? 23  ASN A ND2 1 
ATOM   180 N N   . GLY A 1 25 ? 1.21873   13.80084  5.60109   1.000 34.69717 ? 24  GLY A N   1 
ATOM   181 C CA  . GLY A 1 25 ? 1.54664   12.84602  6.63561   1.000 34.38703 ? 24  GLY A CA  1 
ATOM   182 C C   . GLY A 1 25 ? 0.61332   11.66333  6.75903   1.000 31.69465 ? 24  GLY A C   1 
ATOM   183 O O   . GLY A 1 25 ? 0.81931   10.83142  7.65249   1.000 33.32631 ? 24  GLY A O   1 
ATOM   184 N N   . LYS A 1 26 ? -0.40409  11.55826  5.90487   1.000 37.47264 ? 25  LYS A N   1 
ATOM   185 C CA  . LYS A 1 26 ? -1.32697  10.43158  5.90769   1.000 37.09410 ? 25  LYS A CA  1 
ATOM   186 C C   . LYS A 1 26 ? -1.24362  9.70452   4.57094   1.000 32.90470 ? 25  LYS A C   1 
ATOM   187 O O   . LYS A 1 26 ? -1.17982  10.34232  3.51408   1.000 29.27054 ? 25  LYS A O   1 
ATOM   188 C CB  . LYS A 1 26 ? -2.77117  10.90002  6.14859   1.000 32.42971 ? 25  LYS A CB  1 
ATOM   189 C CG  . LYS A 1 26 ? -3.10052  11.21744  7.60050   0.000 35.68733 ? 25  LYS A CG  1 
ATOM   190 C CD  . LYS A 1 26 ? -3.93831  10.10947  8.22501   0.000 36.77517 ? 25  LYS A CD  1 
ATOM   191 C CE  . LYS A 1 26 ? -4.16225  10.33910  9.71383   0.000 36.71874 ? 25  LYS A CE  1 
ATOM   192 N NZ  . LYS A 1 26 ? -4.86813  11.61941  9.99910   0.000 36.18850 ? 25  LYS A NZ  1 
ATOM   193 N N   . ILE A 1 27 ? -1.23037  8.37057   4.62185   1.000 34.48011 ? 26  ILE A N   1 
ATOM   194 C CA  . ILE A 1 27 ? -1.27815  7.53127   3.42504   1.000 28.68253 ? 26  ILE A CA  1 
ATOM   195 C C   . ILE A 1 27 ? -2.65407  6.88780   3.34664   1.000 24.94517 ? 26  ILE A C   1 
ATOM   196 O O   . ILE A 1 27 ? -3.07901  6.19865   4.28093   1.000 27.17564 ? 26  ILE A O   1 
ATOM   197 C CB  . ILE A 1 27 ? -0.17327  6.46371   3.41705   1.000 27.96829 ? 26  ILE A CB  1 
ATOM   198 C CG1 . ILE A 1 27 ? 1.20666   7.11746   3.43261   1.000 26.85377 ? 26  ILE A CG1 1 
ATOM   199 C CG2 . ILE A 1 27 ? -0.30999  5.56677   2.17453   1.000 29.96262 ? 26  ILE A CG2 1 
ATOM   200 C CD1 . ILE A 1 27 ? 2.32759   6.13736   3.66917   1.000 29.20371 ? 26  ILE A CD1 1 
ATOM   201 N N   . THR A 1 28 ? -3.33790  7.09793   2.22469   1.000 28.14867 ? 27  THR A N   1 
ATOM   202 C CA  . THR A 1 28 ? -4.62199  6.47487   1.93775   1.000 26.63679 ? 27  THR A CA  1 
ATOM   203 C C   . THR A 1 28 ? -4.53841  5.66507   0.64365   1.000 27.03463 ? 27  THR A C   1 
ATOM   204 O O   . THR A 1 28 ? -3.55490  5.72655   -0.10191  1.000 25.10895 ? 27  THR A O   1 
ATOM   205 C CB  . THR A 1 28 ? -5.73213  7.52672   1.83638   1.000 27.21724 ? 27  THR A CB  1 
ATOM   206 O OG1 . THR A 1 28 ? -5.39582  8.47567   0.81656   1.000 28.08240 ? 27  THR A OG1 1 
ATOM   207 C CG2 . THR A 1 28 ? -5.90327  8.24955   3.17174   1.000 28.86464 ? 27  THR A CG2 1 
ATOM   208 N N   . GLU A 1 29 ? -5.61058  4.92126   0.37258   1.000 22.75407 ? 28  GLU A N   1 
ATOM   209 C CA  . GLU A 1 29 ? -5.60816  3.89086   -0.66085  1.000 27.05459 ? 28  GLU A CA  1 
ATOM   210 C C   . GLU A 1 29 ? -6.84517  4.02134   -1.53755  1.000 23.82033 ? 28  GLU A C   1 
ATOM   211 O O   . GLU A 1 29 ? -7.96447  4.12838   -1.02331  1.000 24.68391 ? 28  GLU A O   1 
ATOM   212 C CB  . GLU A 1 29 ? -5.59010  2.50369   -0.01079  1.000 23.11173 ? 28  GLU A CB  1 
ATOM   213 C CG  . GLU A 1 29 ? -5.54562  1.32989   -0.99426  1.000 22.42178 ? 28  GLU A CG  1 
ATOM   214 C CD  . GLU A 1 29 ? -5.79182  0.00852   -0.28809  1.000 22.68506 ? 28  GLU A CD  1 
ATOM   215 O OE1 . GLU A 1 29 ? -6.65311  -0.04107  0.61950   1.000 23.27265 ? 28  GLU A OE1 1 
ATOM   216 O OE2 . GLU A 1 29 ? -5.10897  -0.99207  -0.61154  1.000 22.50382 ? 28  GLU A OE2 1 
ATOM   217 N N   . ARG A 1 30 ? -6.64118  3.99198   -2.85595  1.000 23.39141 ? 29  ARG A N   1 
ATOM   218 C CA  . ARG A 1 30 ? -7.71364  3.91091   -3.83870  1.000 22.00551 ? 29  ARG A CA  1 
ATOM   219 C C   . ARG A 1 30 ? -7.58675  2.60438   -4.62030  1.000 20.82796 ? 29  ARG A C   1 
ATOM   220 O O   . ARG A 1 30 ? -6.47309  2.18873   -4.97764  1.000 22.04666 ? 29  ARG A O   1 
ATOM   221 C CB  . ARG A 1 30 ? -7.66081  5.10291   -4.80544  1.000 22.41848 ? 29  ARG A CB  1 
ATOM   222 C CG  . ARG A 1 30 ? -8.01188  6.44114   -4.15163  1.000 25.72909 ? 29  ARG A CG  1 
ATOM   223 C CD  . ARG A 1 30 ? -9.49121  6.49027   -3.82100  1.000 26.12579 ? 29  ARG A CD  1 
ATOM   224 N NE  . ARG A 1 30 ? -10.27365 6.98480   -4.94192  1.000 25.50518 ? 29  ARG A NE  1 
ATOM   225 C CZ  . ARG A 1 30 ? -11.59880 7.04024   -4.96451  1.000 23.16250 ? 29  ARG A CZ  1 
ATOM   226 N NH1 . ARG A 1 30 ? -12.32489 6.64162   -3.92879  1.000 28.31867 ? 29  ARG A NH1 1 
ATOM   227 N NH2 . ARG A 1 30 ? -12.20931 7.49814   -6.05401  1.000 26.59557 ? 29  ARG A NH2 1 
ATOM   228 N N   . CYS A 1 31 ? -8.73140  1.98053   -4.90589  1.000 20.73728 ? 30  CYS A N   1 
ATOM   229 C CA  . CYS A 1 31 ? -8.78367  0.61294   -5.40491  1.000 20.59944 ? 30  CYS A CA  1 
ATOM   230 C C   . CYS A 1 31 ? -9.60787  0.54039   -6.67776  1.000 20.10341 ? 30  CYS A C   1 
ATOM   231 O O   . CYS A 1 31 ? -10.63434 1.21898   -6.80881  1.000 22.03138 ? 30  CYS A O   1 
ATOM   232 C CB  . CYS A 1 31 ? -9.45235  -0.30537  -4.39262  1.000 21.88578 ? 30  CYS A CB  1 
ATOM   233 S SG  . CYS A 1 31 ? -8.82750  -0.14971  -2.72139  1.000 21.91742 ? 30  CYS A SG  1 
ATOM   234 N N   . TRP A 1 32 ? -9.16206  -0.31466  -7.60418  1.000 19.30506 ? 31  TRP A N   1 
ATOM   235 C CA  . TRP A 1 32 ? -9.88957  -0.67266  -8.81844  1.000 19.94841 ? 31  TRP A CA  1 
ATOM   236 C C   . TRP A 1 32 ? -9.94206  -2.19701  -8.92266  1.000 19.95607 ? 31  TRP A C   1 
ATOM   237 O O   . TRP A 1 32 ? -8.90657  -2.86503  -8.80380  1.000 19.93380 ? 31  TRP A O   1 
ATOM   238 C CB  . TRP A 1 32 ? -9.16552  -0.09264  -10.03714 1.000 20.68426 ? 31  TRP A CB  1 
ATOM   239 C CG  . TRP A 1 32 ? -9.72765  -0.50288  -11.37888 1.000 19.54686 ? 31  TRP A CG  1 
ATOM   240 C CD1 . TRP A 1 32 ? -9.35023  -1.58248  -12.14023 1.000 19.21868 ? 31  TRP A CD1 1 
ATOM   241 C CD2 . TRP A 1 32 ? -10.75239 0.16980   -12.12784 1.000 20.79109 ? 31  TRP A CD2 1 
ATOM   242 N NE1 . TRP A 1 32 ? -10.08380 -1.62961  -13.30447 1.000 19.47000 ? 31  TRP A NE1 1 
ATOM   243 C CE2 . TRP A 1 32 ? -10.94647 -0.55866  -13.32514 1.000 20.86687 ? 31  TRP A CE2 1 
ATOM   244 C CE3 . TRP A 1 32 ? -11.51732 1.32341   -11.90910 1.000 21.81654 ? 31  TRP A CE3 1 
ATOM   245 C CZ2 . TRP A 1 32 ? -11.88068 -0.16972  -14.29785 1.000 20.88685 ? 31  TRP A CZ2 1 
ATOM   246 C CZ3 . TRP A 1 32 ? -12.44256 1.70200   -12.87770 1.000 22.95504 ? 31  TRP A CZ3 1 
ATOM   247 C CH2 . TRP A 1 32 ? -12.61621 0.95480   -14.05061 1.000 22.30460 ? 31  TRP A CH2 1 
ATOM   248 N N   . ASP A 1 33 ? -11.14871 -2.75010  -9.12714  1.000 20.36300 ? 32  ASP A N   1 
ATOM   249 C CA  . ASP A 1 33 ? -11.33913 -4.16346  -9.44120  1.000 20.15726 ? 32  ASP A CA  1 
ATOM   250 C C   . ASP A 1 33 ? -12.20678 -4.30696  -10.68705 1.000 20.09179 ? 32  ASP A C   1 
ATOM   251 O O   . ASP A 1 33 ? -12.98991 -5.25596  -10.80174 1.000 21.75170 ? 32  ASP A O   1 
ATOM   252 C CB  . ASP A 1 33 ? -11.95354 -4.93898  -8.27087  1.000 22.29029 ? 32  ASP A CB  1 
ATOM   253 C CG  . ASP A 1 33 ? -11.15968 -4.80945  -6.96939  1.000 23.08284 ? 32  ASP A CG  1 
ATOM   254 O OD1 . ASP A 1 33 ? -9.91751  -4.99271  -6.96553  1.000 21.94774 ? 32  ASP A OD1 1 
ATOM   255 O OD2 . ASP A 1 33 ? -11.80823 -4.55468  -5.92725  1.000 27.94700 ? 32  ASP A OD2 1 
ATOM   256 N N   . GLY A 1 34 ? -12.09427 -3.36551  -11.61739 1.000 20.63902 ? 33  GLY A N   1 
ATOM   257 C CA  . GLY A 1 34 ? -12.75769 -3.45066  -12.89777 1.000 20.97062 ? 33  GLY A CA  1 
ATOM   258 C C   . GLY A 1 34 ? -14.05166 -2.67205  -13.01990 1.000 23.06489 ? 33  GLY A C   1 
ATOM   259 O O   . GLY A 1 34 ? -14.59895 -2.60006  -14.12972 1.000 24.28008 ? 33  GLY A O   1 
ATOM   260 N N   . LYS A 1 35 ? -14.55308 -2.07839  -11.93812 1.000 21.00174 ? 34  LYS A N   1 
ATOM   261 C CA  . LYS A 1 35 ? -15.89626 -1.50394  -11.96386 1.000 22.83346 ? 34  LYS A CA  1 
ATOM   262 C C   . LYS A 1 35 ? -15.96950 -0.22961  -11.13239 1.000 26.12825 ? 34  LYS A C   1 
ATOM   263 O O   . LYS A 1 35 ? -16.93180 -0.00876  -10.39122 1.000 28.13689 ? 34  LYS A O   1 
ATOM   264 C CB  . LYS A 1 35 ? -16.94354 -2.53263  -11.53197 1.000 24.95620 ? 34  LYS A CB  1 
ATOM   265 C CG  . LYS A 1 35 ? -16.72380 -3.15449  -10.15071 1.000 28.93458 ? 34  LYS A CG  1 
ATOM   266 C CD  . LYS A 1 35 ? -17.78726 -4.22159  -9.87174  1.000 29.63208 ? 34  LYS A CD  1 
ATOM   267 C CE  . LYS A 1 35 ? -17.90898 -4.56709  -8.39686  1.000 33.02958 ? 34  LYS A CE  1 
ATOM   268 N NZ  . LYS A 1 35 ? -16.75343 -5.33523  -7.90343  1.000 42.89134 ? 34  LYS A NZ  1 
ATOM   269 N N   . GLY A 1 36 ? -14.96963 0.62489   -11.24896 1.000 24.17744 ? 35  GLY A N   1 
ATOM   270 C CA  . GLY A 1 36 ? -14.97733 1.91833   -10.59443 1.000 23.67738 ? 35  GLY A CA  1 
ATOM   271 C C   . GLY A 1 36 ? -13.94900 2.00848   -9.47560  1.000 22.82509 ? 35  GLY A C   1 
ATOM   272 O O   . GLY A 1 36 ? -13.61105 1.01649   -8.81398  1.000 23.15265 ? 35  GLY A O   1 
ATOM   273 N N   . TRP A 1 37 ? -13.44782 3.22065   -9.25631  1.000 21.37207 ? 36  TRP A N   1 
ATOM   274 C CA  . TRP A 1 37 ? -12.48714 3.46097   -8.18791  1.000 21.32320 ? 36  TRP A CA  1 
ATOM   275 C C   . TRP A 1 37 ? -13.21024 3.68281   -6.86280  1.000 23.90585 ? 36  TRP A C   1 
ATOM   276 O O   . TRP A 1 37 ? -14.28051 4.30162   -6.81538  1.000 25.21597 ? 36  TRP A O   1 
ATOM   277 C CB  . TRP A 1 37 ? -11.62275 4.67240   -8.52910  1.000 24.13006 ? 36  TRP A CB  1 
ATOM   278 C CG  . TRP A 1 37 ? -10.62320 4.37822   -9.61051  1.000 23.36572 ? 36  TRP A CG  1 
ATOM   279 C CD1 . TRP A 1 37 ? -10.77683 4.57716   -10.95820 1.000 22.72868 ? 36  TRP A CD1 1 
ATOM   280 C CD2 . TRP A 1 37 ? -9.31427  3.81058   -9.43685  1.000 23.45367 ? 36  TRP A CD2 1 
ATOM   281 N NE1 . TRP A 1 37 ? -9.64423  4.15947   -11.63492 1.000 22.73973 ? 36  TRP A NE1 1 
ATOM   282 C CE2 . TRP A 1 37 ? -8.72917  3.70037   -10.72097 1.000 21.83725 ? 36  TRP A CE2 1 
ATOM   283 C CE3 . TRP A 1 37 ? -8.57830  3.39176   -8.31886  1.000 21.35143 ? 36  TRP A CE3 1 
ATOM   284 C CZ2 . TRP A 1 37 ? -7.43704  3.18510   -10.91526 1.000 21.93907 ? 36  TRP A CZ2 1 
ATOM   285 C CZ3 . TRP A 1 37 ? -7.28932  2.88586   -8.51420  1.000 20.31884 ? 36  TRP A CZ3 1 
ATOM   286 C CH2 . TRP A 1 37 ? -6.73881  2.78540   -9.80292  1.000 22.47724 ? 36  TRP A CH2 1 
ATOM   287 N N   . TYR A 1 38 ? -12.63419 3.16699   -5.78068  1.000 22.11059 ? 37  TYR A N   1 
ATOM   288 C CA  . TYR A 1 38 ? -13.24290 3.28866   -4.46131  1.000 24.28035 ? 37  TYR A CA  1 
ATOM   289 C C   . TYR A 1 38 ? -12.13962 3.35949   -3.41830  1.000 25.86950 ? 37  TYR A C   1 
ATOM   290 O O   . TYR A 1 38 ? -10.98174 3.02543   -3.68698  1.000 26.05509 ? 37  TYR A O   1 
ATOM   291 C CB  . TYR A 1 38 ? -14.22393 2.14268   -4.15549  1.000 22.67470 ? 37  TYR A CB  1 
ATOM   292 C CG  . TYR A 1 38 ? -13.57318 0.77264   -4.08421  1.000 23.63624 ? 37  TYR A CG  1 
ATOM   293 C CD1 . TYR A 1 38 ? -13.38647 -0.00090  -5.23243  1.000 23.48900 ? 37  TYR A CD1 1 
ATOM   294 C CD2 . TYR A 1 38 ? -13.16368 0.24221   -2.86896  1.000 23.48447 ? 37  TYR A CD2 1 
ATOM   295 C CE1 . TYR A 1 38 ? -12.78537 -1.24782  -5.16886  1.000 24.89755 ? 37  TYR A CE1 1 
ATOM   296 C CE2 . TYR A 1 38 ? -12.56721 -1.00046  -2.79237  1.000 27.39930 ? 37  TYR A CE2 1 
ATOM   297 C CZ  . TYR A 1 38 ? -12.38611 -1.74395  -3.94788  1.000 23.33114 ? 37  TYR A CZ  1 
ATOM   298 O OH  . TYR A 1 38 ? -11.78298 -2.97703  -3.86684  1.000 26.52094 ? 37  TYR A OH  1 
ATOM   299 N N   . THR A 1 39 ? -12.50440 3.79613   -2.21645  1.000 26.19274 ? 38  THR A N   1 
ATOM   300 C CA  . THR A 1 39 ? -11.52310 4.00677   -1.16097  1.000 25.25685 ? 38  THR A CA  1 
ATOM   301 C C   . THR A 1 39 ? -11.27365 2.70821   -0.40454  1.000 22.97613 ? 38  THR A C   1 
ATOM   302 O O   . THR A 1 39 ? -12.21764 2.05560   0.05318   1.000 25.88876 ? 38  THR A O   1 
ATOM   303 C CB  . THR A 1 39 ? -11.97854 5.11929   -0.21330  1.000 25.18027 ? 38  THR A CB  1 
ATOM   304 O OG1 . THR A 1 39 ? -12.08440 6.33422   -0.95894  1.000 32.66535 ? 38  THR A OG1 1 
ATOM   305 C CG2 . THR A 1 39 ? -10.97162 5.31031   0.90519   1.000 25.61335 ? 38  THR A CG2 1 
ATOM   306 N N   . GLY A 1 40 ? -9.98669  2.32573   -0.29391  1.000 23.17205 ? 39  GLY A N   1 
ATOM   307 C CA  . GLY A 1 40 ? -9.61861  1.09666   0.37916   1.000 24.41928 ? 39  GLY A CA  1 
ATOM   308 C C   . GLY A 1 40 ? -9.45481  1.26257   1.88101   1.000 24.24565 ? 39  GLY A C   1 
ATOM   309 O O   . GLY A 1 40 ? -9.46585  2.37618   2.41815   1.000 26.14549 ? 39  GLY A O   1 
ATOM   310 N N   . ALA A 1 41 ? -9.28342  0.12262   2.55586   1.000 24.47039 ? 40  ALA A N   1 
ATOM   311 C CA  . ALA A 1 41 ? -9.20915  0.10988   4.01255   1.000 26.41937 ? 40  ALA A CA  1 
ATOM   312 C C   . ALA A 1 41 ? -7.89734  0.66573   4.54590   1.000 33.57525 ? 40  ALA A C   1 
ATOM   313 O O   . ALA A 1 41 ? -7.82647  1.01854   5.72926   1.000 29.48881 ? 40  ALA A O   1 
ATOM   314 C CB  . ALA A 1 41 ? -9.38986  -1.31496  4.53133   1.000 25.71179 ? 40  ALA A CB  1 
ATOM   315 N N   . PHE A 1 42 ? -6.85892  0.74595   3.71644   1.000 26.95193 ? 41  PHE A N   1 
ATOM   316 C CA  . PHE A 1 42 ? -5.54543  1.11127   4.22291   1.000 24.81960 ? 41  PHE A CA  1 
ATOM   317 C C   . PHE A 1 42 ? -5.53200  2.57262   4.63923   1.000 25.36532 ? 41  PHE A C   1 
ATOM   318 O O   . PHE A 1 42 ? -5.88860  3.45614   3.85540   1.000 28.56001 ? 41  PHE A O   1 
ATOM   319 C CB  . PHE A 1 42 ? -4.46164  0.87016   3.17447   1.000 27.58916 ? 41  PHE A CB  1 
ATOM   320 C CG  . PHE A 1 42 ? -3.08057  1.17314   3.67668   1.000 26.14199 ? 41  PHE A CG  1 
ATOM   321 C CD1 . PHE A 1 42 ? -2.39616  0.23927   4.42892   1.000 28.68901 ? 41  PHE A CD1 1 
ATOM   322 C CD2 . PHE A 1 42 ? -2.48385  2.39607   3.43413   1.000 24.87804 ? 41  PHE A CD2 1 
ATOM   323 C CE1 . PHE A 1 42 ? -1.12972  0.50434   4.91329   1.000 29.97858 ? 41  PHE A CE1 1 
ATOM   324 C CE2 . PHE A 1 42 ? -1.22171  2.67010   3.92176   1.000 25.84051 ? 41  PHE A CE2 1 
ATOM   325 C CZ  . PHE A 1 42 ? -0.54334  1.72227   4.66427   1.000 24.28125 ? 41  PHE A CZ  1 
ATOM   326 N N   . ASN A 1 43 ? -5.09423  2.82324   5.87059   1.000 29.23958 ? 42  ASN A N   1 
ATOM   327 C CA  . ASN A 1 43 ? -4.93573  4.19098   6.35895   1.000 33.76587 ? 42  ASN A CA  1 
ATOM   328 C C   . ASN A 1 43 ? -3.89778  4.15829   7.47276   1.000 32.29525 ? 42  ASN A C   1 
ATOM   329 O O   . ASN A 1 43 ? -4.18297  3.66653   8.56839   1.000 32.68972 ? 42  ASN A O   1 
ATOM   330 C CB  . ASN A 1 43 ? -6.26795  4.74250   6.85731   1.000 36.31593 ? 42  ASN A CB  1 
ATOM   331 C CG  . ASN A 1 43 ? -6.22735  6.24549   7.07896   1.000 49.13055 ? 42  ASN A CG  1 
ATOM   332 O OD1 . ASN A 1 43 ? -5.26983  6.77930   7.64436   1.000 48.50151 ? 42  ASN A OD1 1 
ATOM   333 N ND2 . ASN A 1 43 ? -7.26028  6.93826   6.61594   1.000 57.91445 ? 42  ASN A ND2 1 
ATOM   334 N N   . GLU A 1 44 ? -2.70629  4.66378   7.18996   1.000 28.72144 ? 43  GLU A N   1 
ATOM   335 C CA  . GLU A 1 44 ? -1.60195  4.66626   8.13482   1.000 31.47503 ? 43  GLU A CA  1 
ATOM   336 C C   . GLU A 1 44 ? -0.80415  5.94502   7.94432   1.000 31.90096 ? 43  GLU A C   1 
ATOM   337 O O   . GLU A 1 44 ? -0.84432  6.55678   6.87070   1.000 30.75551 ? 43  GLU A O   1 
ATOM   338 C CB  . GLU A 1 44 ? -0.66730  3.46528   7.92772   1.000 30.11396 ? 43  GLU A CB  1 
ATOM   339 C CG  . GLU A 1 44 ? -1.31479  2.09803   8.09759   1.000 34.40963 ? 43  GLU A CG  1 
ATOM   340 C CD  . GLU A 1 44 ? -1.89990  1.88232   9.48104   1.000 42.87963 ? 43  GLU A CD  1 
ATOM   341 O OE1 . GLU A 1 44 ? -1.46863  2.56619   10.43450  1.000 44.39920 ? 43  GLU A OE1 1 
ATOM   342 O OE2 . GLU A 1 44 ? -2.79961  1.02524   9.61595   1.000 45.95481 ? 43  GLU A OE2 1 
ATOM   343 N N   . PRO A 1 45 ? -0.07104  6.37611   8.96687   1.000 34.84629 ? 44  PRO A N   1 
ATOM   344 C CA  . PRO A 1 45 ? 0.73126   7.59384   8.82695   1.000 29.09529 ? 44  PRO A CA  1 
ATOM   345 C C   . PRO A 1 45 ? 1.97373   7.37972   7.97367   1.000 31.00222 ? 44  PRO A C   1 
ATOM   346 O O   . PRO A 1 45 ? 2.55988   6.29448   7.92094   1.000 31.89970 ? 44  PRO A O   1 
ATOM   347 C CB  . PRO A 1 45 ? 1.10674   7.93603   10.27562  1.000 32.11805 ? 44  PRO A CB  1 
ATOM   348 C CG  . PRO A 1 45 ? 1.01688   6.64956   11.01188  1.000 33.39044 ? 44  PRO A CG  1 
ATOM   349 C CD  . PRO A 1 45 ? -0.07740  5.86713   10.34971  1.000 30.39147 ? 44  PRO A CD  1 
ATOM   350 N N   . GLY A 1 46 ? 2.37037   8.44644   7.29211   1.000 30.05880 ? 45  GLY A N   1 
ATOM   351 C CA  . GLY A 1 46 ? 3.57361   8.40550   6.48555   1.000 33.47402 ? 45  GLY A CA  1 
ATOM   352 C C   . GLY A 1 46 ? 3.69560   9.56227   5.51779   1.000 27.79779 ? 45  GLY A C   1 
ATOM   353 O O   . GLY A 1 46 ? 2.68794   10.09730  5.04685   1.000 30.55441 ? 45  GLY A O   1 
ATOM   354 N N   . ASP A 1 47 ? 4.92707   9.95849   5.20680   1.000 27.20787 ? 46  ASP A N   1 
ATOM   355 C CA  . ASP A 1 47 ? 5.16547   10.99636  4.21672   1.000 24.31042 ? 46  ASP A CA  1 
ATOM   356 C C   . ASP A 1 47 ? 5.73945   10.46223  2.91236   1.000 30.85574 ? 46  ASP A C   1 
ATOM   357 O O   . ASP A 1 47 ? 5.80871   11.20934  1.93091   1.000 29.76945 ? 46  ASP A O   1 
ATOM   358 C CB  . ASP A 1 47 ? 6.08055   12.08583  4.79652   1.000 32.41044 ? 46  ASP A CB  1 
ATOM   359 C CG  . ASP A 1 47 ? 5.41804   12.85038  5.93388   1.000 48.80592 ? 46  ASP A CG  1 
ATOM   360 O OD1 . ASP A 1 47 ? 4.48309   13.63885  5.66232   1.000 40.05658 ? 46  ASP A OD1 1 
ATOM   361 O OD2 . ASP A 1 47 ? 5.80995   12.63387  7.09976   1.000 45.67888 ? 46  ASP A OD2 1 
ATOM   362 N N   . ASN A 1 48 ? 6.13731   9.19307   2.87697   1.000 31.97908 ? 47  ASN A N   1 
ATOM   363 C CA  . ASN A 1 48 ? 6.62231   8.53288   1.67580   1.000 25.85405 ? 47  ASN A CA  1 
ATOM   364 C C   . ASN A 1 48 ? 6.10315   7.10588   1.68723   1.000 26.52966 ? 47  ASN A C   1 
ATOM   365 O O   . ASN A 1 48 ? 5.98458   6.48710   2.75136   1.000 25.14147 ? 47  ASN A O   1 
ATOM   366 C CB  . ASN A 1 48 ? 8.14892   8.48980   1.65122   1.000 30.16755 ? 47  ASN A CB  1 
ATOM   367 C CG  . ASN A 1 48 ? 8.68821   7.74425   0.44733   1.000 29.89555 ? 47  ASN A CG  1 
ATOM   368 O OD1 . ASN A 1 48 ? 8.78704   8.30568   -0.64379  1.000 38.87104 ? 47  ASN A OD1 1 
ATOM   369 N ND2 . ASN A 1 48 ? 9.05212   6.47692   0.64094   1.000 25.92669 ? 47  ASN A ND2 1 
ATOM   370 N N   . VAL A 1 49 ? 5.79278   6.58477   0.49843   1.000 25.82950 ? 48  VAL A N   1 
ATOM   371 C CA  . VAL A 1 49 ? 5.21068   5.24993   0.37410   1.000 22.88831 ? 48  VAL A CA  1 
ATOM   372 C C   . VAL A 1 49 ? 5.81004   4.51367   -0.81957  1.000 24.71543 ? 48  VAL A C   1 
ATOM   373 O O   . VAL A 1 49 ? 6.04435   5.10130   -1.88100  1.000 23.18385 ? 48  VAL A O   1 
ATOM   374 C CB  . VAL A 1 49 ? 3.67357   5.30956   0.28959   1.000 25.73408 ? 48  VAL A CB  1 
ATOM   375 C CG1 . VAL A 1 49 ? 3.22569   6.01916   -0.98290  1.000 28.46797 ? 48  VAL A CG1 1 
ATOM   376 C CG2 . VAL A 1 49 ? 3.08070   3.91558   0.38408   1.000 24.80857 ? 48  VAL A CG2 1 
ATOM   377 N N   . SER A 1 50 ? 6.09781   3.22641   -0.62607  1.000 22.78555 ? 49  SER A N   1 
ATOM   378 C CA  . SER A 1 50 ? 6.31776   2.30016   -1.73380  1.000 21.86504 ? 49  SER A CA  1 
ATOM   379 C C   . SER A 1 50 ? 5.49617   1.04568   -1.48193  1.000 18.36619 ? 49  SER A C   1 
ATOM   380 O O   . SER A 1 50 ? 4.97556   0.82706   -0.38921  1.000 20.43162 ? 49  SER A O   1 
ATOM   381 C CB  . SER A 1 50 ? 7.80121   1.97130   -1.94578  1.000 24.18930 ? 49  SER A CB  1 
ATOM   382 O OG  . SER A 1 50 ? 8.30605   1.21596   -0.87134  1.000 21.50792 ? 49  SER A OG  1 
ATOM   383 N N   . VAL A 1 51 ? 5.36640   0.21328   -2.51948  1.000 19.17390 ? 50  VAL A N   1 
ATOM   384 C CA  . VAL A 1 51 ? 4.51537   -0.97553  -2.44707  1.000 18.35876 ? 50  VAL A CA  1 
ATOM   385 C C   . VAL A 1 51 ? 5.06002   -2.06670  -3.35877  1.000 18.22092 ? 50  VAL A C   1 
ATOM   386 O O   . VAL A 1 51 ? 5.67219   -1.79130  -4.39397  1.000 18.33712 ? 50  VAL A O   1 
ATOM   387 C CB  . VAL A 1 51 ? 3.03426   -0.65224  -2.76926  1.000 17.63502 ? 50  VAL A CB  1 
ATOM   388 C CG1 . VAL A 1 51 ? 2.87338   -0.18150  -4.21102  1.000 20.24539 ? 50  VAL A CG1 1 
ATOM   389 C CG2 . VAL A 1 51 ? 2.11077   -1.83625  -2.48019  1.000 18.03846 ? 50  VAL A CG2 1 
ATOM   390 N N   . THR A 1 52 ? 4.85809   -3.31514  -2.94823  1.000 17.10100 ? 51  THR A N   1 
ATOM   391 C CA  . THR A 1 52 ? 5.02514   -4.45094  -3.84539  1.000 16.26118 ? 51  THR A CA  1 
ATOM   392 C C   . THR A 1 52 ? 3.95090   -5.46581  -3.48224  1.000 18.14584 ? 51  THR A C   1 
ATOM   393 O O   . THR A 1 52 ? 3.40421   -5.44107  -2.37584  1.000 17.76880 ? 51  THR A O   1 
ATOM   394 C CB  . THR A 1 52 ? 6.44440   -5.02678  -3.71993  1.000 15.88676 ? 51  THR A CB  1 
ATOM   395 O OG1 . THR A 1 52 ? 6.66233   -6.02990  -4.72703  1.000 17.28225 ? 51  THR A OG1 1 
ATOM   396 C CG2 . THR A 1 52 ? 6.68295   -5.66072  -2.33685  1.000 18.79687 ? 51  THR A CG2 1 
ATOM   397 N N   . SER A 1 53 ? 3.62833   -6.35203  -4.42538  1.000 16.82694 ? 52  SER A N   1 
ATOM   398 C CA  . SER A 1 53 ? 2.64389   -7.39888  -4.18575  1.000 16.24574 ? 52  SER A CA  1 
ATOM   399 C C   . SER A 1 53 ? 2.99927   -8.63110  -5.00223  1.000 16.72910 ? 52  SER A C   1 
ATOM   400 O O   . SER A 1 53 ? 3.69758   -8.54232  -6.01964  1.000 15.76218 ? 52  SER A O   1 
ATOM   401 C CB  . SER A 1 53 ? 1.20862   -6.92049  -4.48549  1.000 16.25644 ? 52  SER A CB  1 
ATOM   402 O OG  . SER A 1 53 ? 1.00474   -6.66255  -5.86676  1.000 16.62369 ? 52  SER A OG  1 
ATOM   403 N N   . TRP A 1 54 ? 2.52171   -9.78770  -4.53121  1.000 15.08339 ? 53  TRP A N   1 
ATOM   404 C CA  . TRP A 1 54 ? 2.73668   -11.05541 -5.22655  1.000 14.90817 ? 53  TRP A CA  1 
ATOM   405 C C   . TRP A 1 54 ? 1.53855   -11.96421 -4.96513  1.000 15.83444 ? 53  TRP A C   1 
ATOM   406 O O   . TRP A 1 54 ? 0.83718   -11.83462 -3.94817  1.000 16.53776 ? 53  TRP A O   1 
ATOM   407 C CB  . TRP A 1 54 ? 4.03970   -11.75395 -4.79800  1.000 15.32368 ? 53  TRP A CB  1 
ATOM   408 C CG  . TRP A 1 54 ? 3.99594   -12.21945 -3.37521  1.000 16.52620 ? 53  TRP A CG  1 
ATOM   409 C CD1 . TRP A 1 54 ? 3.67004   -13.45406 -2.91199  1.000 17.21654 ? 53  TRP A CD1 1 
ATOM   410 C CD2 . TRP A 1 54 ? 4.28147   -11.42156 -2.21949  1.000 16.29824 ? 53  TRP A CD2 1 
ATOM   411 N NE1 . TRP A 1 54 ? 3.70813   -13.47587 -1.52509  1.000 17.12298 ? 53  TRP A NE1 1 
ATOM   412 C CE2 . TRP A 1 54 ? 4.08794   -12.23618 -1.08306  1.000 16.95074 ? 53  TRP A CE2 1 
ATOM   413 C CE3 . TRP A 1 54 ? 4.69007   -10.08952 -2.03330  1.000 16.25288 ? 53  TRP A CE3 1 
ATOM   414 C CZ2 . TRP A 1 54 ? 4.28370   -11.75933 0.22710   1.000 18.69105 ? 53  TRP A CZ2 1 
ATOM   415 C CZ3 . TRP A 1 54 ? 4.88093   -9.61674  -0.71998  1.000 15.89567 ? 53  TRP A CZ3 1 
ATOM   416 C CH2 . TRP A 1 54 ? 4.67997   -10.45029 0.37510   1.000 19.88060 ? 53  TRP A CH2 1 
ATOM   417 N N   . LEU A 1 55 ? 1.31747   -12.90204 -5.89000  1.000 16.43632 ? 54  LEU A N   1 
ATOM   418 C CA  . LEU A 1 55 ? 0.28015   -13.92092 -5.77913  1.000 15.80701 ? 54  LEU A CA  1 
ATOM   419 C C   . LEU A 1 55 ? 0.87910   -15.23574 -5.29842  1.000 15.37041 ? 54  LEU A C   1 
ATOM   420 O O   . LEU A 1 55 ? 1.99729   -15.60585 -5.67395  1.000 16.29971 ? 54  LEU A O   1 
ATOM   421 C CB  . LEU A 1 55 ? -0.38128  -14.14975 -7.14264  1.000 17.04134 ? 54  LEU A CB  1 
ATOM   422 C CG  . LEU A 1 55 ? -1.28590  -13.03622 -7.68293  1.000 14.63971 ? 54  LEU A CG  1 
ATOM   423 C CD1 . LEU A 1 55 ? -1.49935  -13.16872 -9.19972  1.000 18.06855 ? 54  LEU A CD1 1 
ATOM   424 C CD2 . LEU A 1 55 ? -2.62091  -12.98225 -6.93845  1.000 18.42500 ? 54  LEU A CD2 1 
ATOM   425 N N   . VAL A 1 56 ? 0.12926   -15.93821 -4.46531  1.000 15.66155 ? 55  VAL A N   1 
ATOM   426 C CA  . VAL A 1 56 ? 0.32938   -17.36070 -4.22114  1.000 16.09666 ? 55  VAL A CA  1 
ATOM   427 C C   . VAL A 1 56 ? -0.95220  -18.02581 -4.67589  1.000 17.85856 ? 55  VAL A C   1 
ATOM   428 O O   . VAL A 1 56 ? -1.99350  -17.88676 -4.02315  1.000 16.99940 ? 55  VAL A O   1 
ATOM   429 C CB  . VAL A 1 56 ? 0.61809   -17.66943 -2.74965  1.000 18.08433 ? 55  VAL A CB  1 
ATOM   430 C CG1 . VAL A 1 56 ? 0.82268   -19.16368 -2.55175  1.000 21.88211 ? 55  VAL A CG1 1 
ATOM   431 C CG2 . VAL A 1 56 ? 1.82769   -16.85038 -2.24457  1.000 18.76354 ? 55  VAL A CG2 1 
ATOM   432 N N   . GLY A 1 57 ? -0.89378  -18.72625 -5.79915  1.000 18.37329 ? 56  GLY A N   1 
ATOM   433 C CA  . GLY A 1 57 ? -2.13401  -19.19890 -6.39006  1.000 19.01674 ? 56  GLY A CA  1 
ATOM   434 C C   . GLY A 1 57 ? -2.98808  -17.99922 -6.73440  1.000 17.49959 ? 56  GLY A C   1 
ATOM   435 O O   . GLY A 1 57 ? -2.53671  -17.06128 -7.40094  1.000 20.43238 ? 56  GLY A O   1 
ATOM   436 N N   . SER A 1 58 ? -4.22513  -17.98841 -6.25847  1.000 16.41240 ? 57  SER A N   1 
ATOM   437 C CA  . SER A 1 58 ? -5.12373  -16.87908 -6.52841  1.000 18.71588 ? 57  SER A CA  1 
ATOM   438 C C   . SER A 1 58 ? -5.12988  -15.82838 -5.42223  1.000 19.06771 ? 57  SER A C   1 
ATOM   439 O O   . SER A 1 58 ? -5.84634  -14.82923 -5.55713  1.000 21.61197 ? 57  SER A O   1 
ATOM   440 C CB  . SER A 1 58 ? -6.54057  -17.39458 -6.78968  1.000 21.00675 ? 57  SER A CB  1 
ATOM   441 O OG  . SER A 1 58 ? -7.00634  -18.11123 -5.67244  1.000 21.04901 ? 57  SER A OG  1 
ATOM   442 N N   . ALA A 1 59 ? -4.34214  -16.00939 -4.35674  1.000 16.49456 ? 58  ALA A N   1 
ATOM   443 C CA  . ALA A 1 59 ? -4.35358  -15.12244 -3.19625  1.000 16.76440 ? 58  ALA A CA  1 
ATOM   444 C C   . ALA A 1 59 ? -3.30423  -14.02275 -3.32540  1.000 15.06065 ? 58  ALA A C   1 
ATOM   445 O O   . ALA A 1 59 ? -2.11960  -14.31919 -3.50379  1.000 16.80843 ? 58  ALA A O   1 
ATOM   446 C CB  . ALA A 1 59 ? -4.03390  -15.93490 -1.94843  1.000 19.82112 ? 58  ALA A CB  1 
ATOM   447 N N   . ILE A 1 60 ? -3.73142  -12.74947 -3.19704  1.000 16.70992 ? 59  ILE A N   1 
ATOM   448 C CA  . ILE A 1 60 ? -2.81337  -11.61442 -3.25222  1.000 15.54267 ? 59  ILE A CA  1 
ATOM   449 C C   . ILE A 1 60 ? -2.22720  -11.33179 -1.86780  1.000 15.41468 ? 59  ILE A C   1 
ATOM   450 O O   . ILE A 1 60 ? -2.89354  -11.46084 -0.82947  1.000 17.79149 ? 59  ILE A O   1 
ATOM   451 C CB  . ILE A 1 60 ? -3.50126  -10.36425 -3.84914  1.000 15.24796 ? 59  ILE A CB  1 
ATOM   452 C CG1 . ILE A 1 60 ? -2.48563  -9.26668  -4.15876  1.000 17.51927 ? 59  ILE A CG1 1 
ATOM   453 C CG2 . ILE A 1 60 ? -4.59395  -9.83601  -2.92451  1.000 20.27375 ? 59  ILE A CG2 1 
ATOM   454 C CD1 . ILE A 1 60 ? -1.51542  -9.61017  -5.25066  1.000 18.98575 ? 59  ILE A CD1 1 
ATOM   455 N N   . HIS A 1 61 ? -0.97381  -10.90653 -1.86615  1.000 14.57756 ? 60  HIS A N   1 
ATOM   456 C CA  . HIS A 1 61 ? -0.28159  -10.41506 -0.68861  1.000 16.17943 ? 60  HIS A CA  1 
ATOM   457 C C   . HIS A 1 61 ? 0.33816   -9.07689  -1.06000  1.000 16.93378 ? 60  HIS A C   1 
ATOM   458 O O   . HIS A 1 61 ? 0.97418   -8.96224  -2.11464  1.000 17.06566 ? 60  HIS A O   1 
ATOM   459 C CB  . HIS A 1 61 ? 0.81449   -11.40233 -0.28865  1.000 17.97379 ? 60  HIS A CB  1 
ATOM   460 C CG  . HIS A 1 61 ? 0.28272   -12.75519 0.05266   1.000 16.43276 ? 60  HIS A CG  1 
ATOM   461 N ND1 . HIS A 1 61 ? -0.02895  -13.12197 1.34516   1.000 19.27864 ? 60  HIS A ND1 1 
ATOM   462 C CD2 . HIS A 1 61 ? -0.05563  -13.80651 -0.73185  1.000 19.41689 ? 60  HIS A CD2 1 
ATOM   463 C CE1 . HIS A 1 61 ? -0.52038  -14.34955 1.34271   1.000 19.71899 ? 60  HIS A CE1 1 
ATOM   464 N NE2 . HIS A 1 61 ? -0.54601  -14.78732 0.09520   1.000 20.55827 ? 60  HIS A NE2 1 
ATOM   465 N N   . ILE A 1 62 ? 0.13875   -8.06094  -0.21782  1.000 17.35395 ? 61  ILE A N   1 
ATOM   466 C CA  . ILE A 1 62 ? 0.58779   -6.69799  -0.48409  1.000 17.57724 ? 61  ILE A CA  1 
ATOM   467 C C   . ILE A 1 62 ? 1.46900   -6.25113  0.67654   1.000 16.95445 ? 61  ILE A C   1 
ATOM   468 O O   . ILE A 1 62 ? 1.14560   -6.50358  1.84683   1.000 18.53722 ? 61  ILE A O   1 
ATOM   469 C CB  . ILE A 1 62 ? -0.59998  -5.72422  -0.64844  1.000 17.04742 ? 61  ILE A CB  1 
ATOM   470 C CG1 . ILE A 1 62 ? -1.67502  -6.25658  -1.60194  1.000 17.40334 ? 61  ILE A CG1 1 
ATOM   471 C CG2 . ILE A 1 62 ? -0.08996  -4.37898  -1.12102  1.000 20.13548 ? 61  ILE A CG2 1 
ATOM   472 C CD1 . ILE A 1 62 ? -2.92553  -5.39655  -1.60924  1.000 20.58018 ? 61  ILE A CD1 1 
ATOM   473 N N   . ARG A 1 63 ? 2.57925   -5.59143  0.36355   1.000 16.74890 ? 62  ARG A N   1 
ATOM   474 C CA  . ARG A 1 63 ? 3.43494   -4.98175  1.38119   1.000 17.71956 ? 62  ARG A CA  1 
ATOM   475 C C   . ARG A 1 63 ? 3.61048   -3.51414  1.03437   1.000 20.93521 ? 62  ARG A C   1 
ATOM   476 O O   . ARG A 1 63 ? 4.06903   -3.18946  -0.06730  1.000 19.22031 ? 62  ARG A O   1 
ATOM   477 C CB  . ARG A 1 63 ? 4.80260   -5.66508  1.46134   1.000 18.06570 ? 62  ARG A CB  1 
ATOM   478 C CG  . ARG A 1 63 ? 4.73799   -7.12605  1.87918   1.000 17.96872 ? 62  ARG A CG  1 
ATOM   479 C CD  . ARG A 1 63 ? 4.17051   -7.30958  3.29356   1.000 17.86787 ? 62  ARG A CD  1 
ATOM   480 N NE  . ARG A 1 63 ? 4.14069   -8.71013  3.70379   1.000 18.29041 ? 62  ARG A NE  1 
ATOM   481 C CZ  . ARG A 1 63 ? 3.10627   -9.52642  3.52733   1.000 17.93131 ? 62  ARG A CZ  1 
ATOM   482 N NH1 . ARG A 1 63 ? 1.97973   -9.10755  2.97065   1.000 19.58652 ? 62  ARG A NH1 1 
ATOM   483 N NH2 . ARG A 1 63 ? 3.19771   -10.79232 3.93239   1.000 20.02401 ? 62  ARG A NH2 1 
ATOM   484 N N   . VAL A 1 64 ? 3.24032   -2.63590  1.97391   1.000 20.31682 ? 63  VAL A N   1 
ATOM   485 C CA  . VAL A 1 64 ? 3.34507   -1.18429  1.82806   1.000 22.23239 ? 63  VAL A CA  1 
ATOM   486 C C   . VAL A 1 64 ? 4.41049   -0.69121  2.80009   1.000 20.89427 ? 63  VAL A C   1 
ATOM   487 O O   . VAL A 1 64 ? 4.38511   -1.04101  3.98679   1.000 22.23874 ? 63  VAL A O   1 
ATOM   488 C CB  . VAL A 1 64 ? 1.99103   -0.50600  2.10864   1.000 22.88290 ? 63  VAL A CB  1 
ATOM   489 C CG1 . VAL A 1 64 ? 2.14430   1.00188   2.15514   1.000 25.20741 ? 63  VAL A CG1 1 
ATOM   490 C CG2 . VAL A 1 64 ? 0.95886   -0.92375  1.06691   1.000 22.14911 ? 63  VAL A CG2 1 
ATOM   491 N N   . TYR A 1 65 ? 5.36621   0.07361   2.29455   1.000 20.07730 ? 64  TYR A N   1 
ATOM   492 C CA  . TYR A 1 65 ? 6.45596   0.60589   3.11066   1.000 22.16713 ? 64  TYR A CA  1 
ATOM   493 C C   . TYR A 1 65 ? 6.21108   2.09903   3.31014   1.000 22.22419 ? 64  TYR A C   1 
ATOM   494 O O   . TYR A 1 65 ? 6.33823   2.89094   2.36690   1.000 24.79707 ? 64  TYR A O   1 
ATOM   495 C CB  . TYR A 1 65 ? 7.81395   0.28015   2.48444   1.000 20.96135 ? 64  TYR A CB  1 
ATOM   496 C CG  . TYR A 1 65 ? 7.96128   -1.22177  2.39569   1.000 21.19627 ? 64  TYR A CG  1 
ATOM   497 C CD1 . TYR A 1 65 ? 8.43249   -1.95119  3.47920   1.000 22.37541 ? 64  TYR A CD1 1 
ATOM   498 C CD2 . TYR A 1 65 ? 7.53459   -1.92896  1.26103   1.000 19.69306 ? 64  TYR A CD2 1 
ATOM   499 C CE1 . TYR A 1 65 ? 8.51517   -3.34490  3.43153   1.000 23.36983 ? 64  TYR A CE1 1 
ATOM   500 C CE2 . TYR A 1 65 ? 7.61147   -3.32012  1.20525   1.000 21.16671 ? 64  TYR A CE2 1 
ATOM   501 C CZ  . TYR A 1 65 ? 8.10090   -4.02099  2.28740   1.000 18.63398 ? 64  TYR A CZ  1 
ATOM   502 O OH  . TYR A 1 65 ? 8.17361   -5.40546  2.26745   1.000 21.25714 ? 64  TYR A OH  1 
ATOM   503 N N   . ALA A 1 66 ? 5.81146   2.45860   4.53219   1.000 25.45952 ? 65  ALA A N   1 
ATOM   504 C CA  . ALA A 1 66 ? 5.42140   3.81324   4.90030   1.000 26.44395 ? 65  ALA A CA  1 
ATOM   505 C C   . ALA A 1 66 ? 6.52903   4.42818   5.74657   1.000 29.96176 ? 65  ALA A C   1 
ATOM   506 O O   . ALA A 1 66 ? 6.93477   3.85051   6.76221   1.000 28.56582 ? 65  ALA A O   1 
ATOM   507 C CB  . ALA A 1 66 ? 4.11682   3.78093   5.70034   1.000 26.92074 ? 65  ALA A CB  1 
ATOM   508 N N   . SER A 1 67 ? 7.01355   5.59457   5.33239   1.000 25.78693 ? 66  SER A N   1 
ATOM   509 C CA  . SER A 1 67 ? 8.14428   6.23699   5.98711   1.000 29.10205 ? 66  SER A CA  1 
ATOM   510 C C   . SER A 1 67 ? 7.72775   7.58062   6.56807   1.000 33.23096 ? 66  SER A C   1 
ATOM   511 O O   . SER A 1 67 ? 7.14734   8.41545   5.86421   1.000 29.28132 ? 66  SER A O   1 
ATOM   512 C CB  . SER A 1 67 ? 9.30317   6.42846   5.00968   1.000 29.25171 ? 66  SER A CB  1 
ATOM   513 O OG  . SER A 1 67 ? 9.81842   5.17230   4.59991   1.000 29.02165 ? 66  SER A OG  1 
ATOM   514 N N   . THR A 1 68 ? 8.01795   7.76881   7.85599   1.000 37.00836 ? 67  THR A N   1 
ATOM   515 C CA  . THR A 1 68 ? 7.97823   9.06638   8.52038   1.000 39.53025 ? 67  THR A CA  1 
ATOM   516 C C   . THR A 1 68 ? 9.35811   9.30200   9.11627   1.000 36.01431 ? 67  THR A C   1 
ATOM   517 O O   . THR A 1 68 ? 9.84565   8.48043   9.90162   1.000 30.84300 ? 67  THR A O   1 
ATOM   518 C CB  . THR A 1 68 ? 6.92361   9.08018   9.62718   1.000 38.24284 ? 67  THR A CB  1 
ATOM   519 O OG1 . THR A 1 68 ? 5.63185   8.82985   9.06554   1.000 41.20160 ? 67  THR A OG1 1 
ATOM   520 C CG2 . THR A 1 68 ? 6.90411   10.42815  10.31621  1.000 38.13477 ? 67  THR A CG2 1 
ATOM   521 N N   . GLY A 1 69 ? 9.98891   10.40748  8.73680   1.000 34.20901 ? 68  GLY A N   1 
ATOM   522 C CA  . GLY A 1 69 ? 11.34537  10.64243  9.19663   1.000 31.86002 ? 68  GLY A CA  1 
ATOM   523 C C   . GLY A 1 69 ? 12.25236  9.52705   8.72240   1.000 39.63729 ? 68  GLY A C   1 
ATOM   524 O O   . GLY A 1 69 ? 12.23905  9.14845   7.54555   1.000 35.92165 ? 68  GLY A O   1 
ATOM   525 N N   . THR A 1 70 ? 13.05310  8.98581   9.63853   1.000 34.98806 ? 69  THR A N   1 
ATOM   526 C CA  . THR A 1 70 ? 13.97701  7.91243   9.29928   1.000 37.25663 ? 69  THR A CA  1 
ATOM   527 C C   . THR A 1 70 ? 13.39890  6.53134   9.56271   1.000 31.19849 ? 69  THR A C   1 
ATOM   528 O O   . THR A 1 70 ? 14.11255  5.53898   9.39369   1.000 44.74147 ? 69  THR A O   1 
ATOM   529 C CB  . THR A 1 70 ? 15.29976  8.06703   10.06390  1.000 38.93708 ? 69  THR A CB  1 
ATOM   530 O OG1 . THR A 1 70 ? 15.04042  8.08409   11.47136  1.000 42.50018 ? 69  THR A OG1 1 
ATOM   531 C CG2 . THR A 1 70 ? 16.00784  9.34477   9.66436   1.000 37.82883 ? 69  THR A CG2 1 
ATOM   532 N N   . THR A 1 71 ? 12.13647  6.43876   9.96323   1.000 31.04562 ? 70  THR A N   1 
ATOM   533 C CA  . THR A 1 71 ? 11.52762  5.17661   10.35512  1.000 39.22213 ? 70  THR A CA  1 
ATOM   534 C C   . THR A 1 71 ? 10.57811  4.71333   9.26049   1.000 34.73209 ? 70  THR A C   1 
ATOM   535 O O   . THR A 1 71 ? 9.62385   5.42310   8.91664   1.000 28.86361 ? 70  THR A O   1 
ATOM   536 C CB  . THR A 1 71 ? 10.78602  5.32803   11.68073  1.000 38.04332 ? 70  THR A CB  1 
ATOM   537 O OG1 . THR A 1 71 ? 11.71423  5.75516   12.68523  1.000 48.17249 ? 70  THR A OG1 1 
ATOM   538 C CG2 . THR A 1 71 ? 10.16658  3.99917   12.09950  1.000 38.16937 ? 70  THR A CG2 1 
ATOM   539 N N   . THR A 1 72 ? 10.84874  3.52902   8.71651   1.000 28.22413 ? 71  THR A N   1 
ATOM   540 C CA  . THR A 1 72 ? 9.98593   2.89889   7.72319   1.000 28.42382 ? 71  THR A CA  1 
ATOM   541 C C   . THR A 1 72 ? 9.20244   1.77434   8.38727   1.000 26.51906 ? 71  THR A C   1 
ATOM   542 O O   . THR A 1 72 ? 9.78653   0.90048   9.03343   1.000 29.43496 ? 71  THR A O   1 
ATOM   543 C CB  . THR A 1 72 ? 10.81003  2.33288   6.56720   1.000 26.47459 ? 71  THR A CB  1 
ATOM   544 O OG1 . THR A 1 72 ? 11.53404  3.38521   5.92202   1.000 28.77051 ? 71  THR A OG1 1 
ATOM   545 C CG2 . THR A 1 72 ? 9.89092   1.67801   5.56261   1.000 27.37312 ? 71  THR A CG2 1 
ATOM   546 N N   . THR A 1 73 ? 7.88666   1.80383   8.23886   1.000 24.33841 ? 72  THR A N   1 
ATOM   547 C CA  . THR A 1 73 ? 7.01840   0.76309   8.77337   1.000 25.54944 ? 72  THR A CA  1 
ATOM   548 C C   . THR A 1 73 ? 6.42314   -0.03724  7.62005   1.000 24.21823 ? 72  THR A C   1 
ATOM   549 O O   . THR A 1 73 ? 5.89236   0.54460   6.66722   1.000 26.53763 ? 72  THR A O   1 
ATOM   550 C CB  . THR A 1 73 ? 5.88897   1.37869   9.60151   1.000 27.25840 ? 72  THR A CB  1 
ATOM   551 O OG1 . THR A 1 73 ? 6.44672   2.19465   10.64266  1.000 30.05036 ? 72  THR A OG1 1 
ATOM   552 C CG2 . THR A 1 73 ? 5.03350   0.29619   10.22851  1.000 25.80659 ? 72  THR A CG2 1 
ATOM   553 N N   . GLU A 1 74 ? 6.50115   -1.36147  7.71619   1.000 24.76431 ? 73  GLU A N   1 
ATOM   554 C CA  . GLU A 1 74 ? 5.91438   -2.24075  6.71236   1.000 21.69270 ? 73  GLU A CA  1 
ATOM   555 C C   . GLU A 1 74 ? 4.50875   -2.61221  7.15040   1.000 22.91475 ? 73  GLU A C   1 
ATOM   556 O O   . GLU A 1 74 ? 4.29505   -3.00758  8.30132   1.000 24.05859 ? 73  GLU A O   1 
ATOM   557 C CB  . GLU A 1 74 ? 6.75190   -3.50859  6.58612   1.000 22.41226 ? 73  GLU A CB  1 
ATOM   558 C CG  . GLU A 1 74 ? 6.17886   -4.55430  5.62361   1.000 20.39383 ? 73  GLU A CG  1 
ATOM   559 C CD  . GLU A 1 74 ? 6.94635   -5.85976  5.69878   1.000 20.74725 ? 73  GLU A CD  1 
ATOM   560 O OE1 . GLU A 1 74 ? 7.16032   -6.36034  6.83222   1.000 21.78511 ? 73  GLU A OE1 1 
ATOM   561 O OE2 . GLU A 1 74 ? 7.35334   -6.38816  4.63910   1.000 21.61195 ? 73  GLU A OE2 1 
ATOM   562 N N   . TRP A 1 75 ? 3.55517   -2.47137  6.24097   1.000 22.13770 ? 74  TRP A N   1 
ATOM   563 C CA  . TRP A 1 75 ? 2.18434   -2.89460  6.45790   1.000 22.50143 ? 74  TRP A CA  1 
ATOM   564 C C   . TRP A 1 75 ? 1.85449   -4.03121  5.49819   1.000 20.68572 ? 74  TRP A C   1 
ATOM   565 O O   . TRP A 1 75 ? 2.26184   -4.01139  4.32395   1.000 21.57950 ? 74  TRP A O   1 
ATOM   566 C CB  . TRP A 1 75 ? 1.25054   -1.71597  6.24740   1.000 20.73321 ? 74  TRP A CB  1 
ATOM   567 C CG  . TRP A 1 75 ? 1.47476   -0.66214  7.29391   1.000 24.28325 ? 74  TRP A CG  1 
ATOM   568 C CD1 . TRP A 1 75 ? 2.20247   0.48256   7.16554   1.000 23.67035 ? 74  TRP A CD1 1 
ATOM   569 C CD2 . TRP A 1 75 ? 1.00878   -0.69643  8.64942   1.000 31.46690 ? 74  TRP A CD2 1 
ATOM   570 N NE1 . TRP A 1 75 ? 2.19175   1.18771   8.35811   1.000 26.99358 ? 74  TRP A NE1 1 
ATOM   571 C CE2 . TRP A 1 75 ? 1.47105   0.47921   9.28296   1.000 29.30216 ? 74  TRP A CE2 1 
ATOM   572 C CE3 . TRP A 1 75 ? 0.23586   -1.60114  9.38503   1.000 29.17747 ? 74  TRP A CE3 1 
ATOM   573 C CZ2 . TRP A 1 75 ? 1.18097   0.77505   10.61617  1.000 29.24594 ? 74  TRP A CZ2 1 
ATOM   574 C CZ3 . TRP A 1 75 ? -0.04791  -1.30555  10.71415  1.000 32.83714 ? 74  TRP A CZ3 1 
ATOM   575 C CH2 . TRP A 1 75 ? 0.42888   -0.12989  11.31290  1.000 31.46706 ? 74  TRP A CH2 1 
ATOM   576 N N   . CYS A 1 76 ? 1.11342   -5.01675  5.99673   1.000 20.57308 ? 75  CYS A N   1 
ATOM   577 C CA  . CYS A 1 76 ? 0.92708   -6.29117  5.31215   1.000 21.67400 ? 75  CYS A CA  1 
ATOM   578 C C   . CYS A 1 76 ? -0.54990  -6.58988  5.10454   1.000 20.84738 ? 75  CYS A C   1 
ATOM   579 O O   . CYS A 1 76 ? -1.32640  -6.63695  6.06988   1.000 22.90170 ? 75  CYS A O   1 
ATOM   580 C CB  . CYS A 1 76 ? 1.52521   -7.42402  6.13788   1.000 20.09261 ? 75  CYS A CB  1 
ATOM   581 S SG  . CYS A 1 76 ? 3.23597   -7.18943  6.65006   0.863 20.41996 ? 75  CYS A SG  1 
ATOM   582 N N   . TRP A 1 77 ? -0.92761  -6.83663  3.85240   1.000 21.33634 ? 76  TRP A N   1 
ATOM   583 C CA  . TRP A 1 77 ? -2.23329  -7.38419  3.51261   1.000 19.66793 ? 76  TRP A CA  1 
ATOM   584 C C   . TRP A 1 77 ? -2.04183  -8.81465  3.03148   1.000 19.09283 ? 76  TRP A C   1 
ATOM   585 O O   . TRP A 1 77 ? -1.24372  -9.06469  2.11857   1.000 20.57951 ? 76  TRP A O   1 
ATOM   586 C CB  . TRP A 1 77 ? -2.91871  -6.57413  2.41504   1.000 20.82335 ? 76  TRP A CB  1 
ATOM   587 C CG  . TRP A 1 77 ? -4.22454  -7.18427  2.04154   1.000 23.64214 ? 76  TRP A CG  1 
ATOM   588 C CD1 . TRP A 1 77 ? -4.45133  -8.13157  1.07428   1.000 23.96579 ? 76  TRP A CD1 1 
ATOM   589 C CD2 . TRP A 1 77 ? -5.49122  -6.91978  2.64832   1.000 24.60191 ? 76  TRP A CD2 1 
ATOM   590 N NE1 . TRP A 1 77 ? -5.78547  -8.45955  1.03860   1.000 23.17629 ? 76  TRP A NE1 1 
ATOM   591 C CE2 . TRP A 1 77 ? -6.44685  -7.73157  1.99515   1.000 23.24740 ? 76  TRP A CE2 1 
ATOM   592 C CE3 . TRP A 1 77 ? -5.91613  -6.07294  3.68121   1.000 22.77585 ? 76  TRP A CE3 1 
ATOM   593 C CZ2 . TRP A 1 77 ? -7.80051  -7.71394  2.33612   1.000 25.68215 ? 76  TRP A CZ2 1 
ATOM   594 C CZ3 . TRP A 1 77 ? -7.26292  -6.05021  4.00835   1.000 24.91577 ? 76  TRP A CZ3 1 
ATOM   595 C CH2 . TRP A 1 77 ? -8.18697  -6.86792  3.34204   1.000 25.85009 ? 76  TRP A CH2 1 
ATOM   596 N N   . ASP A 1 78 ? -2.75982  -9.74776  3.65504   1.000 20.57237 ? 77  ASP A N   1 
ATOM   597 C CA  . ASP A 1 78 ? -2.67992  -11.16387 3.32601   1.000 20.86618 ? 77  ASP A CA  1 
ATOM   598 C C   . ASP A 1 78 ? -4.06340  -11.78183 3.18780   1.000 20.53149 ? 77  ASP A C   1 
ATOM   599 O O   . ASP A 1 78 ? -4.19918  -13.00163 3.28738   1.000 23.10531 ? 77  ASP A O   1 
ATOM   600 C CB  . ASP A 1 78 ? -1.82667  -11.91083 4.35127   1.000 22.17740 ? 77  ASP A CB  1 
ATOM   601 C CG  . ASP A 1 78 ? -0.42290  -11.35666 4.43108   1.000 23.22726 ? 77  ASP A CG  1 
ATOM   602 O OD1 . ASP A 1 78 ? 0.40161   -11.66561 3.54179   1.000 21.48003 ? 77  ASP A OD1 1 
ATOM   603 O OD2 . ASP A 1 78 ? -0.13889  -10.57528 5.36822   1.000 25.52733 ? 77  ASP A OD2 1 
ATOM   604 N N   . GLY A 1 79 ? -5.08455  -10.96398 2.94889   1.000 19.24636 ? 78  GLY A N   1 
ATOM   605 C CA  . GLY A 1 79 ? -6.42798  -11.43728 2.70129   1.000 22.36894 ? 78  GLY A CA  1 
ATOM   606 C C   . GLY A 1 79 ? -7.44272  -11.09851 3.77505   1.000 20.97248 ? 78  GLY A C   1 
ATOM   607 O O   . GLY A 1 79 ? -8.64585  -11.20872 3.50914   1.000 24.62261 ? 78  GLY A O   1 
ATOM   608 N N   A ASN A 1 80 ? -7.00956  -10.65394 4.97317   0.567 22.73020 ? 79  ASN A N   1 
ATOM   609 N N   B ASN A 1 80 ? -7.00857  -10.71362 4.97143   0.433 22.79254 ? 79  ASN A N   1 
ATOM   610 C CA  A ASN A 1 80 ? -7.95375  -10.48085 6.07500   0.567 24.54280 ? 79  ASN A CA  1 
ATOM   611 C CA  B ASN A 1 80 ? -7.95107  -10.43443 6.05056   0.433 24.57026 ? 79  ASN A CA  1 
ATOM   612 C C   A ASN A 1 80 ? -7.68514  -9.25098  6.94436   0.567 24.44903 ? 79  ASN A C   1 
ATOM   613 C C   B ASN A 1 80 ? -7.39523  -9.36181  6.98320   0.433 23.25388 ? 79  ASN A C   1 
ATOM   614 O O   A ASN A 1 80 ? -8.09755  -9.23205  8.10874   0.567 23.66204 ? 79  ASN A O   1 
ATOM   615 O O   B ASN A 1 80 ? -7.29375  -9.55048  8.19591   0.433 26.59881 ? 79  ASN A O   1 
ATOM   616 C CB  A ASN A 1 80 ? -8.02243  -11.73817 6.96485   0.567 25.83526 ? 79  ASN A CB  1 
ATOM   617 C CB  B ASN A 1 80 ? -8.33600  -11.70763 6.80576   0.433 24.39488 ? 79  ASN A CB  1 
ATOM   618 C CG  A ASN A 1 80 ? -6.84115  -11.84962 7.92596   0.567 23.44667 ? 79  ASN A CG  1 
ATOM   619 C CG  B ASN A 1 80 ? -9.53090  -11.50182 7.72778   0.433 24.98082 ? 79  ASN A CG  1 
ATOM   620 O OD1 A ASN A 1 80 ? -5.76125  -11.32518 7.65975   0.567 26.36191 ? 79  ASN A OD1 1 
ATOM   621 O OD1 B ASN A 1 80 ? -10.36413 -10.63037 7.48956   0.433 29.42214 ? 79  ASN A OD1 1 
ATOM   622 N ND2 A ASN A 1 80 ? -7.04648  -12.53134 9.05215   0.567 23.59132 ? 79  ASN A ND2 1 
ATOM   623 N ND2 B ASN A 1 80 ? -9.61440  -12.30413 8.78507   0.433 29.64994 ? 79  ASN A ND2 1 
ATOM   624 N N   . GLY A 1 81 ? -7.02866  -8.22160  6.42164   1.000 23.51649 ? 80  GLY A N   1 
ATOM   625 C CA  . GLY A 1 81 ? -6.71256  -7.05157  7.21592   1.000 25.46128 ? 80  GLY A CA  1 
ATOM   626 C C   . GLY A 1 81 ? -5.25106  -6.64971  7.12145   1.000 24.53376 ? 80  GLY A C   1 
ATOM   627 O O   . GLY A 1 81 ? -4.37517  -7.46319  6.80130   1.000 25.22686 ? 80  GLY A O   1 
ATOM   628 N N   . TRP A 1 82 ? -4.98469  -5.38561  7.41526   1.000 22.81743 ? 81  TRP A N   1 
ATOM   629 C CA  . TRP A 1 82 ? -3.62918  -4.85778  7.41056   1.000 22.51296 ? 81  TRP A CA  1 
ATOM   630 C C   . TRP A 1 82 ? -2.99664  -5.01483  8.79047   1.000 26.44634 ? 81  TRP A C   1 
ATOM   631 O O   . TRP A 1 82 ? -3.58090  -4.60774  9.79991   1.000 27.30157 ? 81  TRP A O   1 
ATOM   632 C CB  . TRP A 1 82 ? -3.65105  -3.38496  7.01980   1.000 22.30819 ? 81  TRP A CB  1 
ATOM   633 C CG  . TRP A 1 82 ? -4.02712  -3.13872  5.59949   1.000 21.03414 ? 81  TRP A CG  1 
ATOM   634 C CD1 . TRP A 1 82 ? -5.25952  -2.83992  5.11677   1.000 23.97160 ? 81  TRP A CD1 1 
ATOM   635 C CD2 . TRP A 1 82 ? -3.14752  -3.17593  4.46494   1.000 22.24220 ? 81  TRP A CD2 1 
ATOM   636 N NE1 . TRP A 1 82 ? -5.20631  -2.67738  3.75275   1.000 22.91664 ? 81  TRP A NE1 1 
ATOM   637 C CE2 . TRP A 1 82 ? -3.91905  -2.87899  3.32956   1.000 21.66254 ? 81  TRP A CE2 1 
ATOM   638 C CE3 . TRP A 1 82 ? -1.78017  -3.41899  4.30833   1.000 23.24833 ? 81  TRP A CE3 1 
ATOM   639 C CZ2 . TRP A 1 82 ? -3.37521  -2.82710  2.04620   1.000 21.46424 ? 81  TRP A CZ2 1 
ATOM   640 C CZ3 . TRP A 1 82 ? -1.23216  -3.36220  3.03043   1.000 22.05157 ? 81  TRP A CZ3 1 
ATOM   641 C CH2 . TRP A 1 82 ? -2.03108  -3.06678  1.91843   1.000 21.51043 ? 81  TRP A CH2 1 
ATOM   642 N N   . THR A 1 83 ? -1.80378  -5.60135  8.82957   1.000 23.62779 ? 82  THR A N   1 
ATOM   643 C CA  . THR A 1 83 ? -1.04248  -5.78902  10.05935  1.000 28.62215 ? 82  THR A CA  1 
ATOM   644 C C   . THR A 1 83 ? 0.36882   -5.25616  9.86508   1.000 24.81672 ? 82  THR A C   1 
ATOM   645 O O   . THR A 1 83 ? 0.86915   -5.14441  8.74189   1.000 26.11977 ? 82  THR A O   1 
ATOM   646 C CB  . THR A 1 83 ? -0.94804  -7.26225  10.47171  1.000 25.38036 ? 82  THR A CB  1 
ATOM   647 O OG1 . THR A 1 83 ? -0.22811  -7.98746  9.46802   1.000 28.47530 ? 82  THR A OG1 1 
ATOM   648 C CG2 . THR A 1 83 ? -2.32517  -7.87546  10.63170  1.000 26.71999 ? 82  THR A CG2 1 
ATOM   649 N N   . LYS A 1 84 ? 1.01780   -4.92656  10.97620  1.000 25.61953 ? 83  LYS A N   1 
ATOM   650 C CA  . LYS A 1 84 ? 2.37429   -4.40286  10.91888  1.000 23.21806 ? 83  LYS A CA  1 
ATOM   651 C C   . LYS A 1 84 ? 3.35494   -5.55525  10.72912  1.000 25.01365 ? 83  LYS A C   1 
ATOM   652 O O   . LYS A 1 84 ? 3.25864   -6.58066  11.40850  1.000 26.76018 ? 83  LYS A O   1 
ATOM   653 C CB  . LYS A 1 84 ? 2.68360   -3.62890  12.20153  1.000 28.64212 ? 83  LYS A CB  1 
ATOM   654 C CG  . LYS A 1 84 ? 3.96526   -2.83170  12.14881  1.000 30.99661 ? 83  LYS A CG  1 
ATOM   655 C CD  . LYS A 1 84 ? 3.92906   -1.68117  13.15287  1.000 43.00237 ? 83  LYS A CD  1 
ATOM   656 C CE  . LYS A 1 84 ? 5.13344   -1.71789  14.08436  1.000 58.08790 ? 83  LYS A CE  1 
ATOM   657 N NZ  . LYS A 1 84 ? 6.40071   -2.03008  13.35990  1.000 54.11808 ? 83  LYS A NZ  1 
ATOM   658 N N   . GLY A 1 85 ? 4.28809   -5.39445  9.77287   1.000 23.78986 ? 84  GLY A N   1 
ATOM   659 C CA  . GLY A 1 85 ? 5.24111   -6.43995  9.45947   1.000 27.74537 ? 84  GLY A CA  1 
ATOM   660 C C   . GLY A 1 85 ? 6.56907   -6.31513  10.20156  1.000 25.65545 ? 84  GLY A C   1 
ATOM   661 O O   . GLY A 1 85 ? 6.84679   -5.33761  10.89790  1.000 26.93554 ? 84  GLY A O   1 
ATOM   662 N N   . ALA A 1 86 ? 7.40819   -7.33223  10.02003  1.000 23.95239 ? 85  ALA A N   1 
ATOM   663 C CA  . ALA A 1 86 ? 8.66721   -7.46679  10.74374  1.000 27.65809 ? 85  ALA A CA  1 
ATOM   664 C C   . ALA A 1 86 ? 9.79363   -6.59894  10.19233  1.000 29.89514 ? 85  ALA A C   1 
ATOM   665 O O   . ALA A 1 86 ? 10.88460  -6.59816  10.78035  1.000 28.50897 ? 85  ALA A O   1 
ATOM   666 C CB  . ALA A 1 86 ? 9.10092   -8.93283  10.75675  1.000 27.35065 ? 85  ALA A CB  1 
ATOM   667 N N   . TYR A 1 87 ? 9.56519   -5.86153  9.10240   1.000 24.58302 ? 86  TYR A N   1 
ATOM   668 C CA  . TYR A 1 87 ? 10.62749  -5.07751  8.48125   1.000 20.69750 ? 86  TYR A CA  1 
ATOM   669 C C   . TYR A 1 87 ? 11.25581  -4.09995  9.47274   1.000 26.69912 ? 86  TYR A C   1 
ATOM   670 O O   . TYR A 1 87 ? 10.54475  -3.39401  10.19617  1.000 26.19059 ? 86  TYR A O   1 
ATOM   671 C CB  . TYR A 1 87 ? 10.06866  -4.28513  7.29967   1.000 23.36583 ? 86  TYR A CB  1 
ATOM   672 C CG  . TYR A 1 87 ? 11.08198  -3.35201  6.67804   1.000 21.46059 ? 86  TYR A CG  1 
ATOM   673 C CD1 . TYR A 1 87 ? 11.91149  -3.78865  5.65651   1.000 22.69107 ? 86  TYR A CD1 1 
ATOM   674 C CD2 . TYR A 1 87 ? 11.23234  -2.03853  7.13149   1.000 27.63699 ? 86  TYR A CD2 1 
ATOM   675 C CE1 . TYR A 1 87 ? 12.84093  -2.96211  5.09386   1.000 22.94289 ? 86  TYR A CE1 1 
ATOM   676 C CE2 . TYR A 1 87 ? 12.16565  -1.20071  6.57723   1.000 23.32078 ? 86  TYR A CE2 1 
ATOM   677 C CZ  . TYR A 1 87 ? 12.97250  -1.66363  5.55124   1.000 23.72210 ? 86  TYR A CZ  1 
ATOM   678 O OH  . TYR A 1 87 ? 13.91696  -0.83876  4.97576   1.000 25.86133 ? 86  TYR A OH  1 
ATOM   679 N N   . THR A 1 88 ? 12.59335  -4.04608  9.47533   1.000 25.41115 ? 87  THR A N   1 
ATOM   680 C CA  . THR A 1 88 ? 13.37078  -2.98307  10.11789  1.000 25.41577 ? 87  THR A CA  1 
ATOM   681 C C   . THR A 1 88 ? 14.53100  -2.61358  9.19803   1.000 30.81538 ? 87  THR A C   1 
ATOM   682 O O   . THR A 1 88 ? 14.92313  -3.39841  8.33417   1.000 29.55780 ? 87  THR A O   1 
ATOM   683 C CB  . THR A 1 88 ? 13.95133  -3.41952  11.47414  1.000 27.99346 ? 87  THR A CB  1 
ATOM   684 O OG1 . THR A 1 88 ? 14.84102  -4.52563  11.27920  1.000 29.88101 ? 87  THR A OG1 1 
ATOM   685 C CG2 . THR A 1 88 ? 12.84297  -3.81572  12.44199  1.000 33.11195 ? 87  THR A CG2 1 
ATOM   686 N N   . ALA A 1 89 ? 15.10528  -1.42342  9.40351   1.000 31.99438 ? 88  ALA A N   1 
ATOM   687 C CA  . ALA A 1 89 ? 16.17398  -0.91025  8.54478   1.000 36.21637 ? 88  ALA A CA  1 
ATOM   688 C C   . ALA A 1 89 ? 17.55488  -1.42703  8.96915   1.000 41.54739 ? 88  ALA A C   1 
ATOM   689 O O   . ALA A 1 89 ? 17.74278  -1.91806  10.08497  1.000 51.74052 ? 88  ALA A O   1 
ATOM   690 C CB  . ALA A 1 89 ? 16.17376  0.61804   8.53875   1.000 40.26780 ? 88  ALA A CB  1 
ATOM   691 N N   . THR A 1 90 ? 18.52913  -1.30867  8.05266   0.000 35.69007 ? 89  THR A N   1 
ATOM   692 C CA  . THR A 1 90 ? 19.89417  -1.76982  8.31293   0.000 35.11544 ? 89  THR A CA  1 
ATOM   693 C C   . THR A 1 90 ? 20.44027  -1.12363  9.57536   0.000 36.70639 ? 89  THR A C   1 
ATOM   694 O O   . THR A 1 90 ? 20.67344  -1.79369  10.58675  0.000 37.18251 ? 89  THR A O   1 
ATOM   695 C CB  . THR A 1 90 ? 20.87022  -1.39955  7.18310   0.000 33.69941 ? 89  THR A CB  1 
ATOM   696 O OG1 . THR A 1 90 ? 21.27920  -0.03407  7.33051   0.000 35.12648 ? 89  THR A OG1 1 
ATOM   697 C CG2 . THR A 1 90 ? 20.26728  -1.57150  5.81468   0.000 31.28442 ? 89  THR A CG2 1 
ATOM   698 N N   . ASN A 1 91 ? 20.65277  0.18436   9.50542   0.000 36.85018 ? 90  ASN A N   1 
ATOM   699 C CA  . ASN A 1 91 ? 21.27459  0.94073   10.57554  0.000 37.07799 ? 90  ASN A CA  1 
ATOM   700 C C   . ASN A 1 91 ? 20.21196  1.42518   11.55237  0.000 37.43456 ? 90  ASN A C   1 
ATOM   701 O O   . ASN A 1 91 ? 19.02189  1.42451   11.23592  0.000 37.65129 ? 90  ASN A O   1 
ATOM   702 C CB  . ASN A 1 91 ? 22.02811  2.13095   9.98153   0.000 36.66927 ? 90  ASN A CB  1 
ATOM   703 C CG  . ASN A 1 91 ? 23.14182  2.62300   10.87716  0.000 36.80001 ? 90  ASN A CG  1 
ATOM   704 O OD1 . ASN A 1 91 ? 23.53035  1.95023   11.83122  0.000 36.86040 ? 90  ASN A OD1 1 
ATOM   705 N ND2 . ASN A 1 91 ? 23.67142  3.80062   10.56777  0.000 36.83376 ? 90  ASN A ND2 1 
HETATM 706 C C1  . BDF B 2 .  ? -10.72396 -3.94224  -1.15261  0.946 28.46401 ? 101 BDF A C1  1 
HETATM 707 C C2  . BDF B 2 .  ? -9.55024  -4.34447  -0.27778  0.946 24.50810 ? 101 BDF A C2  1 
HETATM 708 C C3  . BDF B 2 .  ? -8.91816  -3.11854  0.39589   0.946 26.23761 ? 101 BDF A C3  1 
HETATM 709 C C4  . BDF B 2 .  ? -7.63916  -3.52536  1.12090   0.946 22.52286 ? 101 BDF A C4  1 
HETATM 710 C C5  . BDF B 2 .  ? -6.68911  -4.21222  0.14931   0.946 22.23247 ? 101 BDF A C5  1 
HETATM 711 C C6  . BDF B 2 .  ? -7.39922  -5.38325  -0.50017  0.946 25.46880 ? 101 BDF A C6  1 
HETATM 712 O O1  . BDF B 2 .  ? -11.52824 -5.06345  -1.47877  0.946 36.32402 ? 101 BDF A O1  1 
HETATM 713 O O2  . BDF B 2 .  ? -9.94438  -5.24910  0.72027   0.946 27.91478 ? 101 BDF A O2  1 
HETATM 714 O O3  . BDF B 2 .  ? -9.84677  -2.51624  1.29347   0.946 28.64943 ? 101 BDF A O3  1 
HETATM 715 O O4  . BDF B 2 .  ? -7.02259  -2.39474  1.73056   0.946 23.03783 ? 101 BDF A O4  1 
HETATM 716 O O5  . BDF B 2 .  ? -6.28346  -3.31369  -0.88376  0.946 20.27817 ? 101 BDF A O5  1 
HETATM 717 O O6  . BDF B 2 .  ? -8.60085  -4.95055  -1.15266  0.946 24.44214 ? 101 BDF A O6  1 
HETATM 718 C C1  . BDF C 2 .  ? 4.05139   -11.17898 7.40054   1.000 29.44123 ? 102 BDF A C1  1 
HETATM 719 C C2  . BDF C 2 .  ? 5.51264   -11.22721 6.97935   1.000 26.00501 ? 102 BDF A C2  1 
HETATM 720 C C3  . BDF C 2 .  ? 6.24565   -9.93196  7.35749   1.000 23.40975 ? 102 BDF A C3  1 
HETATM 721 C C4  . BDF C 2 .  ? 7.64126   -9.90877  6.74309   1.000 22.96679 ? 102 BDF A C4  1 
HETATM 722 C C5  . BDF C 2 .  ? 7.54188   -10.09791 5.23602   1.000 21.61556 ? 102 BDF A C5  1 
HETATM 723 C C6  . BDF C 2 .  ? 6.80066   -11.39060 4.95283   1.000 23.81996 ? 102 BDF A C6  1 
HETATM 724 O O1  . BDF C 2 .  ? 3.93472   -10.91433 8.79297   1.000 40.48617 ? 102 BDF A O1  1 
HETATM 725 O O2  . BDF C 2 .  ? 6.18711   -12.29514 7.58965   1.000 25.69051 ? 102 BDF A O2  1 
HETATM 726 O O3  . BDF C 2 .  ? 6.32678   -9.81944  8.77645   1.000 25.57861 ? 102 BDF A O3  1 
HETATM 727 O O4  . BDF C 2 .  ? 8.31310   -8.69638  7.07403   1.000 23.22483 ? 102 BDF A O4  1 
HETATM 728 O O5  . BDF C 2 .  ? 6.81607   -9.02812  4.62723   1.000 19.60221 ? 102 BDF A O5  1 
HETATM 729 O O6  . BDF C 2 .  ? 5.49995   -11.38405 5.56117   1.000 24.72554 ? 102 BDF A O6  1 
HETATM 730 C C39 . 7AZ D 3 .  ? 1.57175   23.09993  -6.25488  1.000 28.84558 ? 103 7AZ A C39 1 
HETATM 731 C C40 . 7AZ D 3 .  ? 2.17160   24.45727  -6.54475  1.000 29.35597 ? 103 7AZ A C40 1 
HETATM 732 C C26 . 7AZ D 3 .  ? 5.62071   27.41427  1.75863   1.000 38.74626 ? 103 7AZ A C26 1 
HETATM 733 C C27 . 7AZ D 3 .  ? 3.54103   27.22802  0.54645   1.000 26.57220 ? 103 7AZ A C27 1 
HETATM 734 C C28 . 7AZ D 3 .  ? 2.69741   27.55378  -0.66635  1.000 24.47534 ? 103 7AZ A C28 1 
HETATM 735 C C29 . 7AZ D 3 .  ? 3.32964   28.08807  -1.93848  1.000 25.48370 ? 103 7AZ A C29 1 
HETATM 736 C C30 . 7AZ D 3 .  ? 4.38889   29.09594  -4.31538  1.000 28.77841 ? 103 7AZ A C30 1 
HETATM 737 C C31 . 7AZ D 3 .  ? 3.82964   27.22309  -2.92080  1.000 25.12235 ? 103 7AZ A C31 1 
HETATM 738 C C32 . 7AZ D 3 .  ? 3.36497   29.45929  -2.17508  1.000 23.93525 ? 103 7AZ A C32 1 
HETATM 739 C C33 . 7AZ D 3 .  ? 3.89643   29.98007  -3.35545  1.000 22.02603 ? 103 7AZ A C33 1 
HETATM 740 C C34 . 7AZ D 3 .  ? 4.35772   27.71880  -4.11984  1.000 26.27888 ? 103 7AZ A C34 1 
HETATM 741 C C35 . 7AZ D 3 .  ? 4.89111   26.78930  -5.19583  1.000 26.67055 ? 103 7AZ A C35 1 
HETATM 742 O O38 . 7AZ D 3 .  ? 0.83104   24.04581  2.99255   1.000 28.91980 ? 103 7AZ A O38 1 
HETATM 743 C C1  . 7AZ D 3 .  ? -2.10376  22.71838  -5.35231  1.000 41.56944 ? 103 7AZ A C1  1 
HETATM 744 C C2  . 7AZ D 3 .  ? 0.30497   23.22976  -4.07637  1.000 26.88339 ? 103 7AZ A C2  1 
HETATM 745 C C3  . 7AZ D 3 .  ? -2.06397  22.88695  -3.97074  1.000 34.68040 ? 103 7AZ A C3  1 
HETATM 746 C C4  . 7AZ D 3 .  ? -0.92451  22.80058  -6.08499  1.000 29.05931 ? 103 7AZ A C4  1 
HETATM 747 C C5  . 7AZ D 3 .  ? 0.28572   23.05995  -5.46014  1.000 25.11240 ? 103 7AZ A C5  1 
HETATM 748 C C6  . 7AZ D 3 .  ? -0.86258  23.13685  -3.32264  1.000 28.26426 ? 103 7AZ A C6  1 
HETATM 749 C C7  . 7AZ D 3 .  ? -0.81309  23.32245  -1.82345  1.000 30.51981 ? 103 7AZ A C7  1 
HETATM 750 C C8  . 7AZ D 3 .  ? -0.26625  22.12544  -1.06498  1.000 29.93628 ? 103 7AZ A C8  1 
HETATM 751 C C9  . 7AZ D 3 .  ? 0.73674   19.97171  0.40096   1.000 30.04210 ? 103 7AZ A C9  1 
HETATM 752 C C10 . 7AZ D 3 .  ? 0.06345   20.92974  -1.70005  1.000 34.02199 ? 103 7AZ A C10 1 
HETATM 753 C C11 . 7AZ D 3 .  ? -0.07842  22.22126  0.31276   1.000 28.82933 ? 103 7AZ A C11 1 
HETATM 754 C C12 . 7AZ D 3 .  ? 0.41865   21.15088  1.05573   1.000 30.09059 ? 103 7AZ A C12 1 
HETATM 755 C C13 . 7AZ D 3 .  ? 0.56698   19.84496  -0.97340  1.000 31.72328 ? 103 7AZ A C13 1 
HETATM 756 C C14 . 7AZ D 3 .  ? 0.58816   21.25937  2.55513   1.000 30.20853 ? 103 7AZ A C14 1 
HETATM 757 C C15 . 7AZ D 3 .  ? 1.87681   21.91268  3.00348   1.000 34.73344 ? 103 7AZ A C15 1 
HETATM 758 C C16 . 7AZ D 3 .  ? 4.24575   23.09667  3.86084   1.000 33.32335 ? 103 7AZ A C16 1 
HETATM 759 C C17 . 7AZ D 3 .  ? 3.00388   21.14010  3.22924   1.000 38.48403 ? 103 7AZ A C17 1 
HETATM 760 C C18 . 7AZ D 3 .  ? 1.94764   23.29259  3.21365   1.000 27.44934 ? 103 7AZ A C18 1 
HETATM 761 C C19 . 7AZ D 3 .  ? 3.13284   23.89650  3.64368   1.000 29.81338 ? 103 7AZ A C19 1 
HETATM 762 C C20 . 7AZ D 3 .  ? 4.19359   21.72031  3.65334   1.000 44.43184 ? 103 7AZ A C20 1 
HETATM 763 C C21 . 7AZ D 3 .  ? 3.20516   25.39105  3.88864   1.000 32.61489 ? 103 7AZ A C21 1 
HETATM 764 C C22 . 7AZ D 3 .  ? 3.77343   26.19758  2.73865   1.000 28.18514 ? 103 7AZ A C22 1 
HETATM 765 C C23 . 7AZ D 3 .  ? 4.84142   27.69561  0.64148   1.000 32.04063 ? 103 7AZ A C23 1 
HETATM 766 C C24 . 7AZ D 3 .  ? 3.00808   26.48654  1.60544   1.000 25.17897 ? 103 7AZ A C24 1 
HETATM 767 C C25 . 7AZ D 3 .  ? 5.07563   26.66978  2.80030   1.000 32.12868 ? 103 7AZ A C25 1 
HETATM 768 O O72 . 7AZ D 3 .  ? 0.76068   28.48301  -8.87985  1.000 61.36986 ? 103 7AZ A O72 1 
HETATM 769 P P51 . 7AZ D 3 .  ? 1.59175   27.32054  -9.37449  1.000 28.96437 ? 103 7AZ A P51 1 
HETATM 770 O O52 . 7AZ D 3 .  ? 2.76052   27.73549  -10.24042 1.000 62.12407 ? 103 7AZ A O52 1 
HETATM 771 O O63 . 7AZ D 3 .  ? 0.68009   26.38566  -10.13648 1.000 73.68859 ? 103 7AZ A O63 1 
HETATM 772 C C44 . 7AZ D 3 .  ? 2.25027   26.42058  -7.94285  1.000 27.80416 ? 103 7AZ A C44 1 
HETATM 773 C C43 . 7AZ D 3 .  ? 1.71445   25.17919  -7.63197  1.000 26.08474 ? 103 7AZ A C43 1 
HETATM 774 P P49 . 7AZ D 3 .  ? -3.66128  22.38027  -6.19177  1.000 54.08217 ? 103 7AZ A P49 1 
HETATM 775 O O62 . 7AZ D 3 .  ? -4.79318  22.82901  -5.30278  1.000 54.30483 ? 103 7AZ A O62 1 
HETATM 776 O O61 . 7AZ D 3 .  ? -3.64356  23.12828  -7.50032  1.000 55.87916 ? 103 7AZ A O61 1 
HETATM 777 O O50 . 7AZ D 3 .  ? -3.73357  20.89532  -6.41731  1.000 37.25764 ? 103 7AZ A O50 1 
HETATM 778 C C41 . 7AZ D 3 .  ? 3.28511   26.93191  -7.15554  1.000 32.31109 ? 103 7AZ A C41 1 
HETATM 779 C C45 . 7AZ D 3 .  ? 3.77114   26.22802  -6.05683  1.000 28.75901 ? 103 7AZ A C45 1 
HETATM 780 C C42 . 7AZ D 3 .  ? 3.20292   24.98422  -5.76102  1.000 27.97140 ? 103 7AZ A C42 1 
HETATM 781 O O48 . 7AZ D 3 .  ? 3.65926   24.26905  -4.69062  1.000 27.65269 ? 103 7AZ A O48 1 
HETATM 782 O O47 . 7AZ D 3 .  ? 3.78645   25.87266  -2.69946  1.000 28.06915 ? 103 7AZ A O47 1 
HETATM 783 P P53 . 7AZ D 3 .  ? 3.94839   31.77260  -3.63671  1.000 15.98382 ? 103 7AZ A P53 1 
HETATM 784 O O65 . 7AZ D 3 .  ? 3.74954   32.44909  -2.31419  1.000 57.23600 ? 103 7AZ A O65 1 
HETATM 785 O O64 . 7AZ D 3 .  ? 2.87391   32.13219  -4.60908  1.000 55.79166 ? 103 7AZ A O64 1 
HETATM 786 O O54 . 7AZ D 3 .  ? 5.30969   32.08586  -4.17548  1.000 49.61170 ? 103 7AZ A O54 1 
HETATM 787 O O46 . 7AZ D 3 .  ? 1.71712   26.04746  1.52241   1.000 26.26771 ? 103 7AZ A O46 1 
HETATM 788 P P55 . 7AZ D 3 .  ? 7.31636   28.01965  1.86103   1.000 43.90211 ? 103 7AZ A P55 1 
HETATM 789 O O69 . 7AZ D 3 .  ? 8.22245   26.83706  1.63171   1.000 55.35151 ? 103 7AZ A O69 1 
HETATM 790 O O68 . 7AZ D 3 .  ? 7.51486   28.62674  3.22917   1.000 49.05464 ? 103 7AZ A O68 1 
HETATM 791 O O56 . 7AZ D 3 .  ? 7.52847   29.04406  0.77073   1.000 52.85732 ? 103 7AZ A O56 1 
HETATM 792 P P57 . 7AZ D 3 .  ? 5.64622   20.68619  3.93733   1.000 63.79277 ? 103 7AZ A P57 1 
HETATM 793 O O67 . 7AZ D 3 .  ? 6.78597   21.22055  3.10367   1.000 56.15154 ? 103 7AZ A O67 1 
HETATM 794 O O66 . 7AZ D 3 .  ? 5.93066   20.72075  5.41538   1.000 55.83082 ? 103 7AZ A O66 1 
HETATM 795 O O58 . 7AZ D 3 .  ? 5.31272   19.28020  3.49873   1.000 69.26041 ? 103 7AZ A O58 1 
HETATM 796 P P59 . 7AZ D 3 .  ? 0.99358   18.27277  -1.77867  1.000 22.74774 ? 103 7AZ A P59 1 
HETATM 797 O O71 . 7AZ D 3 .  ? 2.45076   18.35035  -2.09945  1.000 43.78888 ? 103 7AZ A O71 1 
HETATM 798 O O70 . 7AZ D 3 .  ? 0.74055   17.18281  -0.76798  1.000 59.25802 ? 103 7AZ A O70 1 
HETATM 799 O O60 . 7AZ D 3 .  ? 0.11374   18.14961  -2.97267  1.000 38.42686 ? 103 7AZ A O60 1 
HETATM 800 O O37 . 7AZ D 3 .  ? -0.40414  23.40047  0.91852   1.000 28.25519 ? 103 7AZ A O37 1 
HETATM 801 O O36 . 7AZ D 3 .  ? 1.48585   23.47859  -3.44314  1.000 28.66466 ? 103 7AZ A O36 1 
HETATM 802 O O   . HOH E 4 .  ? 4.89090   27.20611  -10.28393 1.000 43.42078 ? 201 HOH A O   1 
HETATM 803 O O   . HOH E 4 .  ? 13.83056  4.94412   12.91846  1.000 48.00031 ? 202 HOH A O   1 
HETATM 804 O O   . HOH E 4 .  ? -9.26433  1.21247   7.54408   1.000 44.88596 ? 203 HOH A O   1 
HETATM 805 O O   . HOH E 4 .  ? -5.91447  7.97195   -1.51616  1.000 37.56934 ? 204 HOH A O   1 
HETATM 806 O O   . HOH E 4 .  ? 8.58884   26.72890  -0.80650  1.000 45.96375 ? 205 HOH A O   1 
HETATM 807 O O   . HOH E 4 .  ? 13.37120  -6.69286  10.84773  1.000 33.94790 ? 206 HOH A O   1 
HETATM 808 O O   . HOH E 4 .  ? -3.74739  -10.41422 8.80834   1.000 32.31263 ? 207 HOH A O   1 
HETATM 809 O O   . HOH E 4 .  ? -4.40145  -10.07770 5.98301   1.000 20.97199 ? 208 HOH A O   1 
HETATM 810 O O   . HOH E 4 .  ? 3.30522   20.01612  -8.15314  1.000 46.55284 ? 209 HOH A O   1 
HETATM 811 O O   . HOH E 4 .  ? -10.73290 -8.62256  5.99934   1.000 41.75427 ? 210 HOH A O   1 
HETATM 812 O O   . HOH E 4 .  ? 1.79327   -9.50665  9.74995   1.000 35.78006 ? 211 HOH A O   1 
HETATM 813 O O   . HOH E 4 .  ? -7.72601  4.49217   2.37943   1.000 27.71867 ? 212 HOH A O   1 
HETATM 814 O O   . HOH E 4 .  ? 7.69464   24.35500  2.12983   1.000 42.07868 ? 213 HOH A O   1 
HETATM 815 O O   . HOH E 4 .  ? 8.45949   4.60788   2.34231   1.000 25.91157 ? 214 HOH A O   1 
HETATM 816 O O   . HOH E 4 .  ? 10.45863  -0.62644  11.02356  1.000 36.56222 ? 215 HOH A O   1 
HETATM 817 O O   . HOH E 4 .  ? 5.21012   -14.70567 7.49954   1.000 42.07000 ? 216 HOH A O   1 
HETATM 818 O O   . HOH E 4 .  ? 4.55104   34.65237  -1.18078  1.000 25.90975 ? 217 HOH A O   1 
HETATM 819 O O   . HOH E 4 .  ? 7.03636   4.64476   9.94583   1.000 33.61345 ? 218 HOH A O   1 
HETATM 820 O O   . HOH E 4 .  ? 17.72089  -3.65654  12.05305  1.000 47.28400 ? 219 HOH A O   1 
HETATM 821 O O   . HOH E 4 .  ? -13.74197 -1.60941  -9.08852  1.000 21.30761 ? 220 HOH A O   1 
HETATM 822 O O   . HOH E 4 .  ? -3.75628  10.30440  -5.45508  1.000 31.73404 ? 221 HOH A O   1 
HETATM 823 O O   . HOH E 4 .  ? -9.78170  -11.76889 -17.18158 1.000 20.04930 ? 222 HOH A O   1 
HETATM 824 O O   . HOH E 4 .  ? 3.94868   -3.72656  -7.82709  1.000 34.86012 ? 223 HOH A O   1 
HETATM 825 O O   . HOH E 4 .  ? -4.49446  6.91812   -3.76539  1.000 22.78057 ? 224 HOH A O   1 
HETATM 826 O O   . HOH E 4 .  ? 5.83529   -9.53411  -7.28778  1.000 21.10919 ? 225 HOH A O   1 
HETATM 827 O O   . HOH E 4 .  ? -10.79986 -6.70510  -17.74625 1.000 29.08183 ? 226 HOH A O   1 
HETATM 828 O O   . HOH E 4 .  ? 1.36769   -19.28160 -7.19395  1.000 29.42906 ? 227 HOH A O   1 
HETATM 829 O O   . HOH E 4 .  ? 2.97053   3.87447   9.09821   1.000 30.83769 ? 228 HOH A O   1 
HETATM 830 O O   . HOH E 4 .  ? 6.27797   25.27032  -1.78226  1.000 44.00354 ? 229 HOH A O   1 
HETATM 831 O O   . HOH E 4 .  ? 7.69792   -2.86382  10.13869  1.000 28.49668 ? 230 HOH A O   1 
HETATM 832 O O   . HOH E 4 .  ? -9.00697  -8.96329  -9.56004  1.000 27.18024 ? 231 HOH A O   1 
HETATM 833 O O   . HOH E 4 .  ? -1.65910  -9.92332  -15.44945 1.000 19.78648 ? 232 HOH A O   1 
HETATM 834 O O   . HOH E 4 .  ? -1.29391  -17.41257 0.06234   1.000 29.06105 ? 233 HOH A O   1 
HETATM 835 O O   . HOH E 4 .  ? -14.54410 -4.59941  -5.83327  1.000 40.17295 ? 234 HOH A O   1 
HETATM 836 O O   . HOH E 4 .  ? -9.72534  -11.70006 1.03489   1.000 30.19986 ? 235 HOH A O   1 
HETATM 837 O O   . HOH E 4 .  ? 5.34091   6.15506   8.51866   1.000 39.90302 ? 236 HOH A O   1 
HETATM 838 O O   . HOH E 4 .  ? -13.25487 -3.82798  -16.18701 1.000 38.05017 ? 237 HOH A O   1 
HETATM 839 O O   . HOH E 4 .  ? -13.79677 -7.88273  -10.64677 1.000 29.24023 ? 238 HOH A O   1 
HETATM 840 O O   . HOH E 4 .  ? 1.33167   -8.05499  -8.28082  1.000 18.44167 ? 239 HOH A O   1 
HETATM 841 O O   . HOH E 4 .  ? -5.58741  -6.17833  10.91072  1.000 49.00786 ? 240 HOH A O   1 
HETATM 842 O O   . HOH E 4 .  ? -4.77850  0.51883   7.72323   1.000 32.54978 ? 241 HOH A O   1 
HETATM 843 O O   . HOH E 4 .  ? -10.20746 -3.12844  -15.79453 1.000 24.30241 ? 242 HOH A O   1 
HETATM 844 O O   . HOH E 4 .  ? -5.64223  -8.68412  10.28000  1.000 35.15974 ? 243 HOH A O   1 
HETATM 845 O O   . HOH E 4 .  ? -1.62352  -9.16680  7.34985   1.000 26.90678 ? 244 HOH A O   1 
HETATM 846 O O   . HOH E 4 .  ? -14.93231 2.67797   0.33083   1.000 42.50419 ? 245 HOH A O   1 
HETATM 847 O O   . HOH E 4 .  ? -11.13471 -7.73178  0.19727   1.000 45.91473 ? 246 HOH A O   1 
HETATM 848 O O   . HOH E 4 .  ? -6.88256  -12.70571 -4.04299  1.000 31.63872 ? 247 HOH A O   1 
HETATM 849 O O   . HOH E 4 .  ? -3.60643  10.50645  1.58760   1.000 37.37899 ? 248 HOH A O   1 
HETATM 850 O O   . HOH E 4 .  ? -11.04353 -4.09404  3.29963   1.000 35.88665 ? 249 HOH A O   1 
HETATM 851 O O   . HOH E 4 .  ? -15.07254 4.94288   -1.77193  1.000 35.23147 ? 250 HOH A O   1 
HETATM 852 O O   . HOH E 4 .  ? -8.65099  -8.82085  -19.37771 1.000 28.90111 ? 251 HOH A O   1 
HETATM 853 O O   . HOH E 4 .  ? -5.59082  -12.33438 -0.54669  1.000 26.63086 ? 252 HOH A O   1 
HETATM 854 O O   . HOH E 4 .  ? -7.26760  -9.21728  -11.68131 1.000 19.22545 ? 253 HOH A O   1 
HETATM 855 O O   . HOH E 4 .  ? -0.65825  -17.17464 -9.54764  1.000 34.31337 ? 254 HOH A O   1 
HETATM 856 O O   . HOH E 4 .  ? 10.75640  -6.93386  13.61639  1.000 43.18041 ? 255 HOH A O   1 
HETATM 857 O O   . HOH E 4 .  ? 8.60870   6.23917   -2.61852  1.000 34.89498 ? 256 HOH A O   1 
HETATM 858 O O   . HOH E 4 .  ? -6.59922  -13.83417 -8.13918  1.000 35.03935 ? 257 HOH A O   1 
HETATM 859 O O   . HOH E 4 .  ? -7.39518  -10.16990 -0.60903  1.000 24.32528 ? 258 HOH A O   1 
HETATM 860 O O   . HOH E 4 .  ? -3.49599  -15.62348 2.32230   1.000 28.87279 ? 259 HOH A O   1 
HETATM 861 O O   . HOH E 4 .  ? -0.57365  -10.70900 -11.51052 1.000 16.44453 ? 260 HOH A O   1 
HETATM 862 O O   . HOH E 4 .  ? 6.09684   18.10049  -2.25627  1.000 46.90125 ? 261 HOH A O   1 
HETATM 863 O O   . HOH E 4 .  ? 2.65013   -12.57129 -8.44788  1.000 17.71217 ? 262 HOH A O   1 
HETATM 864 O O   . HOH E 4 .  ? 6.38399   5.16729   -6.50424  1.000 38.11361 ? 263 HOH A O   1 
HETATM 865 O O   . HOH E 4 .  ? 7.67660   -11.94826 10.22601  1.000 35.76731 ? 264 HOH A O   1 
HETATM 866 O O   . HOH E 4 .  ? -3.85535  -0.55559  11.81982  1.000 46.52578 ? 265 HOH A O   1 
HETATM 867 O O   . HOH E 4 .  ? 4.78430   1.73263   -7.41375  1.000 22.01440 ? 266 HOH A O   1 
HETATM 868 O O   . HOH E 4 .  ? 13.31845  2.25566   9.59649   1.000 43.81292 ? 267 HOH A O   1 
HETATM 869 O O   . HOH E 4 .  ? 3.96586   -15.68347 0.36635   1.000 23.75423 ? 268 HOH A O   1 
HETATM 870 O O   . HOH E 4 .  ? -0.61014  -4.79363  13.40670  1.000 32.84003 ? 269 HOH A O   1 
HETATM 871 O O   . HOH E 4 .  ? 7.87974   11.17947  -0.15038  1.000 39.70992 ? 270 HOH A O   1 
HETATM 872 O O   . HOH E 4 .  ? 0.11653   23.50310  -10.52430 1.000 43.57876 ? 271 HOH A O   1 
HETATM 873 O O   . HOH E 4 .  ? 5.01432   -5.71076  -7.18074  1.000 40.50350 ? 272 HOH A O   1 
HETATM 874 O O   . HOH E 4 .  ? -15.35583 -7.53400  -6.44813  1.000 48.23415 ? 273 HOH A O   1 
HETATM 875 O O   . HOH E 4 .  ? -7.38981  -3.65725  7.87549   1.000 32.52252 ? 274 HOH A O   1 
HETATM 876 O O   . HOH E 4 .  ? -7.94149  -10.50513 -5.69592  1.000 32.14059 ? 275 HOH A O   1 
HETATM 877 O O   . HOH E 4 .  ? -14.39368 5.42179   -11.11198 1.000 32.36650 ? 276 HOH A O   1 
HETATM 878 O O   . HOH E 4 .  ? -15.29463 7.14874   -4.32729  1.000 48.09807 ? 277 HOH A O   1 
HETATM 879 O O   . HOH E 4 .  ? -10.69946 -10.97269 11.29487  1.000 43.43402 ? 278 HOH A O   1 
HETATM 880 O O   . HOH E 4 .  ? 15.07006  3.72996   7.13726   1.000 42.48198 ? 279 HOH A O   1 
HETATM 881 O O   . HOH E 4 .  ? 6.28186   1.54448   -5.11790  1.000 23.34102 ? 280 HOH A O   1 
HETATM 882 O O   . HOH E 4 .  ? -15.48498 -2.61307  -7.07077  1.000 32.90854 ? 281 HOH A O   1 
HETATM 883 O O   . HOH E 4 .  ? 5.42812   -1.60961  -7.50284  1.000 42.20499 ? 282 HOH A O   1 
HETATM 884 O O   . HOH E 4 .  ? -15.48797 -0.04151  -15.71978 1.000 43.44230 ? 283 HOH A O   1 
HETATM 885 O O   . HOH E 4 .  ? -10.79030 -7.08476  -3.76823  1.000 42.88897 ? 284 HOH A O   1 
HETATM 886 O O   . HOH E 4 .  ? -6.90408  -0.93641  8.01814   1.000 46.49527 ? 285 HOH A O   1 
HETATM 887 O O   . HOH E 4 .  ? -8.91611  6.46704   3.97282   1.000 37.31013 ? 286 HOH A O   1 
HETATM 888 O O   . HOH E 4 .  ? 2.64115   -4.58388  -9.75467  1.000 31.56102 ? 287 HOH A O   1 
HETATM 889 O O   . HOH E 4 .  ? 6.61931   32.79633  -0.89624  1.000 26.07891 ? 288 HOH A O   1 
HETATM 890 O O   . HOH E 4 .  ? 13.05461  0.12961   11.36302  1.000 36.06334 ? 289 HOH A O   1 
HETATM 891 O O   . HOH E 4 .  ? 4.78339   18.61233  0.24644   1.000 46.49884 ? 290 HOH A O   1 
HETATM 892 O O   . HOH E 4 .  ? 7.90901   30.87358  -2.48563  1.000 35.12629 ? 291 HOH A O   1 
HETATM 893 O O   . HOH E 4 .  ? 8.85424   7.72346   -5.08380  0.420 37.48481 ? 292 HOH A O   1 
HETATM 894 O O   . HOH E 4 .  ? 3.67939   -7.35629  -9.20164  1.000 38.39290 ? 293 HOH A O   1 
HETATM 895 O O   . HOH E 4 .  ? -4.95178  -20.04217 -8.92845  0.581 28.45100 ? 294 HOH A O   1 
HETATM 896 O O   . HOH E 4 .  ? -7.89055  -11.45095 -7.94016  1.000 44.60473 ? 295 HOH A O   1 
HETATM 897 O O   . HOH E 4 .  ? -4.70458  -15.51779 -10.09398 1.000 36.32404 ? 296 HOH A O   1 
HETATM 898 O O   . HOH E 4 .  ? -8.63515  -11.67286 -19.60119 1.000 32.15438 ? 297 HOH A O   1 
HETATM 899 O O   . HOH E 4 .  ? -10.58196 -6.36252  7.26925   1.000 45.03918 ? 298 HOH A O   1 
HETATM 900 O O   . HOH E 4 .  ? -8.78538  -8.63507  -2.60369  1.000 44.06097 ? 299 HOH A O   1 
HETATM 901 O O   . HOH E 4 .  ? 4.46993   -16.42768 -8.77467  1.000 36.92681 ? 300 HOH A O   1 
HETATM 902 O O   . HOH E 4 .  ? -0.78039  -22.70253 -4.96611  1.000 42.33022 ? 301 HOH A O   1 
HETATM 903 O O   . HOH E 4 .  ? 3.02899   -14.87295 4.15689   1.000 48.91052 ? 302 HOH A O   1 
HETATM 904 O O   . HOH E 4 .  ? -2.84541  -20.70556 -9.35910  1.000 45.26690 ? 303 HOH A O   1 
HETATM 905 O O   . HOH E 4 .  ? 6.54084   5.94173   12.50761  1.000 40.57060 ? 304 HOH A O   1 
HETATM 906 O O   . HOH E 4 .  ? -1.09384  -13.28345 -12.57438 1.000 25.03124 ? 305 HOH A O   1 
HETATM 907 O O   . HOH E 4 .  ? 2.95670   4.07597   12.07443  1.000 37.01654 ? 306 HOH A O   1 
HETATM 908 O O   . HOH E 4 .  ? 9.04016   33.03223  0.22841   1.000 33.26888 ? 307 HOH A O   1 
HETATM 909 O O   . HOH E 4 .  ? 0.52827   -8.94887  -13.27961 1.000 25.92371 ? 308 HOH A O   1 
HETATM 910 O O   . HOH E 4 .  ? 1.25117   -10.54242 -9.51645  1.000 21.74603 ? 309 HOH A O   1 
HETATM 911 O O   . HOH E 4 .  ? -11.74612 -9.08149  -9.18158  1.000 29.31729 ? 310 HOH A O   1 
HETATM 912 O O   . HOH E 4 .  ? -3.81364  -14.14565 -12.17229 0.619 28.75375 ? 311 HOH A O   1 
HETATM 913 O O   . HOH E 4 .  ? 7.10793   4.05089   14.55067  1.000 44.15681 ? 312 HOH A O   1 
HETATM 914 O O   . HOH E 4 .  ? 6.16928   27.59074  -13.06472 1.000 43.99095 ? 313 HOH A O   1 
HETATM 915 O O   . HOH E 4 .  ? 3.31564   -18.40023 -8.94427  1.000 43.45708 ? 314 HOH A O   1 
HETATM 916 O O   . HOH E 4 .  ? -9.65140  -4.47616  6.19717   1.000 40.67398 ? 315 HOH A O   1 
HETATM 917 O O   . HOH E 4 .  ? 2.45231   -14.66854 -10.35023 1.000 30.87627 ? 316 HOH A O   1 
HETATM 918 O O   . HOH E 4 .  ? 0.13011   -15.52411 -11.31456 1.000 33.20794 ? 317 HOH A O   1 
HETATM 919 O O   . HOH E 4 .  ? 3.32024   -10.00483 -11.76564 1.000 46.67165 ? 318 HOH A O   1 
HETATM 920 O O   . HOH E 4 .  ? -0.47597  -22.13652 -0.26714  1.000 41.75469 ? 319 HOH A O   1 
HETATM 921 O O   . HOH E 4 .  ? 4.03628   -12.69263 -13.16567 0.673 60.70163 ? 320 HOH A O   1 
# 
